data_7K3L
# 
_entry.id   7K3L 
# 
_audit_conform.dict_name       mmcif_pdbx.dic 
_audit_conform.dict_version    5.380 
_audit_conform.dict_location   http://mmcif.pdb.org/dictionaries/ascii/mmcif_pdbx.dic 
# 
loop_
_database_2.database_id 
_database_2.database_code 
_database_2.pdbx_database_accession 
_database_2.pdbx_DOI 
PDB   7K3L         pdb_00007k3l 10.2210/pdb7k3l/pdb 
WWPDB D_1000251824 ?            ?                   
# 
_pdbx_database_status.status_code                     REL 
_pdbx_database_status.status_code_sf                  REL 
_pdbx_database_status.status_code_mr                  ? 
_pdbx_database_status.entry_id                        7K3L 
_pdbx_database_status.recvd_initial_deposition_date   2020-09-11 
_pdbx_database_status.SG_entry                        N 
_pdbx_database_status.deposit_site                    RCSB 
_pdbx_database_status.process_site                    RCSB 
_pdbx_database_status.status_code_cs                  ? 
_pdbx_database_status.status_code_nmr_data            ? 
_pdbx_database_status.methods_development_category    ? 
_pdbx_database_status.pdb_format_compatible           Y 
# 
loop_
_audit_author.name 
_audit_author.pdbx_ordinal 
_audit_author.identifier_ORCID 
'Wang, J.'    1 0000-0003-1696-1052 
'Patel, D.J.' 2 0000-0002-9779-7778 
# 
_citation.abstract                  ? 
_citation.abstract_id_CAS           ? 
_citation.book_id_ISBN              ? 
_citation.book_publisher            ? 
_citation.book_publisher_city       ? 
_citation.book_title                ? 
_citation.coordinate_linkage        ? 
_citation.country                   US 
_citation.database_id_Medline       ? 
_citation.details                   ? 
_citation.id                        primary 
_citation.journal_abbrev            'Genes Dev.' 
_citation.journal_id_ASTM           GEDEEP 
_citation.journal_id_CSD            2056 
_citation.journal_id_ISSN           0890-9369 
_citation.journal_full              ? 
_citation.journal_issue             ? 
_citation.journal_volume            35 
_citation.language                  ? 
_citation.page_first                392 
_citation.page_last                 409 
_citation.title                     
'Molecular principles of Piwi-mediated cotranscriptional silencing through the dimeric SFiNX complex.' 
_citation.year                      2021 
_citation.database_id_CSD           ? 
_citation.pdbx_database_id_DOI      10.1101/gad.347989.120 
_citation.pdbx_database_id_PubMed   33574069 
_citation.unpublished_flag          ? 
# 
loop_
_citation_author.citation_id 
_citation_author.name 
_citation_author.ordinal 
_citation_author.identifier_ORCID 
primary 'Schnabl, J.'     1  ?                   
primary 'Wang, J.'        2  ?                   
primary 'Hohmann, U.'     3  ?                   
primary 'Gehre, M.'       4  ?                   
primary 'Batki, J.'       5  ?                   
primary 'Andreev, V.I.'   6  ?                   
primary 'Purkhauser, K.'  7  ?                   
primary 'Fasching, N.'    8  ?                   
primary 'Duchek, P.'      9  ?                   
primary 'Novatchkova, M.' 10 ?                   
primary 'Mechtler, K.'    11 0000-0002-3392-9946 
primary 'Plaschka, C.'    12 ?                   
primary 'Patel, D.J.'     13 ?                   
primary 'Brennecke, J.'   14 0000-0002-5141-0814 
# 
_cell.angle_alpha                  90.000 
_cell.angle_alpha_esd              ? 
_cell.angle_beta                   90.000 
_cell.angle_beta_esd               ? 
_cell.angle_gamma                  90.000 
_cell.angle_gamma_esd              ? 
_cell.entry_id                     7K3L 
_cell.details                      ? 
_cell.formula_units_Z              ? 
_cell.length_a                     62.900 
_cell.length_a_esd                 ? 
_cell.length_b                     62.900 
_cell.length_b_esd                 ? 
_cell.length_c                     120.400 
_cell.length_c_esd                 ? 
_cell.volume                       476345.705 
_cell.volume_esd                   ? 
_cell.Z_PDB                        16 
_cell.reciprocal_angle_alpha       ? 
_cell.reciprocal_angle_beta        ? 
_cell.reciprocal_angle_gamma       ? 
_cell.reciprocal_angle_alpha_esd   ? 
_cell.reciprocal_angle_beta_esd    ? 
_cell.reciprocal_angle_gamma_esd   ? 
_cell.reciprocal_length_a          ? 
_cell.reciprocal_length_b          ? 
_cell.reciprocal_length_c          ? 
_cell.reciprocal_length_a_esd      ? 
_cell.reciprocal_length_b_esd      ? 
_cell.reciprocal_length_c_esd      ? 
_cell.pdbx_unique_axis             ? 
# 
_symmetry.entry_id                         7K3L 
_symmetry.cell_setting                     ? 
_symmetry.Int_Tables_number                98 
_symmetry.space_group_name_Hall            'I 4bw 2bw' 
_symmetry.space_group_name_H-M             'I 41 2 2' 
_symmetry.pdbx_full_space_group_name_H-M   ? 
# 
loop_
_entity.id 
_entity.type 
_entity.src_method 
_entity.pdbx_description 
_entity.formula_weight 
_entity.pdbx_number_of_molecules 
_entity.pdbx_ec 
_entity.pdbx_mutation 
_entity.pdbx_fragment 
_entity.details 
1 polymer     man 'Dynein light chain 1, cytoplasmic' 10388.849 1  ? ? ?                  ? 
2 polymer     man 'Protein panoramix'                 1506.618  1  ? ? 'residues 468-480' ? 
3 non-polymer syn 1,2-ETHANEDIOL                      62.068    3  ? ? ?                  ? 
4 water       nat water                               18.015    72 ? ? ?                  ? 
# 
loop_
_entity_name_com.entity_id 
_entity_name_com.name 
1 '8 kDa dynein light chain,Cut up protein' 
2 'Protein silencio'                        
# 
loop_
_entity_poly.entity_id 
_entity_poly.type 
_entity_poly.nstd_linkage 
_entity_poly.nstd_monomer 
_entity_poly.pdbx_seq_one_letter_code 
_entity_poly.pdbx_seq_one_letter_code_can 
_entity_poly.pdbx_strand_id 
_entity_poly.pdbx_target_identifier 
1 'polypeptide(L)' no no 
;MSDRKAVIKNADMSEEMQQDAVDCATQALEKYNIEKDIAAYIKKEFDKKYNPTWHCIVGRNFGSYVTHETRHFIYFYLGQ
VAILLFKSG
;
;MSDRKAVIKNADMSEEMQQDAVDCATQALEKYNIEKDIAAYIKKEFDKKYNPTWHCIVGRNFGSYVTHETRHFIYFYLGQ
VAILLFKSG
;
A ? 
2 'polypeptide(L)' no no STATRDAGTQVRLE                                                                               
STATRDAGTQVRLE                                                                               B ? 
# 
loop_
_entity_poly_seq.entity_id 
_entity_poly_seq.num 
_entity_poly_seq.mon_id 
_entity_poly_seq.hetero 
1 1  MET n 
1 2  SER n 
1 3  ASP n 
1 4  ARG n 
1 5  LYS n 
1 6  ALA n 
1 7  VAL n 
1 8  ILE n 
1 9  LYS n 
1 10 ASN n 
1 11 ALA n 
1 12 ASP n 
1 13 MET n 
1 14 SER n 
1 15 GLU n 
1 16 GLU n 
1 17 MET n 
1 18 GLN n 
1 19 GLN n 
1 20 ASP n 
1 21 ALA n 
1 22 VAL n 
1 23 ASP n 
1 24 CYS n 
1 25 ALA n 
1 26 THR n 
1 27 GLN n 
1 28 ALA n 
1 29 LEU n 
1 30 GLU n 
1 31 LYS n 
1 32 TYR n 
1 33 ASN n 
1 34 ILE n 
1 35 GLU n 
1 36 LYS n 
1 37 ASP n 
1 38 ILE n 
1 39 ALA n 
1 40 ALA n 
1 41 TYR n 
1 42 ILE n 
1 43 LYS n 
1 44 LYS n 
1 45 GLU n 
1 46 PHE n 
1 47 ASP n 
1 48 LYS n 
1 49 LYS n 
1 50 TYR n 
1 51 ASN n 
1 52 PRO n 
1 53 THR n 
1 54 TRP n 
1 55 HIS n 
1 56 CYS n 
1 57 ILE n 
1 58 VAL n 
1 59 GLY n 
1 60 ARG n 
1 61 ASN n 
1 62 PHE n 
1 63 GLY n 
1 64 SER n 
1 65 TYR n 
1 66 VAL n 
1 67 THR n 
1 68 HIS n 
1 69 GLU n 
1 70 THR n 
1 71 ARG n 
1 72 HIS n 
1 73 PHE n 
1 74 ILE n 
1 75 TYR n 
1 76 PHE n 
1 77 TYR n 
1 78 LEU n 
1 79 GLY n 
1 80 GLN n 
1 81 VAL n 
1 82 ALA n 
1 83 ILE n 
1 84 LEU n 
1 85 LEU n 
1 86 PHE n 
1 87 LYS n 
1 88 SER n 
1 89 GLY n 
2 1  SER n 
2 2  THR n 
2 3  ALA n 
2 4  THR n 
2 5  ARG n 
2 6  ASP n 
2 7  ALA n 
2 8  GLY n 
2 9  THR n 
2 10 GLN n 
2 11 VAL n 
2 12 ARG n 
2 13 LEU n 
2 14 GLU n 
# 
loop_
_entity_src_gen.entity_id 
_entity_src_gen.pdbx_src_id 
_entity_src_gen.pdbx_alt_source_flag 
_entity_src_gen.pdbx_seq_type 
_entity_src_gen.pdbx_beg_seq_num 
_entity_src_gen.pdbx_end_seq_num 
_entity_src_gen.gene_src_common_name 
_entity_src_gen.gene_src_genus 
_entity_src_gen.pdbx_gene_src_gene 
_entity_src_gen.gene_src_species 
_entity_src_gen.gene_src_strain 
_entity_src_gen.gene_src_tissue 
_entity_src_gen.gene_src_tissue_fraction 
_entity_src_gen.gene_src_details 
_entity_src_gen.pdbx_gene_src_fragment 
_entity_src_gen.pdbx_gene_src_scientific_name 
_entity_src_gen.pdbx_gene_src_ncbi_taxonomy_id 
_entity_src_gen.pdbx_gene_src_variant 
_entity_src_gen.pdbx_gene_src_cell_line 
_entity_src_gen.pdbx_gene_src_atcc 
_entity_src_gen.pdbx_gene_src_organ 
_entity_src_gen.pdbx_gene_src_organelle 
_entity_src_gen.pdbx_gene_src_cell 
_entity_src_gen.pdbx_gene_src_cellular_location 
_entity_src_gen.host_org_common_name 
_entity_src_gen.pdbx_host_org_scientific_name 
_entity_src_gen.pdbx_host_org_ncbi_taxonomy_id 
_entity_src_gen.host_org_genus 
_entity_src_gen.pdbx_host_org_gene 
_entity_src_gen.pdbx_host_org_organ 
_entity_src_gen.host_org_species 
_entity_src_gen.pdbx_host_org_tissue 
_entity_src_gen.pdbx_host_org_tissue_fraction 
_entity_src_gen.pdbx_host_org_strain 
_entity_src_gen.pdbx_host_org_variant 
_entity_src_gen.pdbx_host_org_cell_line 
_entity_src_gen.pdbx_host_org_atcc 
_entity_src_gen.pdbx_host_org_culture_collection 
_entity_src_gen.pdbx_host_org_cell 
_entity_src_gen.pdbx_host_org_organelle 
_entity_src_gen.pdbx_host_org_cellular_location 
_entity_src_gen.pdbx_host_org_vector_type 
_entity_src_gen.pdbx_host_org_vector 
_entity_src_gen.host_org_details 
_entity_src_gen.expression_system_id 
_entity_src_gen.plasmid_name 
_entity_src_gen.plasmid_details 
_entity_src_gen.pdbx_description 
1 1 sample 'Biological sequence' 1 89 'Fruit fly' ? 'ctp, Cdlc1, ddlc1, CG6998' ? ? ? ? ? ? 'Drosophila melanogaster' 7227 ? ? ? ? 
? ? ? ? 'Escherichia coli BL21(DE3)' 469008 ? ? ? ? ? ? 'BL21(DE3)' RIL ? ? ? ? ? ? ? ? ? ? ? ? ? 
2 1 sample 'Biological sequence' 1 14 'Fruit fly' ? 'Panx, CG9754'              ? ? ? ? ? ? 'Drosophila melanogaster' 7227 ? ? ? ? 
? ? ? ? 'Escherichia coli BL21(DE3)' 469008 ? ? ? ? ? ? 'BL21(DE3)' RIL ? ? ? ? ? ? ? ? ? ? ? ? ? 
# 
loop_
_struct_ref.id 
_struct_ref.db_name 
_struct_ref.db_code 
_struct_ref.pdbx_db_accession 
_struct_ref.pdbx_db_isoform 
_struct_ref.entity_id 
_struct_ref.pdbx_seq_one_letter_code 
_struct_ref.pdbx_align_begin 
1 UNP DYL1_DROME Q24117 ? 1 
;MSDRKAVIKNADMSEEMQQDAVDCATQALEKYNIEKDIAAYIKKEFDKKYNPTWHCIVGRNFGSYVTHETRHFIYFYLGQ
VAILLFKSG
;
1   
2 UNP PANX_DROME Q9W2H9 ? 2 TATRDAGTQVRLE                                                                                468 
# 
loop_
_struct_ref_seq.align_id 
_struct_ref_seq.ref_id 
_struct_ref_seq.pdbx_PDB_id_code 
_struct_ref_seq.pdbx_strand_id 
_struct_ref_seq.seq_align_beg 
_struct_ref_seq.pdbx_seq_align_beg_ins_code 
_struct_ref_seq.seq_align_end 
_struct_ref_seq.pdbx_seq_align_end_ins_code 
_struct_ref_seq.pdbx_db_accession 
_struct_ref_seq.db_align_beg 
_struct_ref_seq.pdbx_db_align_beg_ins_code 
_struct_ref_seq.db_align_end 
_struct_ref_seq.pdbx_db_align_end_ins_code 
_struct_ref_seq.pdbx_auth_seq_align_beg 
_struct_ref_seq.pdbx_auth_seq_align_end 
1 1 7K3L A 1 ? 89 ? Q24117 1   ? 89  ? 1   89  
2 2 7K3L B 2 ? 14 ? Q9W2H9 468 ? 480 ? 468 480 
# 
_struct_ref_seq_dif.align_id                     2 
_struct_ref_seq_dif.pdbx_pdb_id_code             7K3L 
_struct_ref_seq_dif.mon_id                       SER 
_struct_ref_seq_dif.pdbx_pdb_strand_id           B 
_struct_ref_seq_dif.seq_num                      1 
_struct_ref_seq_dif.pdbx_pdb_ins_code            ? 
_struct_ref_seq_dif.pdbx_seq_db_name             UNP 
_struct_ref_seq_dif.pdbx_seq_db_accession_code   Q9W2H9 
_struct_ref_seq_dif.db_mon_id                    ? 
_struct_ref_seq_dif.pdbx_seq_db_seq_num          ? 
_struct_ref_seq_dif.details                      'expression tag' 
_struct_ref_seq_dif.pdbx_auth_seq_num            467 
_struct_ref_seq_dif.pdbx_ordinal                 1 
# 
loop_
_chem_comp.id 
_chem_comp.type 
_chem_comp.mon_nstd_flag 
_chem_comp.name 
_chem_comp.pdbx_synonyms 
_chem_comp.formula 
_chem_comp.formula_weight 
ALA 'L-peptide linking' y ALANINE         ?                 'C3 H7 N O2'     89.093  
ARG 'L-peptide linking' y ARGININE        ?                 'C6 H15 N4 O2 1' 175.209 
ASN 'L-peptide linking' y ASPARAGINE      ?                 'C4 H8 N2 O3'    132.118 
ASP 'L-peptide linking' y 'ASPARTIC ACID' ?                 'C4 H7 N O4'     133.103 
CYS 'L-peptide linking' y CYSTEINE        ?                 'C3 H7 N O2 S'   121.158 
EDO non-polymer         . 1,2-ETHANEDIOL  'ETHYLENE GLYCOL' 'C2 H6 O2'       62.068  
GLN 'L-peptide linking' y GLUTAMINE       ?                 'C5 H10 N2 O3'   146.144 
GLU 'L-peptide linking' y 'GLUTAMIC ACID' ?                 'C5 H9 N O4'     147.129 
GLY 'peptide linking'   y GLYCINE         ?                 'C2 H5 N O2'     75.067  
HIS 'L-peptide linking' y HISTIDINE       ?                 'C6 H10 N3 O2 1' 156.162 
HOH non-polymer         . WATER           ?                 'H2 O'           18.015  
ILE 'L-peptide linking' y ISOLEUCINE      ?                 'C6 H13 N O2'    131.173 
LEU 'L-peptide linking' y LEUCINE         ?                 'C6 H13 N O2'    131.173 
LYS 'L-peptide linking' y LYSINE          ?                 'C6 H15 N2 O2 1' 147.195 
MET 'L-peptide linking' y METHIONINE      ?                 'C5 H11 N O2 S'  149.211 
PHE 'L-peptide linking' y PHENYLALANINE   ?                 'C9 H11 N O2'    165.189 
PRO 'L-peptide linking' y PROLINE         ?                 'C5 H9 N O2'     115.130 
SER 'L-peptide linking' y SERINE          ?                 'C3 H7 N O3'     105.093 
THR 'L-peptide linking' y THREONINE       ?                 'C4 H9 N O3'     119.119 
TRP 'L-peptide linking' y TRYPTOPHAN      ?                 'C11 H12 N2 O2'  204.225 
TYR 'L-peptide linking' y TYROSINE        ?                 'C9 H11 N O3'    181.189 
VAL 'L-peptide linking' y VALINE          ?                 'C5 H11 N O2'    117.146 
# 
_exptl.absorpt_coefficient_mu     ? 
_exptl.absorpt_correction_T_max   ? 
_exptl.absorpt_correction_T_min   ? 
_exptl.absorpt_correction_type    ? 
_exptl.absorpt_process_details    ? 
_exptl.entry_id                   7K3L 
_exptl.crystals_number            1 
_exptl.details                    ? 
_exptl.method                     'X-RAY DIFFRACTION' 
_exptl.method_details             ? 
# 
_exptl_crystal.colour                      ? 
_exptl_crystal.density_diffrn              ? 
_exptl_crystal.density_Matthews            2.50 
_exptl_crystal.density_method              ? 
_exptl_crystal.density_percent_sol         50.86 
_exptl_crystal.description                 ? 
_exptl_crystal.F_000                       ? 
_exptl_crystal.id                          1 
_exptl_crystal.preparation                 ? 
_exptl_crystal.size_max                    ? 
_exptl_crystal.size_mid                    ? 
_exptl_crystal.size_min                    ? 
_exptl_crystal.size_rad                    ? 
_exptl_crystal.colour_lustre               ? 
_exptl_crystal.colour_modifier             ? 
_exptl_crystal.colour_primary              ? 
_exptl_crystal.density_meas                ? 
_exptl_crystal.density_meas_esd            ? 
_exptl_crystal.density_meas_gt             ? 
_exptl_crystal.density_meas_lt             ? 
_exptl_crystal.density_meas_temp           ? 
_exptl_crystal.density_meas_temp_esd       ? 
_exptl_crystal.density_meas_temp_gt        ? 
_exptl_crystal.density_meas_temp_lt        ? 
_exptl_crystal.pdbx_crystal_image_url      ? 
_exptl_crystal.pdbx_crystal_image_format   ? 
_exptl_crystal.pdbx_mosaicity              ? 
_exptl_crystal.pdbx_mosaicity_esd          ? 
# 
_exptl_crystal_grow.apparatus       ? 
_exptl_crystal_grow.atmosphere      ? 
_exptl_crystal_grow.crystal_id      1 
_exptl_crystal_grow.details         ? 
_exptl_crystal_grow.method          'VAPOR DIFFUSION, SITTING DROP' 
_exptl_crystal_grow.method_ref      ? 
_exptl_crystal_grow.pH              ? 
_exptl_crystal_grow.pressure        ? 
_exptl_crystal_grow.pressure_esd    ? 
_exptl_crystal_grow.seeding         ? 
_exptl_crystal_grow.seeding_ref     ? 
_exptl_crystal_grow.temp            293 
_exptl_crystal_grow.temp_details    ? 
_exptl_crystal_grow.temp_esd        ? 
_exptl_crystal_grow.time            ? 
_exptl_crystal_grow.pdbx_details    '0.1 M KSCN, 30% (w/v) PEG 2000 MME' 
_exptl_crystal_grow.pdbx_pH_range   ? 
# 
_diffrn.ambient_environment              ? 
_diffrn.ambient_temp                     100 
_diffrn.ambient_temp_details             ? 
_diffrn.ambient_temp_esd                 ? 
_diffrn.crystal_id                       1 
_diffrn.crystal_support                  ? 
_diffrn.crystal_treatment                ? 
_diffrn.details                          ? 
_diffrn.id                               1 
_diffrn.ambient_pressure                 ? 
_diffrn.ambient_pressure_esd             ? 
_diffrn.ambient_pressure_gt              ? 
_diffrn.ambient_pressure_lt              ? 
_diffrn.ambient_temp_gt                  ? 
_diffrn.ambient_temp_lt                  ? 
_diffrn.pdbx_serial_crystal_experiment   N 
# 
_diffrn_detector.details                      ? 
_diffrn_detector.detector                     PIXEL 
_diffrn_detector.diffrn_id                    1 
_diffrn_detector.type                         'PSI PILATUS 6M' 
_diffrn_detector.area_resol_mean              ? 
_diffrn_detector.dtime                        ? 
_diffrn_detector.pdbx_frames_total            ? 
_diffrn_detector.pdbx_collection_time_total   ? 
_diffrn_detector.pdbx_collection_date         2018-07-02 
_diffrn_detector.pdbx_frequency               ? 
# 
_diffrn_radiation.collimation                      ? 
_diffrn_radiation.diffrn_id                        1 
_diffrn_radiation.filter_edge                      ? 
_diffrn_radiation.inhomogeneity                    ? 
_diffrn_radiation.monochromator                    ? 
_diffrn_radiation.polarisn_norm                    ? 
_diffrn_radiation.polarisn_ratio                   ? 
_diffrn_radiation.probe                            ? 
_diffrn_radiation.type                             ? 
_diffrn_radiation.xray_symbol                      ? 
_diffrn_radiation.wavelength_id                    1 
_diffrn_radiation.pdbx_monochromatic_or_laue_m_l   M 
_diffrn_radiation.pdbx_wavelength_list             ? 
_diffrn_radiation.pdbx_wavelength                  ? 
_diffrn_radiation.pdbx_diffrn_protocol             'SINGLE WAVELENGTH' 
_diffrn_radiation.pdbx_analyzer                    ? 
_diffrn_radiation.pdbx_scattering_type             x-ray 
# 
_diffrn_radiation_wavelength.id           1 
_diffrn_radiation_wavelength.wavelength   0.9792 
_diffrn_radiation_wavelength.wt           1.0 
# 
_diffrn_source.current                     ? 
_diffrn_source.details                     ? 
_diffrn_source.diffrn_id                   1 
_diffrn_source.power                       ? 
_diffrn_source.size                        ? 
_diffrn_source.source                      SYNCHROTRON 
_diffrn_source.target                      ? 
_diffrn_source.type                        'APS BEAMLINE 24-ID-C' 
_diffrn_source.voltage                     ? 
_diffrn_source.take-off_angle              ? 
_diffrn_source.pdbx_wavelength_list        0.9792 
_diffrn_source.pdbx_wavelength             ? 
_diffrn_source.pdbx_synchrotron_beamline   24-ID-C 
_diffrn_source.pdbx_synchrotron_site       APS 
# 
_reflns.B_iso_Wilson_estimate            19.92 
_reflns.entry_id                         7K3L 
_reflns.data_reduction_details           ? 
_reflns.data_reduction_method            ? 
_reflns.d_resolution_high                1.79 
_reflns.d_resolution_low                 60.2 
_reflns.details                          ? 
_reflns.limit_h_max                      ? 
_reflns.limit_h_min                      ? 
_reflns.limit_k_max                      ? 
_reflns.limit_k_min                      ? 
_reflns.limit_l_max                      ? 
_reflns.limit_l_min                      ? 
_reflns.number_all                       ? 
_reflns.number_obs                       11305 
_reflns.observed_criterion               ? 
_reflns.observed_criterion_F_max         ? 
_reflns.observed_criterion_F_min         ? 
_reflns.observed_criterion_I_max         ? 
_reflns.observed_criterion_I_min         ? 
_reflns.observed_criterion_sigma_F       ? 
_reflns.observed_criterion_sigma_I       ? 
_reflns.percent_possible_obs             96.1 
_reflns.R_free_details                   ? 
_reflns.Rmerge_F_all                     ? 
_reflns.Rmerge_F_obs                     ? 
_reflns.Friedel_coverage                 ? 
_reflns.number_gt                        ? 
_reflns.threshold_expression             ? 
_reflns.pdbx_redundancy                  8.6 
_reflns.pdbx_Rmerge_I_obs                0.093 
_reflns.pdbx_Rmerge_I_all                ? 
_reflns.pdbx_Rsym_value                  ? 
_reflns.pdbx_netI_over_av_sigmaI         ? 
_reflns.pdbx_netI_over_sigmaI            14.2 
_reflns.pdbx_res_netI_over_av_sigmaI_2   ? 
_reflns.pdbx_res_netI_over_sigmaI_2      ? 
_reflns.pdbx_chi_squared                 ? 
_reflns.pdbx_scaling_rejects             ? 
_reflns.pdbx_d_res_high_opt              ? 
_reflns.pdbx_d_res_low_opt               ? 
_reflns.pdbx_d_res_opt_method            ? 
_reflns.phase_calculation_details        ? 
_reflns.pdbx_Rrim_I_all                  ? 
_reflns.pdbx_Rpim_I_all                  ? 
_reflns.pdbx_d_opt                       ? 
_reflns.pdbx_number_measured_all         ? 
_reflns.pdbx_diffrn_id                   1 
_reflns.pdbx_ordinal                     1 
_reflns.pdbx_CC_half                     0.997 
_reflns.pdbx_CC_star                     ? 
_reflns.pdbx_R_split                     ? 
# 
_reflns_shell.d_res_high                  1.79 
_reflns_shell.d_res_low                   1.89 
_reflns_shell.meanI_over_sigI_all         ? 
_reflns_shell.meanI_over_sigI_obs         ? 
_reflns_shell.number_measured_all         ? 
_reflns_shell.number_measured_obs         ? 
_reflns_shell.number_possible             ? 
_reflns_shell.number_unique_all           ? 
_reflns_shell.number_unique_obs           1281 
_reflns_shell.percent_possible_all        ? 
_reflns_shell.percent_possible_obs        ? 
_reflns_shell.Rmerge_F_all                ? 
_reflns_shell.Rmerge_F_obs                ? 
_reflns_shell.Rmerge_I_all                ? 
_reflns_shell.Rmerge_I_obs                0.415 
_reflns_shell.meanI_over_sigI_gt          ? 
_reflns_shell.meanI_over_uI_all           ? 
_reflns_shell.meanI_over_uI_gt            ? 
_reflns_shell.number_measured_gt          ? 
_reflns_shell.number_unique_gt            ? 
_reflns_shell.percent_possible_gt         ? 
_reflns_shell.Rmerge_F_gt                 ? 
_reflns_shell.Rmerge_I_gt                 ? 
_reflns_shell.pdbx_redundancy             ? 
_reflns_shell.pdbx_Rsym_value             ? 
_reflns_shell.pdbx_chi_squared            ? 
_reflns_shell.pdbx_netI_over_sigmaI_all   ? 
_reflns_shell.pdbx_netI_over_sigmaI_obs   ? 
_reflns_shell.pdbx_Rrim_I_all             ? 
_reflns_shell.pdbx_Rpim_I_all             ? 
_reflns_shell.pdbx_rejects                ? 
_reflns_shell.pdbx_ordinal                1 
_reflns_shell.pdbx_diffrn_id              1 
_reflns_shell.pdbx_CC_half                0.8 
_reflns_shell.pdbx_CC_star                ? 
_reflns_shell.pdbx_R_split                ? 
# 
_refine.aniso_B[1][1]                            ? 
_refine.aniso_B[1][2]                            ? 
_refine.aniso_B[1][3]                            ? 
_refine.aniso_B[2][2]                            ? 
_refine.aniso_B[2][3]                            ? 
_refine.aniso_B[3][3]                            ? 
_refine.B_iso_max                                ? 
_refine.B_iso_mean                               24.10 
_refine.B_iso_min                                ? 
_refine.correlation_coeff_Fo_to_Fc               ? 
_refine.correlation_coeff_Fo_to_Fc_free          ? 
_refine.details                                  ? 
_refine.diff_density_max                         ? 
_refine.diff_density_max_esd                     ? 
_refine.diff_density_min                         ? 
_refine.diff_density_min_esd                     ? 
_refine.diff_density_rms                         ? 
_refine.diff_density_rms_esd                     ? 
_refine.entry_id                                 7K3L 
_refine.pdbx_refine_id                           'X-RAY DIFFRACTION' 
_refine.ls_abs_structure_details                 ? 
_refine.ls_abs_structure_Flack                   ? 
_refine.ls_abs_structure_Flack_esd               ? 
_refine.ls_abs_structure_Rogers                  ? 
_refine.ls_abs_structure_Rogers_esd              ? 
_refine.ls_d_res_high                            1.79 
_refine.ls_d_res_low                             55.75 
_refine.ls_extinction_coef                       ? 
_refine.ls_extinction_coef_esd                   ? 
_refine.ls_extinction_expression                 ? 
_refine.ls_extinction_method                     ? 
_refine.ls_goodness_of_fit_all                   ? 
_refine.ls_goodness_of_fit_all_esd               ? 
_refine.ls_goodness_of_fit_obs                   ? 
_refine.ls_goodness_of_fit_obs_esd               ? 
_refine.ls_hydrogen_treatment                    ? 
_refine.ls_matrix_type                           ? 
_refine.ls_number_constraints                    ? 
_refine.ls_number_parameters                     ? 
_refine.ls_number_reflns_all                     ? 
_refine.ls_number_reflns_obs                     11286 
_refine.ls_number_reflns_R_free                  552 
_refine.ls_number_reflns_R_work                  10734 
_refine.ls_number_restraints                     ? 
_refine.ls_percent_reflns_obs                    95.85 
_refine.ls_percent_reflns_R_free                 4.89 
_refine.ls_R_factor_all                          ? 
_refine.ls_R_factor_obs                          0.1780 
_refine.ls_R_factor_R_free                       0.2095 
_refine.ls_R_factor_R_free_error                 ? 
_refine.ls_R_factor_R_free_error_details         ? 
_refine.ls_R_factor_R_work                       0.1762 
_refine.ls_R_Fsqd_factor_obs                     ? 
_refine.ls_R_I_factor_obs                        ? 
_refine.ls_redundancy_reflns_all                 ? 
_refine.ls_redundancy_reflns_obs                 ? 
_refine.ls_restrained_S_all                      ? 
_refine.ls_restrained_S_obs                      ? 
_refine.ls_shift_over_esd_max                    ? 
_refine.ls_shift_over_esd_mean                   ? 
_refine.ls_structure_factor_coef                 ? 
_refine.ls_weighting_details                     ? 
_refine.ls_weighting_scheme                      ? 
_refine.ls_wR_factor_all                         ? 
_refine.ls_wR_factor_obs                         ? 
_refine.ls_wR_factor_R_free                      ? 
_refine.ls_wR_factor_R_work                      ? 
_refine.occupancy_max                            ? 
_refine.occupancy_min                            ? 
_refine.solvent_model_details                    'FLAT BULK SOLVENT MODEL' 
_refine.solvent_model_param_bsol                 ? 
_refine.solvent_model_param_ksol                 ? 
_refine.pdbx_R_complete                          ? 
_refine.ls_R_factor_gt                           ? 
_refine.ls_goodness_of_fit_gt                    ? 
_refine.ls_goodness_of_fit_ref                   ? 
_refine.ls_shift_over_su_max                     ? 
_refine.ls_shift_over_su_max_lt                  ? 
_refine.ls_shift_over_su_mean                    ? 
_refine.ls_shift_over_su_mean_lt                 ? 
_refine.pdbx_ls_sigma_I                          ? 
_refine.pdbx_ls_sigma_F                          1.35 
_refine.pdbx_ls_sigma_Fsqd                       ? 
_refine.pdbx_data_cutoff_high_absF               ? 
_refine.pdbx_data_cutoff_high_rms_absF           ? 
_refine.pdbx_data_cutoff_low_absF                ? 
_refine.pdbx_isotropic_thermal_model             ? 
_refine.pdbx_ls_cross_valid_method               'FREE R-VALUE' 
_refine.pdbx_method_to_determine_struct          'MOLECULAR REPLACEMENT' 
_refine.pdbx_starting_model                      3ZKE 
_refine.pdbx_stereochemistry_target_values       'GeoStd + Monomer Library + CDL v1.2' 
_refine.pdbx_R_Free_selection_details            ? 
_refine.pdbx_stereochem_target_val_spec_case     ? 
_refine.pdbx_overall_ESU_R                       ? 
_refine.pdbx_overall_ESU_R_Free                  ? 
_refine.pdbx_solvent_vdw_probe_radii             1.1100 
_refine.pdbx_solvent_ion_probe_radii             ? 
_refine.pdbx_solvent_shrinkage_radii             0.9000 
_refine.pdbx_real_space_R                        ? 
_refine.pdbx_density_correlation                 ? 
_refine.pdbx_pd_number_of_powder_patterns        ? 
_refine.pdbx_pd_number_of_points                 ? 
_refine.pdbx_pd_meas_number_of_points            ? 
_refine.pdbx_pd_proc_ls_prof_R_factor            ? 
_refine.pdbx_pd_proc_ls_prof_wR_factor           ? 
_refine.pdbx_pd_Marquardt_correlation_coeff      ? 
_refine.pdbx_pd_Fsqrd_R_factor                   ? 
_refine.pdbx_pd_ls_matrix_band_width             ? 
_refine.pdbx_overall_phase_error                 23.3632 
_refine.pdbx_overall_SU_R_free_Cruickshank_DPI   ? 
_refine.pdbx_overall_SU_R_free_Blow_DPI          ? 
_refine.pdbx_overall_SU_R_Blow_DPI               ? 
_refine.pdbx_TLS_residual_ADP_flag               ? 
_refine.pdbx_diffrn_id                           1 
_refine.overall_SU_B                             ? 
_refine.overall_SU_ML                            0.1555 
_refine.overall_SU_R_Cruickshank_DPI             ? 
_refine.overall_SU_R_free                        ? 
_refine.overall_FOM_free_R_set                   ? 
_refine.overall_FOM_work_R_set                   ? 
_refine.pdbx_average_fsc_overall                 ? 
_refine.pdbx_average_fsc_work                    ? 
_refine.pdbx_average_fsc_free                    ? 
# 
_refine_hist.pdbx_refine_id                   'X-RAY DIFFRACTION' 
_refine_hist.cycle_id                         LAST 
_refine_hist.details                          ? 
_refine_hist.d_res_high                       1.79 
_refine_hist.d_res_low                        55.75 
_refine_hist.number_atoms_solvent             72 
_refine_hist.number_atoms_total               864 
_refine_hist.number_reflns_all                ? 
_refine_hist.number_reflns_obs                ? 
_refine_hist.number_reflns_R_free             ? 
_refine_hist.number_reflns_R_work             ? 
_refine_hist.R_factor_all                     ? 
_refine_hist.R_factor_obs                     ? 
_refine_hist.R_factor_R_free                  ? 
_refine_hist.R_factor_R_work                  ? 
_refine_hist.pdbx_number_residues_total       ? 
_refine_hist.pdbx_B_iso_mean_ligand           ? 
_refine_hist.pdbx_B_iso_mean_solvent          ? 
_refine_hist.pdbx_number_atoms_protein        780 
_refine_hist.pdbx_number_atoms_nucleic_acid   0 
_refine_hist.pdbx_number_atoms_ligand         12 
_refine_hist.pdbx_number_atoms_lipid          ? 
_refine_hist.pdbx_number_atoms_carb           ? 
_refine_hist.pdbx_pseudo_atom_details         ? 
# 
loop_
_refine_ls_restr.pdbx_refine_id 
_refine_ls_restr.criterion 
_refine_ls_restr.dev_ideal 
_refine_ls_restr.dev_ideal_target 
_refine_ls_restr.number 
_refine_ls_restr.rejects 
_refine_ls_restr.type 
_refine_ls_restr.weight 
_refine_ls_restr.pdbx_restraint_function 
'X-RAY DIFFRACTION' ? 0.0068  ? 804  ? f_bond_d           ? ? 
'X-RAY DIFFRACTION' ? 0.8566  ? 1078 ? f_angle_d          ? ? 
'X-RAY DIFFRACTION' ? 0.0570  ? 118  ? f_chiral_restr     ? ? 
'X-RAY DIFFRACTION' ? 0.0042  ? 136  ? f_plane_restr      ? ? 
'X-RAY DIFFRACTION' ? 15.5247 ? 472  ? f_dihedral_angle_d ? ? 
# 
loop_
_refine_ls_shell.pdbx_refine_id 
_refine_ls_shell.d_res_high 
_refine_ls_shell.d_res_low 
_refine_ls_shell.number_reflns_all 
_refine_ls_shell.number_reflns_obs 
_refine_ls_shell.number_reflns_R_free 
_refine_ls_shell.number_reflns_R_work 
_refine_ls_shell.percent_reflns_obs 
_refine_ls_shell.percent_reflns_R_free 
_refine_ls_shell.R_factor_all 
_refine_ls_shell.R_factor_obs 
_refine_ls_shell.R_factor_R_free 
_refine_ls_shell.R_factor_R_free_error 
_refine_ls_shell.R_factor_R_work 
_refine_ls_shell.redundancy_reflns_all 
_refine_ls_shell.redundancy_reflns_obs 
_refine_ls_shell.wR_factor_all 
_refine_ls_shell.wR_factor_obs 
_refine_ls_shell.wR_factor_R_free 
_refine_ls_shell.wR_factor_R_work 
_refine_ls_shell.pdbx_R_complete 
_refine_ls_shell.pdbx_total_number_of_bins_used 
_refine_ls_shell.pdbx_phase_error 
_refine_ls_shell.pdbx_fsc_work 
_refine_ls_shell.pdbx_fsc_free 
'X-RAY DIFFRACTION' 1.79 1.97  . . 113 2298 83.63 . . . 0.2959 . 0.2145 . . . . . . . . . . . 
'X-RAY DIFFRACTION' 1.97 2.26  . . 139 2731 99.69 . . . 0.1960 . 0.1592 . . . . . . . . . . . 
'X-RAY DIFFRACTION' 2.26 2.84  . . 136 2789 99.90 . . . 0.2363 . 0.1794 . . . . . . . . . . . 
'X-RAY DIFFRACTION' 2.84 55.75 . . 164 2916 99.87 . . . 0.1909 . 0.1736 . . . . . . . . . . . 
# 
_struct.entry_id                     7K3L 
_struct.title                        'Crystal structure of dLC8 in complex with Panoramix TQ peptide' 
_struct.pdbx_model_details           ? 
_struct.pdbx_formula_weight          ? 
_struct.pdbx_formula_weight_method   ? 
_struct.pdbx_model_type_details      ? 
_struct.pdbx_CASP_flag               N 
# 
_struct_keywords.entry_id        7K3L 
_struct_keywords.text            
'Piwi, transposon siliencing, heterochromatin formation, piRNA pathway, transcriptional silencing, MOTOR PROTEIN' 
_struct_keywords.pdbx_keywords   'MOTOR PROTEIN' 
# 
loop_
_struct_asym.id 
_struct_asym.pdbx_blank_PDB_chainid_flag 
_struct_asym.pdbx_modified 
_struct_asym.entity_id 
_struct_asym.details 
A N N 1 ? 
B N N 2 ? 
C N N 3 ? 
D N N 3 ? 
E N N 3 ? 
F N N 4 ? 
G N N 4 ? 
# 
loop_
_struct_conf.conf_type_id 
_struct_conf.id 
_struct_conf.pdbx_PDB_helix_id 
_struct_conf.beg_label_comp_id 
_struct_conf.beg_label_asym_id 
_struct_conf.beg_label_seq_id 
_struct_conf.pdbx_beg_PDB_ins_code 
_struct_conf.end_label_comp_id 
_struct_conf.end_label_asym_id 
_struct_conf.end_label_seq_id 
_struct_conf.pdbx_end_PDB_ins_code 
_struct_conf.beg_auth_comp_id 
_struct_conf.beg_auth_asym_id 
_struct_conf.beg_auth_seq_id 
_struct_conf.end_auth_comp_id 
_struct_conf.end_auth_asym_id 
_struct_conf.end_auth_seq_id 
_struct_conf.pdbx_PDB_helix_class 
_struct_conf.details 
_struct_conf.pdbx_PDB_helix_length 
HELX_P HELX_P1 AA1 SER A 14 ? TYR A 32 ? SER A 14 TYR A 32 1 ? 19 
HELX_P HELX_P2 AA2 ILE A 34 ? ASN A 51 ? ILE A 34 ASN A 51 1 ? 18 
# 
_struct_conf_type.id          HELX_P 
_struct_conf_type.criteria    ? 
_struct_conf_type.reference   ? 
# 
_struct_mon_prot_cis.pdbx_id                1 
_struct_mon_prot_cis.label_comp_id          PRO 
_struct_mon_prot_cis.label_seq_id           52 
_struct_mon_prot_cis.label_asym_id          A 
_struct_mon_prot_cis.label_alt_id           . 
_struct_mon_prot_cis.pdbx_PDB_ins_code      ? 
_struct_mon_prot_cis.auth_comp_id           PRO 
_struct_mon_prot_cis.auth_seq_id            52 
_struct_mon_prot_cis.auth_asym_id           A 
_struct_mon_prot_cis.pdbx_label_comp_id_2   THR 
_struct_mon_prot_cis.pdbx_label_seq_id_2    53 
_struct_mon_prot_cis.pdbx_label_asym_id_2   A 
_struct_mon_prot_cis.pdbx_PDB_ins_code_2    ? 
_struct_mon_prot_cis.pdbx_auth_comp_id_2    THR 
_struct_mon_prot_cis.pdbx_auth_seq_id_2     53 
_struct_mon_prot_cis.pdbx_auth_asym_id_2    A 
_struct_mon_prot_cis.pdbx_PDB_model_num     1 
_struct_mon_prot_cis.pdbx_omega_angle       8.34 
# 
loop_
_struct_sheet.id 
_struct_sheet.type 
_struct_sheet.number_strands 
_struct_sheet.details 
AA1 ? 4 ? 
AA2 ? 2 ? 
# 
loop_
_struct_sheet_order.sheet_id 
_struct_sheet_order.range_id_1 
_struct_sheet_order.range_id_2 
_struct_sheet_order.offset 
_struct_sheet_order.sense 
AA1 1 2 ? anti-parallel 
AA1 2 3 ? anti-parallel 
AA1 3 4 ? anti-parallel 
AA2 1 2 ? anti-parallel 
# 
loop_
_struct_sheet_range.sheet_id 
_struct_sheet_range.id 
_struct_sheet_range.beg_label_comp_id 
_struct_sheet_range.beg_label_asym_id 
_struct_sheet_range.beg_label_seq_id 
_struct_sheet_range.pdbx_beg_PDB_ins_code 
_struct_sheet_range.end_label_comp_id 
_struct_sheet_range.end_label_asym_id 
_struct_sheet_range.end_label_seq_id 
_struct_sheet_range.pdbx_end_PDB_ins_code 
_struct_sheet_range.beg_auth_comp_id 
_struct_sheet_range.beg_auth_asym_id 
_struct_sheet_range.beg_auth_seq_id 
_struct_sheet_range.end_auth_comp_id 
_struct_sheet_range.end_auth_asym_id 
_struct_sheet_range.end_auth_seq_id 
AA1 1 VAL A 7  ? MET A 13 ? VAL A 7   MET A 13  
AA1 2 HIS A 72 ? LEU A 78 ? HIS A 72  LEU A 78  
AA1 3 VAL A 81 ? LYS A 87 ? VAL A 81  LYS A 87  
AA1 4 TRP A 54 ? GLY A 59 ? TRP A 54  GLY A 59  
AA2 1 GLY A 63 ? GLU A 69 ? GLY A 63  GLU A 69  
AA2 2 THR B 4  ? GLN B 10 ? THR B 470 GLN B 476 
# 
loop_
_pdbx_struct_sheet_hbond.sheet_id 
_pdbx_struct_sheet_hbond.range_id_1 
_pdbx_struct_sheet_hbond.range_id_2 
_pdbx_struct_sheet_hbond.range_1_label_atom_id 
_pdbx_struct_sheet_hbond.range_1_label_comp_id 
_pdbx_struct_sheet_hbond.range_1_label_asym_id 
_pdbx_struct_sheet_hbond.range_1_label_seq_id 
_pdbx_struct_sheet_hbond.range_1_PDB_ins_code 
_pdbx_struct_sheet_hbond.range_1_auth_atom_id 
_pdbx_struct_sheet_hbond.range_1_auth_comp_id 
_pdbx_struct_sheet_hbond.range_1_auth_asym_id 
_pdbx_struct_sheet_hbond.range_1_auth_seq_id 
_pdbx_struct_sheet_hbond.range_2_label_atom_id 
_pdbx_struct_sheet_hbond.range_2_label_comp_id 
_pdbx_struct_sheet_hbond.range_2_label_asym_id 
_pdbx_struct_sheet_hbond.range_2_label_seq_id 
_pdbx_struct_sheet_hbond.range_2_PDB_ins_code 
_pdbx_struct_sheet_hbond.range_2_auth_atom_id 
_pdbx_struct_sheet_hbond.range_2_auth_comp_id 
_pdbx_struct_sheet_hbond.range_2_auth_asym_id 
_pdbx_struct_sheet_hbond.range_2_auth_seq_id 
AA1 1 2 N ASP A 12 ? N ASP A 12 O PHE A 73 ? O PHE A 73  
AA1 2 3 N PHE A 76 ? N PHE A 76 O ILE A 83 ? O ILE A 83  
AA1 3 4 O ALA A 82 ? O ALA A 82 N GLY A 59 ? N GLY A 59  
AA2 1 2 N VAL A 66 ? N VAL A 66 O ALA B 7  ? O ALA B 473 
# 
loop_
_struct_site.id 
_struct_site.pdbx_evidence_code 
_struct_site.pdbx_auth_asym_id 
_struct_site.pdbx_auth_comp_id 
_struct_site.pdbx_auth_seq_id 
_struct_site.pdbx_auth_ins_code 
_struct_site.pdbx_num_residues 
_struct_site.details 
AC1 Software A EDO 101 ? 5 'binding site for residue EDO A 101' 
AC2 Software A EDO 102 ? 6 'binding site for residue EDO A 102' 
AC3 Software B EDO 501 ? 5 'binding site for residue EDO B 501' 
# 
loop_
_struct_site_gen.id 
_struct_site_gen.site_id 
_struct_site_gen.pdbx_num_res 
_struct_site_gen.label_comp_id 
_struct_site_gen.label_asym_id 
_struct_site_gen.label_seq_id 
_struct_site_gen.pdbx_auth_ins_code 
_struct_site_gen.auth_comp_id 
_struct_site_gen.auth_asym_id 
_struct_site_gen.auth_seq_id 
_struct_site_gen.label_atom_id 
_struct_site_gen.label_alt_id 
_struct_site_gen.symmetry 
_struct_site_gen.details 
1  AC1 5 LEU A 29 ? LEU A 29  . ? 1_555  ? 
2  AC1 5 GLU A 30 ? GLU A 30  . ? 1_555  ? 
3  AC1 5 TYR A 32 ? TYR A 32  . ? 1_555  ? 
4  AC1 5 ASN A 33 ? ASN A 33  . ? 1_555  ? 
5  AC1 5 LYS A 48 ? LYS A 48  . ? 6_545  ? 
6  AC2 6 ILE A 34 ? ILE A 34  . ? 13_555 ? 
7  AC2 6 LYS A 36 ? LYS A 36  . ? 13_555 ? 
8  AC2 6 ASP A 37 ? ASP A 37  . ? 13_555 ? 
9  AC2 6 LYS A 44 ? LYS A 44  . ? 10_555 ? 
10 AC2 6 TYR A 65 ? TYR A 65  . ? 1_555  ? 
11 AC2 6 ASP B 6  ? ASP B 472 . ? 1_555  ? 
12 AC3 5 HOH F .  ? HOH A 204 . ? 1_555  ? 
13 AC3 5 ALA B 7  ? ALA B 473 . ? 1_555  ? 
14 AC3 5 GLY B 8  ? GLY B 474 . ? 1_555  ? 
15 AC3 5 HOH G .  ? HOH B 611 . ? 1_555  ? 
16 AC3 5 HOH G .  ? HOH B 611 . ? 6_555  ? 
# 
_atom_sites.entry_id                    7K3L 
_atom_sites.Cartn_transf_matrix[1][1]   ? 
_atom_sites.Cartn_transf_matrix[1][2]   ? 
_atom_sites.Cartn_transf_matrix[1][3]   ? 
_atom_sites.Cartn_transf_matrix[2][1]   ? 
_atom_sites.Cartn_transf_matrix[2][2]   ? 
_atom_sites.Cartn_transf_matrix[2][3]   ? 
_atom_sites.Cartn_transf_matrix[3][1]   ? 
_atom_sites.Cartn_transf_matrix[3][2]   ? 
_atom_sites.Cartn_transf_matrix[3][3]   ? 
_atom_sites.Cartn_transf_vector[1]      ? 
_atom_sites.Cartn_transf_vector[2]      ? 
_atom_sites.Cartn_transf_vector[3]      ? 
_atom_sites.fract_transf_matrix[1][1]   0.01054760 
_atom_sites.fract_transf_matrix[1][2]   -0.01183704 
_atom_sites.fract_transf_matrix[1][3]   -0.00117434 
_atom_sites.fract_transf_matrix[2][1]   -0.01129174 
_atom_sites.fract_transf_matrix[2][2]   -0.01045718 
_atom_sites.fract_transf_matrix[2][3]   0.00398628 
_atom_sites.fract_transf_matrix[3][1]   -0.00195423 
_atom_sites.fract_transf_matrix[3][2]   -0.00094597 
_atom_sites.fract_transf_matrix[3][3]   -0.00801722 
_atom_sites.fract_transf_vector[1]      0.148046 
_atom_sites.fract_transf_vector[2]      -0.004481 
_atom_sites.fract_transf_vector[3]      0.131447 
_atom_sites.solution_primary            ? 
_atom_sites.solution_secondary          ? 
_atom_sites.solution_hydrogens          ? 
_atom_sites.special_details             ? 
# 
loop_
_atom_type.symbol 
_atom_type.scat_dispersion_real 
_atom_type.scat_dispersion_imag 
_atom_type.scat_Cromer_Mann_a1 
_atom_type.scat_Cromer_Mann_a2 
_atom_type.scat_Cromer_Mann_a3 
_atom_type.scat_Cromer_Mann_a4 
_atom_type.scat_Cromer_Mann_b1 
_atom_type.scat_Cromer_Mann_b2 
_atom_type.scat_Cromer_Mann_b3 
_atom_type.scat_Cromer_Mann_b4 
_atom_type.scat_Cromer_Mann_c 
_atom_type.scat_source 
_atom_type.scat_dispersion_source 
C ? ? 3.54356 2.42580 ? ? 25.62398 1.50364  ? ? 0.0 
;2-Gaussian fit: Grosse-Kunstleve RW, Sauter NK, Adams PD: Newsletter of the IUCr Commission on Crystallographic Computing 2004, 3, 22-31.
;
? 
N ? ? 4.01032 2.96436 ? ? 19.97189 1.75589  ? ? 0.0 
;2-Gaussian fit: Grosse-Kunstleve RW, Sauter NK, Adams PD: Newsletter of the IUCr Commission on Crystallographic Computing 2004, 3, 22-31.
;
? 
O ? ? 4.49882 3.47563 ? ? 15.80542 1.70748  ? ? 0.0 
;2-Gaussian fit: Grosse-Kunstleve RW, Sauter NK, Adams PD: Newsletter of the IUCr Commission on Crystallographic Computing 2004, 3, 22-31.
;
? 
S ? ? 9.55732 6.39887 ? ? 1.23737  29.19336 ? ? 0.0 
;2-Gaussian fit: Grosse-Kunstleve RW, Sauter NK, Adams PD: Newsletter of the IUCr Commission on Crystallographic Computing 2004, 3, 22-31.
;
? 
# 
loop_
_atom_site.group_PDB 
_atom_site.id 
_atom_site.type_symbol 
_atom_site.label_atom_id 
_atom_site.label_alt_id 
_atom_site.label_comp_id 
_atom_site.label_asym_id 
_atom_site.label_entity_id 
_atom_site.label_seq_id 
_atom_site.pdbx_PDB_ins_code 
_atom_site.Cartn_x 
_atom_site.Cartn_y 
_atom_site.Cartn_z 
_atom_site.occupancy 
_atom_site.B_iso_or_equiv 
_atom_site.pdbx_formal_charge 
_atom_site.auth_seq_id 
_atom_site.auth_comp_id 
_atom_site.auth_asym_id 
_atom_site.auth_atom_id 
_atom_site.pdbx_PDB_model_num 
ATOM   1   N N   . ARG A 1 4  ? 12.04063  -4.51861  10.67069  1.000 53.98766 ? 4   ARG A N   1 
ATOM   2   C CA  . ARG A 1 4  ? 10.69396  -5.02872  10.89943  1.000 46.71981 ? 4   ARG A CA  1 
ATOM   3   C C   . ARG A 1 4  ? 10.22646  -5.91253  9.73516   1.000 44.05053 ? 4   ARG A C   1 
ATOM   4   O O   . ARG A 1 4  ? 10.53840  -5.65270  8.56489   1.000 46.79194 ? 4   ARG A O   1 
ATOM   5   C CB  . ARG A 1 4  ? 9.70962   -3.87158  11.11463  1.000 40.65824 ? 4   ARG A CB  1 
ATOM   6   N N   . LYS A 1 5  ? 9.49477   -6.97241  10.07158  1.000 37.38711 ? 5   LYS A N   1 
ATOM   7   C CA  . LYS A 1 5  ? 8.81047   -7.78997  9.08186   1.000 32.37145 ? 5   LYS A CA  1 
ATOM   8   C C   . LYS A 1 5  ? 7.40873   -7.23660  8.86319   1.000 37.96673 ? 5   LYS A C   1 
ATOM   9   O O   . LYS A 1 5  ? 6.70236   -6.89461  9.81980   1.000 31.04964 ? 5   LYS A O   1 
ATOM   10  C CB  . LYS A 1 5  ? 8.72817   -9.25166  9.53000   1.000 34.80749 ? 5   LYS A CB  1 
ATOM   11  N N   . ALA A 1 6  ? 7.01027   -7.14749  7.60007   1.000 24.54240 ? 6   ALA A N   1 
ATOM   12  C CA  . ALA A 1 6  ? 5.65707   -6.70810  7.29870   1.000 25.52876 ? 6   ALA A CA  1 
ATOM   13  C C   . ALA A 1 6  ? 4.64992   -7.73219  7.80404   1.000 27.63279 ? 6   ALA A C   1 
ATOM   14  O O   . ALA A 1 6  ? 4.90893   -8.93838  7.81902   1.000 25.29354 ? 6   ALA A O   1 
ATOM   15  C CB  . ALA A 1 6  ? 5.47948   -6.49572  5.79357   1.000 23.50594 ? 6   ALA A CB  1 
ATOM   16  N N   . VAL A 1 7  ? 3.51075   -7.23379  8.26119   1.000 19.59871 ? 7   VAL A N   1 
ATOM   17  C CA  . VAL A 1 7  ? 2.34495   -8.05353  8.56872   1.000 23.82134 ? 7   VAL A CA  1 
ATOM   18  C C   . VAL A 1 7  ? 1.29534   -7.70442  7.52944   1.000 25.95864 ? 7   VAL A C   1 
ATOM   19  O O   . VAL A 1 7  ? 0.79511   -6.57390  7.49313   1.000 20.76106 ? 7   VAL A O   1 
ATOM   20  C CB  . VAL A 1 7  ? 1.82529   -7.81245  9.99089   1.000 28.59743 ? 7   VAL A CB  1 
ATOM   21  C CG1 . VAL A 1 7  ? 0.61104   -8.67798  10.25580  1.000 33.53679 ? 7   VAL A CG1 1 
ATOM   22  C CG2 . VAL A 1 7  ? 2.93295   -8.08522  11.00169  1.000 35.76459 ? 7   VAL A CG2 1 
ATOM   23  N N   . ILE A 1 8  ? 0.98799   -8.64270  6.64462   1.000 24.46618 ? 8   ILE A N   1 
ATOM   24  C CA  . ILE A 1 8  ? 0.01927   -8.35605  5.59463   1.000 23.43885 ? 8   ILE A CA  1 
ATOM   25  C C   . ILE A 1 8  ? -1.37439  -8.59092  6.16374   1.000 25.69103 ? 8   ILE A C   1 
ATOM   26  O O   . ILE A 1 8  ? -1.71037  -9.70057  6.58974   1.000 27.09030 ? 8   ILE A O   1 
ATOM   27  C CB  . ILE A 1 8  ? 0.29455   -9.19765  4.34269   1.000 25.74317 ? 8   ILE A CB  1 
ATOM   28  C CG1 . ILE A 1 8  ? 1.69950   -8.84902  3.82599   1.000 22.76981 ? 8   ILE A CG1 1 
ATOM   29  C CG2 . ILE A 1 8  ? -0.75560  -8.89760  3.27111   1.000 23.24637 ? 8   ILE A CG2 1 
ATOM   30  C CD1 . ILE A 1 8  ? 2.07524   -9.48098  2.53446   1.000 39.58684 ? 8   ILE A CD1 1 
ATOM   31  N N   . LYS A 1 9  ? -2.16500  -7.52276  6.23933   1.000 22.19193 ? 9   LYS A N   1 
ATOM   32  C CA  . LYS A 1 9  ? -3.46200  -7.57480  6.89537   1.000 18.99774 ? 9   LYS A CA  1 
ATOM   33  C C   . LYS A 1 9  ? -4.58547  -7.92890  5.93282   1.000 26.41667 ? 9   LYS A C   1 
ATOM   34  O O   . LYS A 1 9  ? -5.52783  -8.63079  6.31581   1.000 22.67261 ? 9   LYS A O   1 
ATOM   35  C CB  . LYS A 1 9  ? -3.75830  -6.23154  7.57256   1.000 19.28035 ? 9   LYS A CB  1 
ATOM   36  C CG  . LYS A 1 9  ? -2.76854  -5.88285  8.67400   1.000 26.72736 ? 9   LYS A CG  1 
ATOM   37  C CD  . LYS A 1 9  ? -2.67002  -7.03374  9.66805   1.000 28.01445 ? 9   LYS A CD  1 
ATOM   38  C CE  . LYS A 1 9  ? -3.58489  -6.85461  10.87571  1.000 46.74424 ? 9   LYS A CE  1 
ATOM   39  N NZ  . LYS A 1 9  ? -4.97683  -6.42748  10.53792  1.000 39.38462 ? 9   LYS A NZ  1 
ATOM   40  N N   . ASN A 1 10 ? -4.50505  -7.46565  4.69131   1.000 19.21835 ? 10  ASN A N   1 
ATOM   41  C CA  . ASN A 1 10 ? -5.49686  -7.80228  3.67963   1.000 18.12157 ? 10  ASN A CA  1 
ATOM   42  C C   . ASN A 1 10 ? -4.83506  -7.58063  2.33175   1.000 24.10369 ? 10  ASN A C   1 
ATOM   43  O O   . ASN A 1 10 ? -4.18300  -6.55270  2.12536   1.000 20.57459 ? 10  ASN A O   1 
ATOM   44  C CB  . ASN A 1 10 ? -6.76342  -6.94164  3.82059   1.000 22.06372 ? 10  ASN A CB  1 
ATOM   45  C CG  . ASN A 1 10 ? -7.94565  -7.50002  3.03193   1.000 42.47993 ? 10  ASN A CG  1 
ATOM   46  O OD1 . ASN A 1 10 ? -7.91245  -8.63836  2.55149   1.000 34.19112 ? 10  ASN A OD1 1 
ATOM   47  N ND2 . ASN A 1 10 ? -9.00261  -6.70233  2.90793   1.000 33.16189 ? 10  ASN A ND2 1 
ATOM   48  N N   . ALA A 1 11 ? -4.96369  -8.54720  1.43326   1.000 20.96014 ? 11  ALA A N   1 
ATOM   49  C CA  . ALA A 1 11 ? -4.38058  -8.38837  0.11496   1.000 23.22476 ? 11  ALA A CA  1 
ATOM   50  C C   . ALA A 1 11 ? -5.30643  -8.96995  -0.94090  1.000 27.31592 ? 11  ALA A C   1 
ATOM   51  O O   . ALA A 1 11 ? -6.01690  -9.95134  -0.70634  1.000 25.51027 ? 11  ALA A O   1 
ATOM   52  C CB  . ALA A 1 11 ? -3.00472  -9.04959  0.02476   1.000 21.33627 ? 11  ALA A CB  1 
ATOM   53  N N   . ASP A 1 12 ? -5.30622  -8.32761  -2.09927  1.000 20.15430 ? 12  ASP A N   1 
ATOM   54  C CA  . ASP A 1 12 ? -5.85849  -8.89150  -3.33284  1.000 21.50431 ? 12  ASP A CA  1 
ATOM   55  C C   . ASP A 1 12 ? -4.78038  -8.59377  -4.35700  1.000 19.71426 ? 12  ASP A C   1 
ATOM   56  O O   . ASP A 1 12 ? -4.84165  -7.57162  -5.03360  1.000 20.65488 ? 12  ASP A O   1 
ATOM   57  C CB  . ASP A 1 12 ? -7.20505  -8.27555  -3.71369  1.000 20.15273 ? 12  ASP A CB  1 
ATOM   58  C CG  . ASP A 1 12 ? -7.73314  -8.80736  -5.04064  1.000 26.58531 ? 12  ASP A CG  1 
ATOM   59  O OD1 . ASP A 1 12 ? -7.22753  -9.85944  -5.50066  1.000 27.00012 ? 12  ASP A OD1 1 
ATOM   60  O OD2 . ASP A 1 12 ? -8.63819  -8.16777  -5.62792  1.000 22.85491 ? 12  ASP A OD2 1 
ATOM   61  N N   . MET A 1 13 ? -3.77285  -9.45706  -4.42502  1.000 20.06866 ? 13  MET A N   1 
ATOM   62  C CA  . MET A 1 13 ? -2.54229  -9.11004  -5.11722  1.000 19.35614 ? 13  MET A CA  1 
ATOM   63  C C   . MET A 1 13 ? -1.68145  -10.35986 -5.20868  1.000 25.56169 ? 13  MET A C   1 
ATOM   64  O O   . MET A 1 13 ? -1.68954  -11.19845 -4.30034  1.000 21.95684 ? 13  MET A O   1 
ATOM   65  C CB  . MET A 1 13 ? -1.79428  -7.99447  -4.36143  1.000 21.62067 ? 13  MET A CB  1 
ATOM   66  C CG  . MET A 1 13 ? -0.55825  -7.46980  -5.06134  1.000 22.84435 ? 13  MET A CG  1 
ATOM   67  S SD  . MET A 1 13 ? 0.22487   -6.16780  -4.07236  1.000 21.07934 ? 13  MET A SD  1 
ATOM   68  C CE  . MET A 1 13 ? -0.82430  -4.77097  -4.45990  1.000 21.66127 ? 13  MET A CE  1 
ATOM   69  N N   . SER A 1 14 ? -0.94664  -10.47843 -6.30886  1.000 23.26052 ? 14  SER A N   1 
ATOM   70  C CA  . SER A 1 14 ? -0.05569  -11.61743 -6.48566  1.000 29.37821 ? 14  SER A CA  1 
ATOM   71  C C   . SER A 1 14 ? 1.02359   -11.62302 -5.40903  1.000 31.42953 ? 14  SER A C   1 
ATOM   72  O O   . SER A 1 14 ? 1.39868   -10.57777 -4.86859  1.000 23.00774 ? 14  SER A O   1 
ATOM   73  C CB  . SER A 1 14 ? 0.59092   -11.57368 -7.86927  1.000 28.05529 ? 14  SER A CB  1 
ATOM   74  O OG  . SER A 1 14 ? 1.57586   -10.54982 -7.92910  1.000 25.34542 ? 14  SER A OG  1 
ATOM   75  N N   . GLU A 1 15 ? 1.53022   -12.82168 -5.09849  1.000 26.49002 ? 15  GLU A N   1 
ATOM   76  C CA  . GLU A 1 15 ? 2.56781   -12.93825 -4.07439  1.000 29.73591 ? 15  GLU A CA  1 
ATOM   77  C C   . GLU A 1 15 ? 3.79981   -12.11633 -4.43652  1.000 30.05096 ? 15  GLU A C   1 
ATOM   78  O O   . GLU A 1 15 ? 4.39371   -11.45982 -3.57291  1.000 25.60981 ? 15  GLU A O   1 
ATOM   79  C CB  . GLU A 1 15 ? 2.94868   -14.40772 -3.86976  1.000 39.38659 ? 15  GLU A CB  1 
ATOM   80  C CG  . GLU A 1 15 ? 1.88883   -15.23522 -3.16211  1.000 49.11867 ? 15  GLU A CG  1 
ATOM   81  C CD  . GLU A 1 15 ? 1.82275   -14.95980 -1.66763  1.000 67.51888 ? 15  GLU A CD  1 
ATOM   82  O OE1 . GLU A 1 15 ? 2.70073   -14.23242 -1.14872  1.000 68.69814 ? 15  GLU A OE1 1 
ATOM   83  O OE2 . GLU A 1 15 ? 0.89202   -15.47590 -1.00959  1.000 72.37724 ? 15  GLU A OE2 1 
ATOM   84  N N   . GLU A 1 16 ? 4.19151   -12.13108 -5.71464  1.000 27.98230 ? 16  GLU A N   1 
ATOM   85  C CA  . GLU A 1 16 ? 5.37790   -11.38966 -6.12922  1.000 28.62170 ? 16  GLU A CA  1 
ATOM   86  C C   . GLU A 1 16 ? 5.15706   -9.89137  -6.00300  1.000 28.58379 ? 16  GLU A C   1 
ATOM   87  O O   . GLU A 1 16 ? 6.05964   -9.16026  -5.57574  1.000 27.69497 ? 16  GLU A O   1 
ATOM   88  C CB  . GLU A 1 16 ? 5.75899   -11.75472 -7.56442  1.000 36.25676 ? 16  GLU A CB  1 
ATOM   89  C CG  . GLU A 1 16 ? 6.13123   -13.22719 -7.74784  1.000 53.27254 ? 16  GLU A CG  1 
ATOM   90  C CD  . GLU A 1 16 ? 4.95921   -14.10319 -8.19818  1.000 66.49354 ? 16  GLU A CD  1 
ATOM   91  O OE1 . GLU A 1 16 ? 5.19758   -15.03773 -8.99615  1.000 78.61126 ? 16  GLU A OE1 1 
ATOM   92  O OE2 . GLU A 1 16 ? 3.80546   -13.86207 -7.76710  1.000 44.94212 ? 16  GLU A OE2 1 
ATOM   93  N N   . MET A 1 17 ? 3.96177   -9.41334  -6.36163  1.000 24.49975 ? 17  MET A N   1 
ATOM   94  C CA  . MET A 1 17 ? 3.68392   -7.98905  -6.20779  1.000 24.29884 ? 17  MET A CA  1 
ATOM   95  C C   . MET A 1 17 ? 3.58898   -7.59360  -4.73637  1.000 22.65713 ? 17  MET A C   1 
ATOM   96  O O   . MET A 1 17 ? 4.04354   -6.50880  -4.35728  1.000 22.58319 ? 17  MET A O   1 
ATOM   97  C CB  . MET A 1 17 ? 2.41399   -7.61369  -6.96634  1.000 23.18467 ? 17  MET A CB  1 
ATOM   98  C CG  . MET A 1 17 ? 2.63711   -7.48668  -8.47101  1.000 41.77267 ? 17  MET A CG  1 
ATOM   99  S SD  . MET A 1 17 ? 1.25981   -6.69717  -9.32646  1.000 45.98597 ? 17  MET A SD  1 
ATOM   100 C CE  . MET A 1 17 ? 0.71522   -5.59464  -8.01518  1.000 15.48089 ? 17  MET A CE  1 
ATOM   101 N N   . GLN A 1 18 ? 3.00848   -8.45726  -3.89236  1.000 22.49449 ? 18  GLN A N   1 
ATOM   102 C CA  . GLN A 1 18 ? 3.00838   -8.20256  -2.45276  1.000 22.29144 ? 18  GLN A CA  1 
ATOM   103 C C   . GLN A 1 18 ? 4.42418   -8.04606  -1.92500  1.000 23.60349 ? 18  GLN A C   1 
ATOM   104 O O   . GLN A 1 18 ? 4.70344   -7.14564  -1.12266  1.000 23.96410 ? 18  GLN A O   1 
ATOM   105 C CB  . GLN A 1 18 ? 2.30469   -9.33110  -1.70216  1.000 18.37265 ? 18  GLN A CB  1 
ATOM   106 C CG  . GLN A 1 18 ? 0.80783   -9.40282  -1.90453  1.000 19.57120 ? 18  GLN A CG  1 
ATOM   107 C CD  . GLN A 1 18 ? 0.19073   -10.49364 -1.04656  1.000 28.26110 ? 18  GLN A CD  1 
ATOM   108 O OE1 . GLN A 1 18 ? 0.55178   -10.64720 0.11645   1.000 28.41117 ? 18  GLN A OE1 1 
ATOM   109 N NE2 . GLN A 1 18 ? -0.72556  -11.26603 -1.62029  1.000 29.26242 ? 18  GLN A NE2 1 
ATOM   110 N N   . GLN A 1 19 ? 5.33194   -8.93368  -2.34625  1.000 21.20387 ? 19  GLN A N   1 
ATOM   111 C CA  . GLN A 1 19 ? 6.71550   -8.83349  -1.88634  1.000 28.45604 ? 19  GLN A CA  1 
ATOM   112 C C   . GLN A 1 19 ? 7.36947   -7.56139  -2.40483  1.000 23.08446 ? 19  GLN A C   1 
ATOM   113 O O   . GLN A 1 19 ? 8.17874   -6.93572  -1.70886  1.000 24.49805 ? 19  GLN A O   1 
ATOM   114 C CB  . GLN A 1 19 ? 7.51816   -10.05528 -2.33132  1.000 33.15119 ? 19  GLN A CB  1 
ATOM   115 C CG  . GLN A 1 19 ? 8.93063   -10.07500 -1.76987  1.000 28.82589 ? 19  GLN A CG  1 
ATOM   116 C CD  . GLN A 1 19 ? 8.93952   -10.12672 -0.25461  1.000 40.61235 ? 19  GLN A CD  1 
ATOM   117 O OE1 . GLN A 1 19 ? 8.23184   -10.93470 0.35178   1.000 45.08490 ? 19  GLN A OE1 1 
ATOM   118 N NE2 . GLN A 1 19 ? 9.72245   -9.24683  0.36867   1.000 36.50627 ? 19  GLN A NE2 1 
ATOM   119 N N   . ASP A 1 20 ? 7.03585   -7.17246  -3.62894  1.000 19.77681 ? 20  ASP A N   1 
ATOM   120 C CA  . ASP A 1 20 ? 7.55424   -5.92566  -4.17818  1.000 19.75130 ? 20  ASP A CA  1 
ATOM   121 C C   . ASP A 1 20 ? 7.04180   -4.72347  -3.39235  1.000 19.58977 ? 20  ASP A C   1 
ATOM   122 O O   . ASP A 1 20 ? 7.79188   -3.77269  -3.13627  1.000 19.70126 ? 20  ASP A O   1 
ATOM   123 C CB  . ASP A 1 20 ? 7.15953   -5.82121  -5.64752  1.000 29.20848 ? 20  ASP A CB  1 
ATOM   124 C CG  . ASP A 1 20 ? 8.23851   -5.19373  -6.49037  1.000 46.24054 ? 20  ASP A CG  1 
ATOM   125 O OD1 . ASP A 1 20 ? 9.20048   -4.64564  -5.90796  1.000 45.54648 ? 20  ASP A OD1 1 
ATOM   126 O OD2 . ASP A 1 20 ? 8.13180   -5.25961  -7.73391  1.000 66.16309 ? 20  ASP A OD2 1 
ATOM   127 N N   . ALA A 1 21 ? 5.76788   -4.75460  -2.98785  1.000 17.24999 ? 21  ALA A N   1 
ATOM   128 C CA  . ALA A 1 21 ? 5.22177   -3.68048  -2.16110  1.000 14.49237 ? 21  ALA A CA  1 
ATOM   129 C C   . ALA A 1 21 ? 5.98899   -3.55419  -0.84926  1.000 19.15672 ? 21  ALA A C   1 
ATOM   130 O O   . ALA A 1 21 ? 6.35009   -2.44873  -0.42754  1.000 19.47566 ? 21  ALA A O   1 
ATOM   131 C CB  . ALA A 1 21 ? 3.73276   -3.93659  -1.89783  1.000 17.10708 ? 21  ALA A CB  1 
ATOM   132 N N   . VAL A 1 22 ? 6.23816   -4.68413  -0.18503  1.000 17.69035 ? 22  VAL A N   1 
ATOM   133 C CA  . VAL A 1 22 ? 6.94078   -4.67168  1.09436   1.000 19.06139 ? 22  VAL A CA  1 
ATOM   134 C C   . VAL A 1 22 ? 8.37200   -4.18607  0.90796   1.000 19.35059 ? 22  VAL A C   1 
ATOM   135 O O   . VAL A 1 22 ? 8.87797   -3.36810  1.68927   1.000 19.52486 ? 22  VAL A O   1 
ATOM   136 C CB  . VAL A 1 22 ? 6.90181   -6.07135  1.73094   1.000 20.89597 ? 22  VAL A CB  1 
ATOM   137 C CG1 . VAL A 1 22 ? 7.75375   -6.08987  2.99492   1.000 21.99660 ? 22  VAL A CG1 1 
ATOM   138 C CG2 . VAL A 1 22 ? 5.46650   -6.46609  2.01890   1.000 19.99970 ? 22  VAL A CG2 1 
ATOM   139 N N   . ASP A 1 23 ? 9.04477   -4.68366  -0.13552  1.000 16.64729 ? 23  ASP A N   1 
ATOM   140 C CA  . ASP A 1 23 ? 10.41715  -4.25575  -0.42272  1.000 21.72759 ? 23  ASP A CA  1 
ATOM   141 C C   . ASP A 1 23 ? 10.47998  -2.75830  -0.68809  1.000 26.00766 ? 23  ASP A C   1 
ATOM   142 O O   . ASP A 1 23 ? 11.39907  -2.06932  -0.23197  1.000 23.33603 ? 23  ASP A O   1 
ATOM   143 C CB  . ASP A 1 23 ? 10.96870  -5.00619  -1.63760  1.000 25.86727 ? 23  ASP A CB  1 
ATOM   144 C CG  . ASP A 1 23 ? 11.25424  -6.46448  -1.35291  1.000 32.01687 ? 23  ASP A CG  1 
ATOM   145 O OD1 . ASP A 1 23 ? 11.21517  -6.87144  -0.17156  1.000 33.36450 ? 23  ASP A OD1 1 
ATOM   146 O OD2 . ASP A 1 23 ? 11.50662  -7.20817  -2.32707  1.000 34.22554 ? 23  ASP A OD2 1 
ATOM   147 N N   . CYS A 1 24 ? 9.51003   -2.24556  -1.43720  1.000 21.82144 ? 24  CYS A N   1 
ATOM   148 C CA  . CYS A 1 24 ? 9.46351   -0.82192  -1.75274  1.000 17.98441 ? 24  CYS A CA  1 
ATOM   149 C C   . CYS A 1 24 ? 9.23933   0.01409   -0.49535  1.000 17.64653 ? 24  CYS A C   1 
ATOM   150 O O   . CYS A 1 24 ? 9.94793   1.00061   -0.24665  1.000 20.02608 ? 24  CYS A O   1 
ATOM   151 C CB  . CYS A 1 24 ? 8.36006   -0.59527  -2.78122  1.000 23.95359 ? 24  CYS A CB  1 
ATOM   152 S SG  . CYS A 1 24 ? 8.07007   1.09785   -3.14273  1.000 25.86049 ? 24  CYS A SG  1 
ATOM   153 N N   . ALA A 1 25 ? 8.26626   -0.37963  0.32792   1.000 18.13896 ? 25  ALA A N   1 
ATOM   154 C CA  . ALA A 1 25 ? 8.01848   0.34240   1.57288   1.000 17.35558 ? 25  ALA A CA  1 
ATOM   155 C C   . ALA A 1 25 ? 9.21730   0.28242   2.50793   1.000 20.72845 ? 25  ALA A C   1 
ATOM   156 O O   . ALA A 1 25 ? 9.47030   1.23321   3.25637   1.000 17.88512 ? 25  ALA A O   1 
ATOM   157 C CB  . ALA A 1 25 ? 6.77747   -0.21799  2.26770   1.000 16.77985 ? 25  ALA A CB  1 
ATOM   158 N N   . THR A 1 26 ? 9.96200   -0.82450  2.49113   1.000 17.75542 ? 26  THR A N   1 
ATOM   159 C CA  . THR A 1 26 ? 11.15202  -0.91566  3.32774   1.000 19.71116 ? 26  THR A CA  1 
ATOM   160 C C   . THR A 1 26 ? 12.17889  0.13329   2.93112   1.000 17.59989 ? 26  THR A C   1 
ATOM   161 O O   . THR A 1 26 ? 12.77126  0.79047   3.79708   1.000 19.27333 ? 26  THR A O   1 
ATOM   162 C CB  . THR A 1 26 ? 11.73995  -2.32247  3.23568   1.000 24.57129 ? 26  THR A CB  1 
ATOM   163 O OG1 . THR A 1 26 ? 10.78555  -3.23906  3.77319   1.000 22.54277 ? 26  THR A OG1 1 
ATOM   164 C CG2 . THR A 1 26 ? 13.03473  -2.42394  4.02599   1.000 24.46130 ? 26  THR A CG2 1 
ATOM   165 N N   . GLN A 1 27 ? 12.37590  0.33626   1.62574   1.000 17.57091 ? 27  GLN A N   1 
ATOM   166 C CA  . GLN A 1 27 ? 13.29278  1.38428   1.19066   1.000 22.14594 ? 27  GLN A CA  1 
ATOM   167 C C   . GLN A 1 27 ? 12.75515  2.76081   1.55108   1.000 22.01882 ? 27  GLN A C   1 
ATOM   168 O O   . GLN A 1 27 ? 13.51425  3.63507   1.98888   1.000 19.99047 ? 27  GLN A O   1 
ATOM   169 C CB  . GLN A 1 27 ? 13.54179  1.26494   -0.30836  1.000 22.62660 ? 27  GLN A CB  1 
ATOM   170 C CG  . GLN A 1 27 ? 14.20996  -0.04441  -0.67011  1.000 25.52426 ? 27  GLN A CG  1 
ATOM   171 C CD  . GLN A 1 27 ? 14.31236  -0.26800  -2.15869  1.000 49.02430 ? 27  GLN A CD  1 
ATOM   172 O OE1 . GLN A 1 27 ? 13.74010  -1.22134  -2.70134  1.000 50.37155 ? 27  GLN A OE1 1 
ATOM   173 N NE2 . GLN A 1 27 ? 15.04325  0.61132   -2.83687  1.000 60.17724 ? 27  GLN A NE2 1 
ATOM   174 N N   . ALA A 1 28 ? 11.44120  2.96336   1.39075   1.000 17.68448 ? 28  ALA A N   1 
ATOM   175 C CA  . ALA A 1 28 ? 10.83858  4.24415   1.73269   1.000 18.56539 ? 28  ALA A CA  1 
ATOM   176 C C   . ALA A 1 28 ? 11.02830  4.56748   3.20923   1.000 19.71836 ? 28  ALA A C   1 
ATOM   177 O O   . ALA A 1 28 ? 11.34081  5.71080   3.56267   1.000 18.87061 ? 28  ALA A O   1 
ATOM   178 C CB  . ALA A 1 28 ? 9.34954   4.23314   1.37485   1.000 17.40203 ? 28  ALA A CB  1 
ATOM   179 N N   . LEU A 1 29 ? 10.84247  3.57205   4.08897   1.000 17.36618 ? 29  LEU A N   1 
ATOM   180 C CA  . LEU A 1 29 ? 11.00431  3.80864   5.52426   1.000 19.63800 ? 29  LEU A CA  1 
ATOM   181 C C   . LEU A 1 29 ? 12.44982  4.12042   5.90331   1.000 21.48726 ? 29  LEU A C   1 
ATOM   182 O O   . LEU A 1 29 ? 12.68616  4.84823   6.87268   1.000 22.99347 ? 29  LEU A O   1 
ATOM   183 C CB  . LEU A 1 29 ? 10.51202  2.59942   6.32027   1.000 19.95704 ? 29  LEU A CB  1 
ATOM   184 C CG  . LEU A 1 29 ? 9.00381   2.37923   6.38583   1.000 26.57972 ? 29  LEU A CG  1 
ATOM   185 C CD1 . LEU A 1 29 ? 8.70067   1.18701   7.27335   1.000 33.04218 ? 29  LEU A CD1 1 
ATOM   186 C CD2 . LEU A 1 29 ? 8.34828   3.60084   6.94960   1.000 29.89745 ? 29  LEU A CD2 1 
ATOM   187 N N   . GLU A 1 30 ? 13.42264  3.57091   5.17449   1.000 22.06853 ? 30  GLU A N   1 
ATOM   188 C CA  . GLU A 1 30 ? 14.82069  3.93347   5.40281   1.000 19.66922 ? 30  GLU A CA  1 
ATOM   189 C C   . GLU A 1 30 ? 15.08997  5.38528   5.03105   1.000 25.05799 ? 30  GLU A C   1 
ATOM   190 O O   . GLU A 1 30 ? 15.93691  6.04268   5.64541   1.000 26.69981 ? 30  GLU A O   1 
ATOM   191 C CB  . GLU A 1 30 ? 15.75363  3.04556   4.57946   1.000 29.93439 ? 30  GLU A CB  1 
ATOM   192 C CG  . GLU A 1 30 ? 15.93537  1.62224   5.05495   1.000 42.03913 ? 30  GLU A CG  1 
ATOM   193 C CD  . GLU A 1 30 ? 16.60798  0.76398   3.98845   1.000 64.76392 ? 30  GLU A CD  1 
ATOM   194 O OE1 . GLU A 1 30 ? 16.38275  -0.46890  3.97136   1.000 64.02521 ? 30  GLU A OE1 1 
ATOM   195 O OE2 . GLU A 1 30 ? 17.34898  1.33536   3.15256   1.000 68.45720 ? 30  GLU A OE2 1 
ATOM   196 N N   . LYS A 1 31 ? 14.41046  5.88707   4.00603   1.000 16.79372 ? 31  LYS A N   1 
ATOM   197 C CA  . LYS A 1 31 ? 14.70695  7.20880   3.46372   1.000 16.28793 ? 31  LYS A CA  1 
ATOM   198 C C   . LYS A 1 31 ? 13.92205  8.32339   4.13220   1.000 21.50920 ? 31  LYS A C   1 
ATOM   199 O O   . LYS A 1 31 ? 14.43050  9.44756   4.23610   1.000 18.82932 ? 31  LYS A O   1 
ATOM   200 C CB  . LYS A 1 31 ? 14.40565  7.23245   1.96187   1.000 16.02607 ? 31  LYS A CB  1 
ATOM   201 C CG  . LYS A 1 31 ? 15.26905  6.29147   1.11555   1.000 18.11337 ? 31  LYS A CG  1 
ATOM   202 C CD  . LYS A 1 31 ? 14.85458  6.37489   -0.36530  1.000 16.24983 ? 31  LYS A CD  1 
ATOM   203 C CE  . LYS A 1 31 ? 15.67351  5.44327   -1.23555  1.000 18.43046 ? 31  LYS A CE  1 
ATOM   204 N NZ  . LYS A 1 31 ? 17.10182  5.84266   -1.19025  1.000 21.98108 ? 31  LYS A NZ  1 
ATOM   205 N N   . TYR A 1 32 ? 12.68749  8.05257   4.56246   1.000 17.66590 ? 32  TYR A N   1 
ATOM   206 C CA  . TYR A 1 32 ? 11.75268  9.10019   4.94827   1.000 14.13346 ? 32  TYR A CA  1 
ATOM   207 C C   . TYR A 1 32 ? 11.10231  8.76625   6.27655   1.000 20.36650 ? 32  TYR A C   1 
ATOM   208 O O   . TYR A 1 32 ? 10.79701  7.60100   6.55491   1.000 20.69327 ? 32  TYR A O   1 
ATOM   209 C CB  . TYR A 1 32 ? 10.65139  9.29146   3.87297   1.000 15.73843 ? 32  TYR A CB  1 
ATOM   210 C CG  . TYR A 1 32 ? 11.25914  9.42400   2.51040   1.000 14.70495 ? 32  TYR A CG  1 
ATOM   211 C CD1 . TYR A 1 32 ? 12.13506  10.47121  2.22834   1.000 16.73757 ? 32  TYR A CD1 1 
ATOM   212 C CD2 . TYR A 1 32 ? 11.01471  8.47378   1.52172   1.000 15.08356 ? 32  TYR A CD2 1 
ATOM   213 C CE1 . TYR A 1 32 ? 12.74754  10.57735  0.98282   1.000 16.57289 ? 32  TYR A CE1 1 
ATOM   214 C CE2 . TYR A 1 32 ? 11.61405  8.57518   0.27401   1.000 13.48996 ? 32  TYR A CE2 1 
ATOM   215 C CZ  . TYR A 1 32 ? 12.47932  9.62580   0.01388   1.000 16.82219 ? 32  TYR A CZ  1 
ATOM   216 O OH  . TYR A 1 32 ? 13.08388  9.71608   -1.22303  1.000 19.50316 ? 32  TYR A OH  1 
ATOM   217 N N   . ASN A 1 33 ? 10.86566  9.79852   7.08409   1.000 19.47822 ? 33  ASN A N   1 
ATOM   218 C CA  . ASN A 1 33 ? 10.09083  9.63235   8.30351   1.000 22.63896 ? 33  ASN A CA  1 
ATOM   219 C C   . ASN A 1 33 ? 8.69680   10.23759  8.20827   1.000 27.22597 ? 33  ASN A C   1 
ATOM   220 O O   . ASN A 1 33 ? 7.84596   9.91888   9.04408   1.000 26.56217 ? 33  ASN A O   1 
ATOM   221 C CB  . ASN A 1 33 ? 10.83577  10.24450  9.50032   1.000 25.21800 ? 33  ASN A CB  1 
ATOM   222 C CG  . ASN A 1 33 ? 11.20072  11.70007  9.27614   1.000 39.38613 ? 33  ASN A CG  1 
ATOM   223 O OD1 . ASN A 1 33 ? 11.60460  12.09509  8.17769   1.000 47.26855 ? 33  ASN A OD1 1 
ATOM   224 N ND2 . ASN A 1 33 ? 11.05215  12.51133  10.31835  1.000 60.67631 ? 33  ASN A ND2 1 
ATOM   225 N N   . ILE A 1 34 ? 8.43724   11.08376  7.21398   1.000 19.18156 ? 34  ILE A N   1 
ATOM   226 C CA  . ILE A 1 34 ? 7.12889   11.70245  7.02936   1.000 15.95175 ? 34  ILE A CA  1 
ATOM   227 C C   . ILE A 1 34 ? 6.25599   10.75997  6.21288   1.000 17.66225 ? 34  ILE A C   1 
ATOM   228 O O   . ILE A 1 34 ? 6.67433   10.28307  5.15120   1.000 15.24932 ? 34  ILE A O   1 
ATOM   229 C CB  . ILE A 1 34 ? 7.26274   13.06523  6.33074   1.000 18.92278 ? 34  ILE A CB  1 
ATOM   230 C CG1 . ILE A 1 34 ? 8.18786   13.99011  7.12458   1.000 24.74153 ? 34  ILE A CG1 1 
ATOM   231 C CG2 . ILE A 1 34 ? 5.88058   13.68667  6.09904   1.000 23.35700 ? 34  ILE A CG2 1 
ATOM   232 C CD1 . ILE A 1 34 ? 7.71360   14.25920  8.53318   1.000 31.78266 ? 34  ILE A CD1 1 
ATOM   233 N N   . GLU A 1 35 ? 5.03730   10.49511  6.70634   1.000 15.15319 ? 35  GLU A N   1 
ATOM   234 C CA  . GLU A 1 35 ? 4.15409   9.52128   6.06227   1.000 16.22904 ? 35  GLU A CA  1 
ATOM   235 C C   . GLU A 1 35 ? 3.85635   9.88249   4.60606   1.000 14.41697 ? 35  GLU A C   1 
ATOM   236 O O   . GLU A 1 35 ? 3.80875   8.99472   3.73928   1.000 14.90937 ? 35  GLU A O   1 
ATOM   237 C CB  . GLU A 1 35 ? 2.85186   9.40630   6.85852   1.000 14.76303 ? 35  GLU A CB  1 
ATOM   238 C CG  . GLU A 1 35 ? 3.02716   8.73377   8.22237   1.000 21.15956 ? 35  GLU A CG  1 
ATOM   239 C CD  . GLU A 1 35 ? 3.47097   9.68426   9.34433   1.000 37.35481 ? 35  GLU A CD  1 
ATOM   240 O OE1 . GLU A 1 35 ? 3.92129   10.83827  9.07991   1.000 26.24226 ? 35  GLU A OE1 1 
ATOM   241 O OE2 . GLU A 1 35 ? 3.36208   9.25609   10.51584  1.000 50.05360 ? 35  GLU A OE2 1 
ATOM   242 N N   . LYS A 1 36 ? 3.63991   11.17253  4.31687   1.000 13.68805 ? 36  LYS A N   1 
ATOM   243 C CA  . LYS A 1 36 ? 3.37736   11.59504  2.93277   1.000 12.69372 ? 36  LYS A CA  1 
ATOM   244 C C   . LYS A 1 36 ? 4.52066   11.21733  1.99413   1.000 16.08970 ? 36  LYS A C   1 
ATOM   245 O O   . LYS A 1 36 ? 4.28674   10.79756  0.85001   1.000 14.97696 ? 36  LYS A O   1 
ATOM   246 C CB  . LYS A 1 36 ? 3.16245   13.10945  2.87631   1.000 16.81511 ? 36  LYS A CB  1 
ATOM   247 C CG  . LYS A 1 36 ? 3.03939   13.64177  1.46223   1.000 23.51507 ? 36  LYS A CG  1 
ATOM   248 C CD  . LYS A 1 36 ? 2.88553   15.15656  1.43602   1.000 39.70021 ? 36  LYS A CD  1 
ATOM   249 C CE  . LYS A 1 36 ? 4.14486   15.84986  1.92310   1.000 32.83560 ? 36  LYS A CE  1 
ATOM   250 N NZ  . LYS A 1 36 ? 5.31612   15.49407  1.06437   1.000 38.43601 ? 36  LYS A NZ  1 
ATOM   251 N N   . ASP A 1 37 ? 5.76523   11.41392  2.44231   1.000 12.65717 ? 37  ASP A N   1 
ATOM   252 C CA  . ASP A 1 37 ? 6.92527   11.07402  1.62579   1.000 15.10895 ? 37  ASP A CA  1 
ATOM   253 C C   . ASP A 1 37 ? 7.01671   9.57327   1.40407   1.000 15.69470 ? 37  ASP A C   1 
ATOM   254 O O   . ASP A 1 37 ? 7.33289   9.12514   0.29833   1.000 15.10310 ? 37  ASP A O   1 
ATOM   255 C CB  . ASP A 1 37 ? 8.21713   11.57146  2.28099   1.000 14.00966 ? 37  ASP A CB  1 
ATOM   256 C CG  . ASP A 1 37 ? 8.27427   13.08583  2.42661   1.000 22.41589 ? 37  ASP A CG  1 
ATOM   257 O OD1 . ASP A 1 37 ? 7.51307   13.80687  1.74606   1.000 19.97651 ? 37  ASP A OD1 1 
ATOM   258 O OD2 . ASP A 1 37 ? 9.10479   13.55192  3.23067   1.000 22.21269 ? 37  ASP A OD2 1 
ATOM   259 N N   . ILE A 1 38 ? 6.79496   8.78037   2.45616   1.000 11.13371 ? 38  ILE A N   1 
ATOM   260 C CA  . ILE A 1 38 ? 6.76204   7.32598   2.29362   1.000 10.18901 ? 38  ILE A CA  1 
ATOM   261 C C   . ILE A 1 38 ? 5.71819   6.93194   1.25569   1.000 13.88601 ? 38  ILE A C   1 
ATOM   262 O O   . ILE A 1 38 ? 5.98728   6.14455   0.33734   1.000 15.24651 ? 38  ILE A O   1 
ATOM   263 C CB  . ILE A 1 38 ? 6.48586   6.65604   3.64960   1.000 14.23298 ? 38  ILE A CB  1 
ATOM   264 C CG1 . ILE A 1 38 ? 7.63196   6.96415   4.62384   1.000 14.78006 ? 38  ILE A CG1 1 
ATOM   265 C CG2 . ILE A 1 38 ? 6.33429   5.14956   3.46774   1.000 15.45728 ? 38  ILE A CG2 1 
ATOM   266 C CD1 . ILE A 1 38 ? 7.24550   6.77130   6.07444   1.000 15.96480 ? 38  ILE A CD1 1 
ATOM   267 N N   . ALA A 1 39 ? 4.50878   7.48776   1.38775   1.000 10.78136 ? 39  ALA A N   1 
ATOM   268 C CA  . ALA A 1 39 ? 3.41833   7.18141   0.46816   1.000 9.41344  ? 39  ALA A CA  1 
ATOM   269 C C   . ALA A 1 39 ? 3.78376   7.55901   -0.95498  1.000 16.40548 ? 39  ALA A C   1 
ATOM   270 O O   . ALA A 1 39 ? 3.55459   6.78498   -1.89488  1.000 14.04870 ? 39  ALA A O   1 
ATOM   271 C CB  . ALA A 1 39 ? 2.14583   7.92135   0.89152   1.000 12.72087 ? 39  ALA A CB  1 
ATOM   272 N N   . ALA A 1 40 ? 4.34322   8.75703   -1.13291  1.000 14.17021 ? 40  ALA A N   1 
ATOM   273 C CA  . ALA A 1 40 ? 4.66442   9.24137   -2.47581  1.000 12.70863 ? 40  ALA A CA  1 
ATOM   274 C C   . ALA A 1 40 ? 5.75013   8.39600   -3.12361  1.000 14.93526 ? 40  ALA A C   1 
ATOM   275 O O   . ALA A 1 40 ? 5.68755   8.09712   -4.32622  1.000 14.28981 ? 40  ALA A O   1 
ATOM   276 C CB  . ALA A 1 40 ? 5.10049   10.70388  -2.40791  1.000 13.42974 ? 40  ALA A CB  1 
ATOM   277 N N   . TYR A 1 41 ? 6.74846   7.99225   -2.33905  1.000 13.84444 ? 41  TYR A N   1 
ATOM   278 C CA  . TYR A 1 41 ? 7.79269   7.12172   -2.86411  1.000 14.10197 ? 41  TYR A CA  1 
ATOM   279 C C   . TYR A 1 41 ? 7.20499   5.81769   -3.38841  1.000 14.58047 ? 41  TYR A C   1 
ATOM   280 O O   . TYR A 1 41 ? 7.54065   5.36867   -4.49511  1.000 14.28394 ? 41  TYR A O   1 
ATOM   281 C CB  . TYR A 1 41 ? 8.82542   6.84718   -1.77891  1.000 17.64102 ? 41  TYR A CB  1 
ATOM   282 C CG  . TYR A 1 41 ? 10.00231  5.99571   -2.22222  1.000 16.77929 ? 41  TYR A CG  1 
ATOM   283 C CD1 . TYR A 1 41 ? 9.97295   4.61009   -2.09835  1.000 18.06804 ? 41  TYR A CD1 1 
ATOM   284 C CD2 . TYR A 1 41 ? 11.15751  6.58597   -2.73869  1.000 16.98092 ? 41  TYR A CD2 1 
ATOM   285 C CE1 . TYR A 1 41 ? 11.05579  3.82763   -2.49238  1.000 18.26994 ? 41  TYR A CE1 1 
ATOM   286 C CE2 . TYR A 1 41 ? 12.24417  5.80708   -3.13697  1.000 19.27726 ? 41  TYR A CE2 1 
ATOM   287 C CZ  . TYR A 1 41 ? 12.18527  4.43793   -3.00733  1.000 24.04451 ? 41  TYR A CZ  1 
ATOM   288 O OH  . TYR A 1 41 ? 13.26540  3.68121   -3.39791  1.000 26.11907 ? 41  TYR A OH  1 
ATOM   289 N N   . ILE A 1 42 ? 6.33816   5.18624   -2.59299  1.000 13.32975 ? 42  ILE A N   1 
ATOM   290 C CA  . ILE A 1 42 ? 5.73524   3.91244   -2.98226  1.000 14.51562 ? 42  ILE A CA  1 
ATOM   291 C C   . ILE A 1 42 ? 4.82243   4.09575   -4.18981  1.000 14.51548 ? 42  ILE A C   1 
ATOM   292 O O   . ILE A 1 42 ? 4.87782   3.31689   -5.15767  1.000 13.24084 ? 42  ILE A O   1 
ATOM   293 C CB  . ILE A 1 42 ? 4.96907   3.30142   -1.79088  1.000 14.52451 ? 42  ILE A CB  1 
ATOM   294 C CG1 . ILE A 1 42 ? 5.89985   3.03606   -0.61067  1.000 13.64602 ? 42  ILE A CG1 1 
ATOM   295 C CG2 . ILE A 1 42 ? 4.29640   2.00923   -2.21038  1.000 15.08278 ? 42  ILE A CG2 1 
ATOM   296 C CD1 . ILE A 1 42 ? 5.15620   2.70799   0.69530   1.000 16.11844 ? 42  ILE A CD1 1 
ATOM   297 N N   . LYS A 1 43 ? 3.95449   5.11241   -4.14596  1.000 14.10526 ? 43  LYS A N   1 
ATOM   298 C CA  . LYS A 1 43 ? 3.01175   5.33790   -5.24379  1.000 13.18252 ? 43  LYS A CA  1 
ATOM   299 C C   . LYS A 1 43 ? 3.75295   5.55198   -6.56132  1.000 14.34683 ? 43  LYS A C   1 
ATOM   300 O O   . LYS A 1 43 ? 3.37897   4.99027   -7.60461  1.000 13.73666 ? 43  LYS A O   1 
ATOM   301 C CB  . LYS A 1 43 ? 2.11559   6.54022   -4.92156  1.000 14.22781 ? 43  LYS A CB  1 
ATOM   302 C CG  . LYS A 1 43 ? 1.09962   6.96955   -6.02707  1.000 12.79550 ? 43  LYS A CG  1 
ATOM   303 C CD  . LYS A 1 43 ? 1.70904   7.95844   -7.05237  1.000 12.74361 ? 43  LYS A CD  1 
ATOM   304 C CE  . LYS A 1 43 ? 0.63673   8.73413   -7.80975  1.000 14.44414 ? 43  LYS A CE  1 
ATOM   305 N NZ  . LYS A 1 43 ? -0.19529  7.83827   -8.67050  1.000 15.36452 ? 43  LYS A NZ  1 
ATOM   306 N N   . LYS A 1 44 ? 4.80605   6.37307   -6.53282  1.000 12.46790 ? 44  LYS A N   1 
ATOM   307 C CA  . LYS A 1 44 ? 5.52168   6.68681   -7.76961  1.000 16.91661 ? 44  LYS A CA  1 
ATOM   308 C C   . LYS A 1 44 ? 6.27195   5.46836   -8.29470  1.000 16.74709 ? 44  LYS A C   1 
ATOM   309 O O   . LYS A 1 44 ? 6.36516   5.26989   -9.51409  1.000 17.52432 ? 44  LYS A O   1 
ATOM   310 C CB  . LYS A 1 44 ? 6.48418   7.85807   -7.54534  1.000 14.57635 ? 44  LYS A CB  1 
ATOM   311 C CG  . LYS A 1 44 ? 5.77519   9.20546   -7.38398  1.000 14.63874 ? 44  LYS A CG  1 
ATOM   312 C CD  . LYS A 1 44 ? 6.72683   10.31120  -6.91260  1.000 14.50178 ? 44  LYS A CD  1 
ATOM   313 C CE  . LYS A 1 44 ? 5.94022   11.57506  -6.54287  1.000 12.74715 ? 44  LYS A CE  1 
ATOM   314 N NZ  . LYS A 1 44 ? 5.32331   12.20403  -7.75830  1.000 15.94442 ? 44  LYS A NZ  1 
ATOM   315 N N   . GLU A 1 45 ? 6.81970   4.64433   -7.39748  1.000 15.10289 ? 45  GLU A N   1 
ATOM   316 C CA  . GLU A 1 45 ? 7.49040   3.42729   -7.84934  1.000 16.49634 ? 45  GLU A CA  1 
ATOM   317 C C   . GLU A 1 45 ? 6.50166   2.47420   -8.50853  1.000 17.72306 ? 45  GLU A C   1 
ATOM   318 O O   . GLU A 1 45 ? 6.80288   1.87339   -9.54625  1.000 18.23537 ? 45  GLU A O   1 
ATOM   319 C CB  . GLU A 1 45 ? 8.21125   2.72832   -6.69203  1.000 20.83829 ? 45  GLU A CB  1 
ATOM   320 C CG  . GLU A 1 45 ? 8.94370   1.45656   -7.17441  1.000 23.83346 ? 45  GLU A CG  1 
ATOM   321 C CD  . GLU A 1 45 ? 9.93275   0.88048   -6.16797  1.000 38.25321 ? 45  GLU A CD  1 
ATOM   322 O OE1 . GLU A 1 45 ? 10.02902  -0.36539  -6.08445  1.000 47.30940 ? 45  GLU A OE1 1 
ATOM   323 O OE2 . GLU A 1 45 ? 10.62572  1.65859   -5.47065  1.000 27.07580 ? 45  GLU A OE2 1 
ATOM   324 N N   . PHE A 1 46 ? 5.30889   2.33559   -7.93098  1.000 17.20672 ? 46  PHE A N   1 
ATOM   325 C CA  . PHE A 1 46 ? 4.35261   1.38459   -8.48346  1.000 15.05044 ? 46  PHE A CA  1 
ATOM   326 C C   . PHE A 1 46 ? 3.74600   1.89339   -9.78593  1.000 16.22282 ? 46  PHE A C   1 
ATOM   327 O O   . PHE A 1 46 ? 3.49043   1.09609   -10.69811 1.000 19.82062 ? 46  PHE A O   1 
ATOM   328 C CB  . PHE A 1 46 ? 3.28670   1.04099   -7.44268  1.000 15.06695 ? 46  PHE A CB  1 
ATOM   329 C CG  . PHE A 1 46 ? 3.61118   -0.20528  -6.69838  1.000 17.90253 ? 46  PHE A CG  1 
ATOM   330 C CD1 . PHE A 1 46 ? 4.79495   -0.29384  -5.97492  1.000 19.28194 ? 46  PHE A CD1 1 
ATOM   331 C CD2 . PHE A 1 46 ? 2.78170   -1.31785  -6.77005  1.000 18.20026 ? 46  PHE A CD2 1 
ATOM   332 C CE1 . PHE A 1 46 ? 5.13457   -1.46838  -5.30955  1.000 22.46833 ? 46  PHE A CE1 1 
ATOM   333 C CE2 . PHE A 1 46 ? 3.11417   -2.48807  -6.10804  1.000 16.90846 ? 46  PHE A CE2 1 
ATOM   334 C CZ  . PHE A 1 46 ? 4.29858   -2.56037  -5.37431  1.000 19.86315 ? 46  PHE A CZ  1 
ATOM   335 N N   . ASP A 1 47 ? 3.53534   3.21262   -9.91179  1.000 15.94572 ? 47  ASP A N   1 
ATOM   336 C CA  . ASP A 1 47 ? 3.12348   3.76658   -11.20508 1.000 16.42660 ? 47  ASP A CA  1 
ATOM   337 C C   . ASP A 1 47 ? 4.12416   3.38887   -12.29166 1.000 23.59676 ? 47  ASP A C   1 
ATOM   338 O O   . ASP A 1 47 ? 3.73913   3.02123   -13.40650 1.000 20.60968 ? 47  ASP A O   1 
ATOM   339 C CB  . ASP A 1 47 ? 3.01547   5.29159   -11.15320 1.000 15.32335 ? 47  ASP A CB  1 
ATOM   340 C CG  . ASP A 1 47 ? 1.66754   5.79499   -10.63418 1.000 21.44864 ? 47  ASP A CG  1 
ATOM   341 O OD1 . ASP A 1 47 ? 0.75813   4.98306   -10.37910 1.000 21.06959 ? 47  ASP A OD1 1 
ATOM   342 O OD2 . ASP A 1 47 ? 1.52002   7.03135   -10.48857 1.000 19.38411 ? 47  ASP A OD2 1 
ATOM   343 N N   . LYS A 1 48 ? 5.41762   3.46366   -11.97104 1.000 20.01475 ? 48  LYS A N   1 
ATOM   344 C CA  . LYS A 1 48 ? 6.45878   3.24962   -12.96964 1.000 24.47451 ? 48  LYS A CA  1 
ATOM   345 C C   . LYS A 1 48 ? 6.59114   1.77283   -13.32064 1.000 28.05437 ? 48  LYS A C   1 
ATOM   346 O O   . LYS A 1 48 ? 6.65516   1.42128   -14.50416 1.000 23.92229 ? 48  LYS A O   1 
ATOM   347 C CB  . LYS A 1 48 ? 7.77942   3.83182   -12.44855 1.000 18.38487 ? 48  LYS A CB  1 
ATOM   348 C CG  . LYS A 1 48 ? 8.92575   3.86318   -13.43109 1.000 25.69262 ? 48  LYS A CG  1 
ATOM   349 C CD  . LYS A 1 48 ? 10.14480  4.47776   -12.75180 1.000 28.98586 ? 48  LYS A CD  1 
ATOM   350 C CE  . LYS A 1 48 ? 11.42241  4.02498   -13.41870 1.000 43.52952 ? 48  LYS A CE  1 
ATOM   351 N NZ  . LYS A 1 48 ? 11.43863  4.42605   -14.84300 1.000 49.95317 ? 48  LYS A NZ  1 
ATOM   352 N N   . LYS A 1 49 ? 6.58967   0.89592   -12.31182 1.000 22.40397 ? 49  LYS A N   1 
ATOM   353 C CA  . LYS A 1 49 ? 6.79468   -0.53451  -12.53167 1.000 25.67938 ? 49  LYS A CA  1 
ATOM   354 C C   . LYS A 1 49 ? 5.54747   -1.22466  -13.05981 1.000 29.66915 ? 49  LYS A C   1 
ATOM   355 O O   . LYS A 1 49 ? 5.64816   -2.16270  -13.85871 1.000 26.57529 ? 49  LYS A O   1 
ATOM   356 C CB  . LYS A 1 49 ? 7.20443   -1.22842  -11.23663 1.000 26.72005 ? 49  LYS A CB  1 
ATOM   357 C CG  . LYS A 1 49 ? 8.67408   -1.30232  -10.93897 1.000 44.21853 ? 49  LYS A CG  1 
ATOM   358 C CD  . LYS A 1 49 ? 8.87985   -2.25651  -9.76815  1.000 47.24763 ? 49  LYS A CD  1 
ATOM   359 C CE  . LYS A 1 49 ? 9.99271   -1.79825  -8.85483  1.000 46.53545 ? 49  LYS A CE  1 
ATOM   360 N NZ  . LYS A 1 49 ? 10.06108  -2.64253  -7.62707  1.000 37.17693 ? 49  LYS A NZ  1 
ATOM   361 N N   . TYR A 1 50 ? 4.36966   -0.81653  -12.59287 1.000 20.99162 ? 50  TYR A N   1 
ATOM   362 C CA  . TYR A 1 50 ? 3.15042   -1.57589  -12.83683 1.000 26.66005 ? 50  TYR A CA  1 
ATOM   363 C C   . TYR A 1 50 ? 2.07644   -0.77018  -13.54658 1.000 24.93254 ? 50  TYR A C   1 
ATOM   364 O O   . TYR A 1 50 ? 0.92105   -1.20764  -13.57418 1.000 30.08338 ? 50  TYR A O   1 
ATOM   365 C CB  . TYR A 1 50 ? 2.58881   -2.12518  -11.52015 1.000 23.90970 ? 50  TYR A CB  1 
ATOM   366 C CG  . TYR A 1 50 ? 3.51400   -3.08474  -10.81624 1.000 23.95878 ? 50  TYR A CG  1 
ATOM   367 C CD1 . TYR A 1 50 ? 3.67058   -4.39251  -11.27009 1.000 28.99086 ? 50  TYR A CD1 1 
ATOM   368 C CD2 . TYR A 1 50 ? 4.23447   -2.68940  -9.69059  1.000 31.29511 ? 50  TYR A CD2 1 
ATOM   369 C CE1 . TYR A 1 50 ? 4.51951   -5.27204  -10.62427 1.000 31.80065 ? 50  TYR A CE1 1 
ATOM   370 C CE2 . TYR A 1 50 ? 5.08628   -3.56364  -9.04049  1.000 25.69415 ? 50  TYR A CE2 1 
ATOM   371 C CZ  . TYR A 1 50 ? 5.22239   -4.85473  -9.51121  1.000 34.20970 ? 50  TYR A CZ  1 
ATOM   372 O OH  . TYR A 1 50 ? 6.06602   -5.73206  -8.86883  1.000 39.97507 ? 50  TYR A OH  1 
ATOM   373 N N   . ASN A 1 51 ? 2.42466   0.38350   -14.11306 1.000 22.61938 ? 51  ASN A N   1 
ATOM   374 C CA  . ASN A 1 51 ? 1.54018   1.31914   -14.80736 1.000 23.19591 ? 51  ASN A CA  1 
ATOM   375 C C   . ASN A 1 51 ? 0.64193   2.06525   -13.82838 1.000 23.29690 ? 51  ASN A C   1 
ATOM   376 O O   . ASN A 1 51 ? 0.29319   1.53194   -12.76115 1.000 21.62581 ? 51  ASN A O   1 
ATOM   377 C CB  . ASN A 1 51 ? 0.68297   0.61218   -15.86592 1.000 26.80294 ? 51  ASN A CB  1 
ATOM   378 C CG  . ASN A 1 51 ? 1.51430   -0.02494  -16.95527 1.000 31.25369 ? 51  ASN A CG  1 
ATOM   379 O OD1 . ASN A 1 51 ? 2.49384   0.55409   -17.42194 1.000 36.94716 ? 51  ASN A OD1 1 
ATOM   380 N ND2 . ASN A 1 51 ? 1.13329   -1.22810  -17.35901 1.000 37.70912 ? 51  ASN A ND2 1 
ATOM   381 N N   . PRO A 1 52 ? 0.26362   3.30093   -14.15663 1.000 23.34693 ? 52  PRO A N   1 
ATOM   382 C CA  . PRO A 1 52 ? -0.71647  4.02963   -13.34168 1.000 21.47650 ? 52  PRO A CA  1 
ATOM   383 C C   . PRO A 1 52 ? -2.05480  3.30539   -13.35052 1.000 30.19559 ? 52  PRO A C   1 
ATOM   384 O O   . PRO A 1 52 ? -2.32818  2.47932   -14.22302 1.000 25.00039 ? 52  PRO A O   1 
ATOM   385 C CB  . PRO A 1 52 ? -0.81372  5.39596   -14.03696 1.000 23.31042 ? 52  PRO A CB  1 
ATOM   386 C CG  . PRO A 1 52 ? 0.37704   5.47596   -14.94991 1.000 27.71623 ? 52  PRO A CG  1 
ATOM   387 C CD  . PRO A 1 52 ? 0.71985   4.08174   -15.32035 1.000 27.97499 ? 52  PRO A CD  1 
ATOM   388 N N   . THR A 1 53 ? -2.91581  3.62630   -12.38525 1.000 19.36379 ? 53  THR A N   1 
ATOM   389 C CA  . THR A 1 53 ? -2.76513  4.71943   -11.43061 1.000 16.05190 ? 53  THR A CA  1 
ATOM   390 C C   . THR A 1 53 ? -2.85052  4.17290   -10.01815 1.000 17.70912 ? 53  THR A C   1 
ATOM   391 O O   . THR A 1 53 ? -3.87569  3.61106   -9.64053  1.000 16.68266 ? 53  THR A O   1 
ATOM   392 C CB  . THR A 1 53 ? -3.86172  5.76270   -11.62405 1.000 21.62700 ? 53  THR A CB  1 
ATOM   393 O OG1 . THR A 1 53 ? -3.80692  6.27475   -12.96350 1.000 22.45519 ? 53  THR A OG1 1 
ATOM   394 C CG2 . THR A 1 53 ? -3.71862  6.88728   -10.63862 1.000 19.87233 ? 53  THR A CG2 1 
ATOM   395 N N   . TRP A 1 54 ? -1.78611  4.34283   -9.24322  1.000 16.83585 ? 54  TRP A N   1 
ATOM   396 C CA  . TRP A 1 54 ? -1.73803  3.85095   -7.87155  1.000 15.86518 ? 54  TRP A CA  1 
ATOM   397 C C   . TRP A 1 54 ? -1.96981  4.98904   -6.87920  1.000 15.12986 ? 54  TRP A C   1 
ATOM   398 O O   . TRP A 1 54 ? -1.78850  6.16847   -7.19130  1.000 15.30664 ? 54  TRP A O   1 
ATOM   399 C CB  . TRP A 1 54 ? -0.38988  3.16797   -7.60177  1.000 12.48288 ? 54  TRP A CB  1 
ATOM   400 C CG  . TRP A 1 54 ? -0.22033  1.91700   -8.39661  1.000 15.37832 ? 54  TRP A CG  1 
ATOM   401 C CD1 . TRP A 1 54 ? 0.18775   1.81279   -9.70977  1.000 17.40639 ? 54  TRP A CD1 1 
ATOM   402 C CD2 . TRP A 1 54 ? -0.47664  0.58553   -7.94885  1.000 14.34688 ? 54  TRP A CD2 1 
ATOM   403 N NE1 . TRP A 1 54 ? 0.20278   0.48794   -10.09122 1.000 14.59333 ? 54  TRP A NE1 1 
ATOM   404 C CE2 . TRP A 1 54 ? -0.19962  -0.28447  -9.02987  1.000 17.31605 ? 54  TRP A CE2 1 
ATOM   405 C CE3 . TRP A 1 54 ? -0.90835  0.03741   -6.73518  1.000 14.33489 ? 54  TRP A CE3 1 
ATOM   406 C CZ2 . TRP A 1 54 ? -0.33894  -1.66883  -8.92715  1.000 17.27851 ? 54  TRP A CZ2 1 
ATOM   407 C CZ3 . TRP A 1 54 ? -1.04840  -1.35010  -6.63856  1.000 16.75330 ? 54  TRP A CZ3 1 
ATOM   408 C CH2 . TRP A 1 54 ? -0.76183  -2.17971  -7.72720  1.000 18.71763 ? 54  TRP A CH2 1 
ATOM   409 N N   . HIS A 1 55 ? -2.36162  4.60830   -5.65742  1.000 13.13156 ? 55  HIS A N   1 
ATOM   410 C CA  . HIS A 1 55 ? -2.65650  5.53182   -4.57503  1.000 12.14256 ? 55  HIS A CA  1 
ATOM   411 C C   . HIS A 1 55 ? -2.11291  4.90186   -3.30931  1.000 10.90021 ? 55  HIS A C   1 
ATOM   412 O O   . HIS A 1 55 ? -2.23302  3.69020   -3.12424  1.000 15.58409 ? 55  HIS A O   1 
ATOM   413 C CB  . HIS A 1 55 ? -4.16832  5.78281   -4.43628  1.000 14.17348 ? 55  HIS A CB  1 
ATOM   414 C CG  . HIS A 1 55 ? -4.85033  6.02703   -5.74771  1.000 15.36571 ? 55  HIS A CG  1 
ATOM   415 N ND1 . HIS A 1 55 ? -4.89951  7.27203   -6.33387  1.000 15.65867 ? 55  HIS A ND1 1 
ATOM   416 C CD2 . HIS A 1 55 ? -5.47585  5.18178   -6.60262  1.000 18.29276 ? 55  HIS A CD2 1 
ATOM   417 C CE1 . HIS A 1 55 ? -5.54896  7.19033   -7.48589  1.000 16.89832 ? 55  HIS A CE1 1 
ATOM   418 N NE2 . HIS A 1 55 ? -5.89996  5.93025   -7.67894  1.000 15.41727 ? 55  HIS A NE2 1 
ATOM   419 N N   . CYS A 1 56 ? -1.50694  5.70639   -2.44520  1.000 9.00182  ? 56  CYS A N   1 
ATOM   420 C CA  . CYS A 1 56 ? -0.90268  5.12925   -1.25152  1.000 12.91769 ? 56  CYS A CA  1 
ATOM   421 C C   . CYS A 1 56 ? -1.23066  5.97605   -0.03222  1.000 13.14554 ? 56  CYS A C   1 
ATOM   422 O O   . CYS A 1 56 ? -1.07462  7.19991   -0.06664  1.000 14.37050 ? 56  CYS A O   1 
ATOM   423 C CB  . CYS A 1 56 ? 0.61339   5.00613   -1.42532  1.000 11.45162 ? 56  CYS A CB  1 
ATOM   424 S SG  . CYS A 1 56 ? 1.38099   4.06087   -0.10814  1.000 14.95099 ? 56  CYS A SG  1 
ATOM   425 N N   . ILE A 1 57 ? -1.68050  5.32456   1.03929   1.000 12.65527 ? 57  ILE A N   1 
ATOM   426 C CA  . ILE A 1 57 ? -1.93775  5.97138   2.32451   1.000 12.26341 ? 57  ILE A CA  1 
ATOM   427 C C   . ILE A 1 57 ? -1.02743  5.30374   3.34436   1.000 14.92445 ? 57  ILE A C   1 
ATOM   428 O O   . ILE A 1 57 ? -0.91746  4.07309   3.36263   1.000 13.48541 ? 57  ILE A O   1 
ATOM   429 C CB  . ILE A 1 57 ? -3.42045  5.87373   2.73703   1.000 15.77115 ? 57  ILE A CB  1 
ATOM   430 C CG1 . ILE A 1 57 ? -4.30241  6.66823   1.76090   1.000 25.01965 ? 57  ILE A CG1 1 
ATOM   431 C CG2 . ILE A 1 57 ? -3.62931  6.42931   4.14737   1.000 13.07040 ? 57  ILE A CG2 1 
ATOM   432 C CD1 . ILE A 1 57 ? -4.59947  5.99185   0.46587   1.000 29.67800 ? 57  ILE A CD1 1 
ATOM   433 N N   . VAL A 1 58 ? -0.33306  6.10737   4.14368   1.000 12.49625 ? 58  VAL A N   1 
ATOM   434 C CA  . VAL A 1 58 ? 0.57709   5.60961   5.17333   1.000 9.95473  ? 58  VAL A CA  1 
ATOM   435 C C   . VAL A 1 58 ? 0.23107   6.31038   6.48167   1.000 12.36295 ? 58  VAL A C   1 
ATOM   436 O O   . VAL A 1 58 ? 0.17416   7.54180   6.52698   1.000 12.10556 ? 58  VAL A O   1 
ATOM   437 C CB  . VAL A 1 58 ? 2.05063   5.87438   4.80577   1.000 14.56909 ? 58  VAL A CB  1 
ATOM   438 C CG1 . VAL A 1 58 ? 2.96426   5.42618   5.95266   1.000 11.54735 ? 58  VAL A CG1 1 
ATOM   439 C CG2 . VAL A 1 58 ? 2.41669   5.18270   3.47359   1.000 13.83929 ? 58  VAL A CG2 1 
ATOM   440 N N   . GLY A 1 59 ? -0.00170  5.54982   7.54557   1.000 10.34636 ? 59  GLY A N   1 
ATOM   441 C CA  . GLY A 1 59 ? -0.43373  6.23166   8.75408   1.000 13.73594 ? 59  GLY A CA  1 
ATOM   442 C C   . GLY A 1 59 ? -0.45559  5.33978   9.97017   1.000 16.43693 ? 59  GLY A C   1 
ATOM   443 O O   . GLY A 1 59 ? -0.51040  4.11216   9.87100   1.000 16.03711 ? 59  GLY A O   1 
ATOM   444 N N   . ARG A 1 60 ? -0.44472  5.98821   11.12962  1.000 14.36731 ? 60  ARG A N   1 
ATOM   445 C CA  . ARG A 1 60 ? -0.58759  5.25117   12.37394  1.000 14.56435 ? 60  ARG A CA  1 
ATOM   446 C C   . ARG A 1 60 ? -2.03009  5.06522   12.78184  1.000 17.16106 ? 60  ARG A C   1 
ATOM   447 O O   . ARG A 1 60 ? -2.33328  4.13758   13.54074  1.000 19.21365 ? 60  ARG A O   1 
ATOM   448 C CB  . ARG A 1 60 ? 0.18121   5.96272   13.48283  1.000 17.77234 ? 60  ARG A CB  1 
ATOM   449 C CG  . ARG A 1 60 ? 1.66130   5.76965   13.29820  1.000 29.06877 ? 60  ARG A CG  1 
ATOM   450 C CD  . ARG A 1 60 ? 2.41844   6.69939   14.16382  1.000 31.25065 ? 60  ARG A CD  1 
ATOM   451 N NE  . ARG A 1 60 ? 3.83839   6.38004   14.24624  1.000 31.05014 ? 60  ARG A NE  1 
ATOM   452 C CZ  . ARG A 1 60 ? 4.73562   6.68195   13.31651  1.000 37.58082 ? 60  ARG A CZ  1 
ATOM   453 N NH1 . ARG A 1 60 ? 4.36401   7.29830   12.20070  1.000 39.79191 ? 60  ARG A NH1 1 
ATOM   454 N NH2 . ARG A 1 60 ? 6.00993   6.35445   13.50577  1.000 33.16854 ? 60  ARG A NH2 1 
ATOM   455 N N   . ASN A 1 61 ? -2.93712  5.90309   12.28878  1.000 13.42985 ? 61  ASN A N   1 
ATOM   456 C CA  . ASN A 1 61 ? -4.32282  5.80105   12.73076  1.000 13.59678 ? 61  ASN A CA  1 
ATOM   457 C C   . ASN A 1 61 ? -5.22651  6.36179   11.63911  1.000 18.51071 ? 61  ASN A C   1 
ATOM   458 O O   . ASN A 1 61 ? -5.34585  7.58567   11.48793  1.000 16.19887 ? 61  ASN A O   1 
ATOM   459 C CB  . ASN A 1 61 ? -4.53071  6.52845   14.04797  1.000 18.35234 ? 61  ASN A CB  1 
ATOM   460 C CG  . ASN A 1 61 ? -5.39782  5.73844   14.99307  1.000 41.90052 ? 61  ASN A CG  1 
ATOM   461 O OD1 . ASN A 1 61 ? -4.89395  5.01518   15.86031  1.000 24.52312 ? 61  ASN A OD1 1 
ATOM   462 N ND2 . ASN A 1 61 ? -6.71556  5.83703   14.80849  1.000 41.95470 ? 61  ASN A ND2 1 
ATOM   463 N N   . PHE A 1 62 ? -5.87101  5.46108   10.90343  1.000 15.06147 ? 62  PHE A N   1 
ATOM   464 C CA  . PHE A 1 62 ? -6.82791  5.86442   9.88213   1.000 9.03506  ? 62  PHE A CA  1 
ATOM   465 C C   . PHE A 1 62 ? -7.68247  4.66142   9.51758   1.000 11.07215 ? 62  PHE A C   1 
ATOM   466 O O   . PHE A 1 62 ? -7.32161  3.51006   9.79363   1.000 12.69076 ? 62  PHE A O   1 
ATOM   467 C CB  . PHE A 1 62 ? -6.13289  6.42455   8.62211   1.000 11.47162 ? 62  PHE A CB  1 
ATOM   468 C CG  . PHE A 1 62 ? -5.40044  5.38557   7.79829   1.000 11.07411 ? 62  PHE A CG  1 
ATOM   469 C CD1 . PHE A 1 62 ? -4.09160  5.01478   8.11201   1.000 14.06045 ? 62  PHE A CD1 1 
ATOM   470 C CD2 . PHE A 1 62 ? -6.01495  4.80609   6.68616   1.000 18.62163 ? 62  PHE A CD2 1 
ATOM   471 C CE1 . PHE A 1 62 ? -3.40533  4.06797   7.34708   1.000 17.51705 ? 62  PHE A CE1 1 
ATOM   472 C CE2 . PHE A 1 62 ? -5.35103  3.85676   5.91100   1.000 12.49486 ? 62  PHE A CE2 1 
ATOM   473 C CZ  . PHE A 1 62 ? -4.03054  3.49227   6.23475   1.000 17.39348 ? 62  PHE A CZ  1 
ATOM   474 N N   . GLY A 1 63 ? -8.84064  4.96037   8.91826   1.000 11.02397 ? 63  GLY A N   1 
ATOM   475 C CA  . GLY A 1 63 ? -9.64821  3.97424   8.23450   1.000 13.58905 ? 63  GLY A CA  1 
ATOM   476 C C   . GLY A 1 63 ? -9.85871  4.43599   6.79931   1.000 15.77566 ? 63  GLY A C   1 
ATOM   477 O O   . GLY A 1 63 ? -9.61316  5.60138   6.45450   1.000 14.76640 ? 63  GLY A O   1 
ATOM   478 N N   . SER A 1 64 ? -10.31315 3.51576   5.95417   1.000 12.12181 ? 64  SER A N   1 
ATOM   479 C CA  . SER A 1 64 ? -10.45411 3.87244   4.55100   1.000 12.98339 ? 64  SER A CA  1 
ATOM   480 C C   . SER A 1 64 ? -11.57099 3.05661   3.92598   1.000 14.47819 ? 64  SER A C   1 
ATOM   481 O O   . SER A 1 64 ? -11.95650 2.00247   4.43245   1.000 13.59767 ? 64  SER A O   1 
ATOM   482 C CB  . SER A 1 64 ? -9.15123  3.63170   3.77562   1.000 17.55310 ? 64  SER A CB  1 
ATOM   483 O OG  . SER A 1 64 ? -8.94434  2.23787   3.56629   1.000 17.35494 ? 64  SER A OG  1 
ATOM   484 N N   . TYR A 1 65 ? -12.08583 3.55920   2.80803   1.000 11.63874 ? 65  TYR A N   1 
ATOM   485 C CA  . TYR A 1 65 ? -12.99310 2.78016   1.97042   1.000 11.69781 ? 65  TYR A CA  1 
ATOM   486 C C   . TYR A 1 65 ? -12.71985 3.20633   0.54303   1.000 11.71716 ? 65  TYR A C   1 
ATOM   487 O O   . TYR A 1 65 ? -12.90303 4.38115   0.20115   1.000 13.90559 ? 65  TYR A O   1 
ATOM   488 C CB  . TYR A 1 65 ? -14.45911 3.01247   2.33442   1.000 13.53504 ? 65  TYR A CB  1 
ATOM   489 C CG  . TYR A 1 65 ? -15.34897 1.90788   1.81996   1.000 15.31724 ? 65  TYR A CG  1 
ATOM   490 C CD1 . TYR A 1 65 ? -15.47333 0.70875   2.52082   1.000 14.90147 ? 65  TYR A CD1 1 
ATOM   491 C CD2 . TYR A 1 65 ? -16.05146 2.05057   0.62669   1.000 16.75093 ? 65  TYR A CD2 1 
ATOM   492 C CE1 . TYR A 1 65 ? -16.28344 -0.32385  2.05372   1.000 19.20404 ? 65  TYR A CE1 1 
ATOM   493 C CE2 . TYR A 1 65 ? -16.86679 1.02054   0.15012   1.000 16.33823 ? 65  TYR A CE2 1 
ATOM   494 C CZ  . TYR A 1 65 ? -16.98037 -0.15676  0.87446   1.000 15.90858 ? 65  TYR A CZ  1 
ATOM   495 O OH  . TYR A 1 65 ? -17.78877 -1.17735  0.40292   1.000 17.98553 ? 65  TYR A OH  1 
ATOM   496 N N   . VAL A 1 66 ? -12.25316 2.27125   -0.27485  1.000 11.45331 ? 66  VAL A N   1 
ATOM   497 C CA  . VAL A 1 66 ? -11.75455 2.59068   -1.60761  1.000 12.86307 ? 66  VAL A CA  1 
ATOM   498 C C   . VAL A 1 66 ? -12.28903 1.55181   -2.58403  1.000 15.81479 ? 66  VAL A C   1 
ATOM   499 O O   . VAL A 1 66 ? -12.84705 0.52570   -2.19313  1.000 17.00821 ? 66  VAL A O   1 
ATOM   500 C CB  . VAL A 1 66 ? -10.20834 2.64338   -1.65465  1.000 15.75677 ? 66  VAL A CB  1 
ATOM   501 C CG1 . VAL A 1 66 ? -9.65175  3.54462   -0.53504  1.000 14.11231 ? 66  VAL A CG1 1 
ATOM   502 C CG2 . VAL A 1 66 ? -9.60455  1.24830   -1.55340  1.000 14.10277 ? 66  VAL A CG2 1 
ATOM   503 N N   . THR A 1 67 ? -12.12155 1.84242   -3.86885  1.000 12.48844 ? 67  THR A N   1 
ATOM   504 C CA  . THR A 1 67 ? -12.39996 0.89120   -4.93336  1.000 14.70329 ? 67  THR A CA  1 
ATOM   505 C C   . THR A 1 67 ? -11.09605 0.62030   -5.66216  1.000 16.57697 ? 67  THR A C   1 
ATOM   506 O O   . THR A 1 67 ? -10.39968 1.56042   -6.05058  1.000 22.04948 ? 67  THR A O   1 
ATOM   507 C CB  . THR A 1 67 ? -13.44188 1.44356   -5.90457  1.000 17.77663 ? 67  THR A CB  1 
ATOM   508 O OG1 . THR A 1 67 ? -14.67465 1.64985   -5.20758  1.000 21.15351 ? 67  THR A OG1 1 
ATOM   509 C CG2 . THR A 1 67 ? -13.66644 0.47129   -7.07490  1.000 19.34743 ? 67  THR A CG2 1 
ATOM   510 N N   . HIS A 1 68 ? -10.76929 -0.65257  -5.86441  1.000 15.02334 ? 68  HIS A N   1 
ATOM   511 C CA  . HIS A 1 68 ? -9.50815  -0.99746  -6.49358  1.000 12.82612 ? 68  HIS A CA  1 
ATOM   512 C C   . HIS A 1 68 ? -9.72332  -1.99538  -7.61729  1.000 19.99752 ? 68  HIS A C   1 
ATOM   513 O O   . HIS A 1 68 ? -10.67154 -2.78334  -7.60539  1.000 16.59544 ? 68  HIS A O   1 
ATOM   514 C CB  . HIS A 1 68 ? -8.53165  -1.57727  -5.47815  1.000 15.94736 ? 68  HIS A CB  1 
ATOM   515 C CG  . HIS A 1 68 ? -8.96899  -2.89058  -4.89722  1.000 18.71348 ? 68  HIS A CG  1 
ATOM   516 N ND1 . HIS A 1 68 ? -8.70249  -4.10279  -5.50192  1.000 18.83240 ? 68  HIS A ND1 1 
ATOM   517 C CD2 . HIS A 1 68 ? -9.64526  -3.17923  -3.76026  1.000 18.96786 ? 68  HIS A CD2 1 
ATOM   518 C CE1 . HIS A 1 68 ? -9.19641  -5.08076  -4.76186  1.000 21.10230 ? 68  HIS A CE1 1 
ATOM   519 N NE2 . HIS A 1 68 ? -9.77255  -4.54737  -3.69902  1.000 19.50752 ? 68  HIS A NE2 1 
ATOM   520 N N   . GLU A 1 69 ? -8.82991  -1.94374  -8.59460  1.000 17.94485 ? 69  GLU A N   1 
ATOM   521 C CA  . GLU A 1 69 ? -8.82762  -2.95210  -9.64277  1.000 19.93802 ? 69  GLU A CA  1 
ATOM   522 C C   . GLU A 1 69 ? -8.51332  -4.31296  -9.04587  1.000 21.96035 ? 69  GLU A C   1 
ATOM   523 O O   . GLU A 1 69 ? -7.68242  -4.43447  -8.13568  1.000 17.17845 ? 69  GLU A O   1 
ATOM   524 C CB  . GLU A 1 69 ? -7.80391  -2.59246  -10.71046 1.000 28.33079 ? 69  GLU A CB  1 
ATOM   525 C CG  . GLU A 1 69 ? -8.11273  -1.26542  -11.37336 1.000 32.00141 ? 69  GLU A CG  1 
ATOM   526 C CD  . GLU A 1 69 ? -7.11606  -0.90705  -12.46033 1.000 48.59813 ? 69  GLU A CD  1 
ATOM   527 O OE1 . GLU A 1 69 ? -6.28261  -1.77843  -12.81601 1.000 33.23099 ? 69  GLU A OE1 1 
ATOM   528 O OE2 . GLU A 1 69 ? -7.17386  0.24634   -12.95080 1.000 45.01690 ? 69  GLU A OE2 1 
ATOM   529 N N   . THR A 1 70 ? -9.20194  -5.34265  -9.54605  1.000 16.38770 ? 70  THR A N   1 
ATOM   530 C CA  . THR A 1 70 ? -8.98575  -6.68661  -9.03566  1.000 19.07227 ? 70  THR A CA  1 
ATOM   531 C C   . THR A 1 70 ? -7.50832  -7.03269  -9.11394  1.000 19.56647 ? 70  THR A C   1 
ATOM   532 O O   . THR A 1 70 ? -6.82848  -6.66809  -10.07673 1.000 21.35520 ? 70  THR A O   1 
ATOM   533 C CB  . THR A 1 70 ? -9.82369  -7.69110  -9.83643  1.000 27.99791 ? 70  THR A CB  1 
ATOM   534 O OG1 . THR A 1 70 ? -11.21092 -7.43609  -9.58206  1.000 36.30632 ? 70  THR A OG1 1 
ATOM   535 C CG2 . THR A 1 70 ? -9.51070  -9.10255  -9.41115  1.000 37.07975 ? 70  THR A CG2 1 
ATOM   536 N N   . ARG A 1 71 ? -7.00590  -7.67371  -8.05432  1.000 21.27799 ? 71  ARG A N   1 
ATOM   537 C CA  . ARG A 1 71 ? -5.61963  -8.12094  -7.91806  1.000 23.75116 ? 71  ARG A CA  1 
ATOM   538 C C   . ARG A 1 71 ? -4.63334  -6.97499  -7.70327  1.000 25.98439 ? 71  ARG A C   1 
ATOM   539 O O   . ARG A 1 71 ? -3.42633  -7.18389  -7.81756  1.000 18.01645 ? 71  ARG A O   1 
ATOM   540 C CB  . ARG A 1 71 ? -5.17248  -8.96890  -9.12080  1.000 22.67474 ? 71  ARG A CB  1 
ATOM   541 C CG  . ARG A 1 71 ? -5.94277  -10.27170 -9.22676  1.000 24.91799 ? 71  ARG A CG  1 
ATOM   542 C CD  . ARG A 1 71 ? -5.46094  -11.25510 -8.17575  1.000 36.09283 ? 71  ARG A CD  1 
ATOM   543 N NE  . ARG A 1 71 ? -4.20077  -11.86808 -8.58573  1.000 37.49209 ? 71  ARG A NE  1 
ATOM   544 C CZ  . ARG A 1 71 ? -3.50724  -12.72687 -7.84787  1.000 41.32650 ? 71  ARG A CZ  1 
ATOM   545 N NH1 . ARG A 1 71 ? -3.94365  -13.08034 -6.64574  1.000 34.91881 ? 71  ARG A NH1 1 
ATOM   546 N NH2 . ARG A 1 71 ? -2.37763  -13.23409 -8.32074  1.000 38.37783 ? 71  ARG A NH2 1 
ATOM   547 N N   . HIS A 1 72 ? -5.09906  -5.77006  -7.35522  1.000 15.86821 ? 72  HIS A N   1 
ATOM   548 C CA  . HIS A 1 72 ? -4.19675  -4.63455  -7.12901  1.000 18.37172 ? 72  HIS A CA  1 
ATOM   549 C C   . HIS A 1 72 ? -4.58055  -3.88797  -5.84389  1.000 20.67938 ? 72  HIS A C   1 
ATOM   550 O O   . HIS A 1 72 ? -4.91852  -2.70347  -5.84891  1.000 15.67768 ? 72  HIS A O   1 
ATOM   551 C CB  . HIS A 1 72 ? -4.19469  -3.70205  -8.32916  1.000 17.52385 ? 72  HIS A CB  1 
ATOM   552 C CG  . HIS A 1 72 ? -3.65880  -4.33691  -9.57249  1.000 19.42478 ? 72  HIS A CG  1 
ATOM   553 N ND1 . HIS A 1 72 ? -4.44327  -5.09848  -10.41444 1.000 28.59368 ? 72  HIS A ND1 1 
ATOM   554 C CD2 . HIS A 1 72 ? -2.41347  -4.35088  -10.10168 1.000 24.71370 ? 72  HIS A CD2 1 
ATOM   555 C CE1 . HIS A 1 72 ? -3.70662  -5.53616  -11.42114 1.000 34.71989 ? 72  HIS A CE1 1 
ATOM   556 N NE2 . HIS A 1 72 ? -2.47120  -5.09666  -11.25617 1.000 25.04418 ? 72  HIS A NE2 1 
ATOM   557 N N   . PHE A 1 73 ? -4.49440  -4.59675  -4.72478  1.000 13.86629 ? 73  PHE A N   1 
ATOM   558 C CA  . PHE A 1 73 ? -4.79518  -4.02620  -3.41805  1.000 16.62569 ? 73  PHE A CA  1 
ATOM   559 C C   . PHE A 1 73 ? -3.91830  -4.71589  -2.38294  1.000 15.77954 ? 73  PHE A C   1 
ATOM   560 O O   . PHE A 1 73 ? -3.82518  -5.94611  -2.36148  1.000 19.97912 ? 73  PHE A O   1 
ATOM   561 C CB  . PHE A 1 73 ? -6.28609  -4.21100  -3.08900  1.000 18.89724 ? 73  PHE A CB  1 
ATOM   562 C CG  . PHE A 1 73 ? -6.67754  -3.80001  -1.68264  1.000 15.21993 ? 73  PHE A CG  1 
ATOM   563 C CD1 . PHE A 1 73 ? -6.57630  -4.68969  -0.62585  1.000 17.64333 ? 73  PHE A CD1 1 
ATOM   564 C CD2 . PHE A 1 73 ? -7.19169  -2.53855  -1.44137  1.000 18.22921 ? 73  PHE A CD2 1 
ATOM   565 C CE1 . PHE A 1 73 ? -6.95357  -4.30785  0.66747   1.000 25.67471 ? 73  PHE A CE1 1 
ATOM   566 C CE2 . PHE A 1 73 ? -7.57928  -2.15185  -0.15813  1.000 19.61159 ? 73  PHE A CE2 1 
ATOM   567 C CZ  . PHE A 1 73 ? -7.45436  -3.03604  0.89451   1.000 20.42121 ? 73  PHE A CZ  1 
ATOM   568 N N   . ILE A 1 74 ? -3.27742  -3.94027  -1.51695  1.000 13.48204 ? 74  ILE A N   1 
ATOM   569 C CA  . ILE A 1 74 ? -2.61098  -4.54101  -0.36961  1.000 12.51502 ? 74  ILE A CA  1 
ATOM   570 C C   . ILE A 1 74 ? -2.69734  -3.56383  0.78760   1.000 17.84972 ? 74  ILE A C   1 
ATOM   571 O O   . ILE A 1 74 ? -2.63417  -2.34724  0.59803   1.000 15.32890 ? 74  ILE A O   1 
ATOM   572 C CB  . ILE A 1 74 ? -1.15505  -4.92146  -0.70327  1.000 12.96892 ? 74  ILE A CB  1 
ATOM   573 C CG1 . ILE A 1 74 ? -0.53579  -5.76237  0.41569   1.000 16.05242 ? 74  ILE A CG1 1 
ATOM   574 C CG2 . ILE A 1 74 ? -0.32595  -3.66945  -1.00420  1.000 15.24255 ? 74  ILE A CG2 1 
ATOM   575 C CD1 . ILE A 1 74 ? 0.91245   -6.15809  0.12834   1.000 18.96444 ? 74  ILE A CD1 1 
ATOM   576 N N   . TYR A 1 75 ? -2.87720  -4.11070  1.98569   1.000 17.16622 ? 75  TYR A N   1 
ATOM   577 C CA  . TYR A 1 75 ? -2.94025  -3.34412  3.22015   1.000 13.19872 ? 75  TYR A CA  1 
ATOM   578 C C   . TYR A 1 75 ? -2.09387  -4.09463  4.23242   1.000 18.32103 ? 75  TYR A C   1 
ATOM   579 O O   . TYR A 1 75 ? -2.39197  -5.25356  4.53354   1.000 13.77729 ? 75  TYR A O   1 
ATOM   580 C CB  . TYR A 1 75 ? -4.38616  -3.20936  3.70159   1.000 13.20317 ? 75  TYR A CB  1 
ATOM   581 C CG  . TYR A 1 75 ? -4.53527  -2.55971  5.04804   1.000 17.04235 ? 75  TYR A CG  1 
ATOM   582 C CD1 . TYR A 1 75 ? -4.14284  -1.23755  5.24563   1.000 17.31600 ? 75  TYR A CD1 1 
ATOM   583 C CD2 . TYR A 1 75 ? -5.09228  -3.25507  6.11912   1.000 16.32832 ? 75  TYR A CD2 1 
ATOM   584 C CE1 . TYR A 1 75 ? -4.29409  -0.62202  6.48446   1.000 16.19779 ? 75  TYR A CE1 1 
ATOM   585 C CE2 . TYR A 1 75 ? -5.25432  -2.65327  7.36144   1.000 17.80434 ? 75  TYR A CE2 1 
ATOM   586 C CZ  . TYR A 1 75 ? -4.84425  -1.33764  7.53667   1.000 19.24154 ? 75  TYR A CZ  1 
ATOM   587 O OH  . TYR A 1 75 ? -4.99839  -0.72470  8.75577   1.000 19.14010 ? 75  TYR A OH  1 
ATOM   588 N N   . PHE A 1 76 ? -1.02619  -3.46488  4.72687   1.000 13.87176 ? 76  PHE A N   1 
ATOM   589 C CA  . PHE A 1 76 ? -0.07935  -4.18005  5.57465   1.000 14.06562 ? 76  PHE A CA  1 
ATOM   590 C C   . PHE A 1 76 ? 0.54409   -3.22662  6.58302   1.000 16.55729 ? 76  PHE A C   1 
ATOM   591 O O   . PHE A 1 76 ? 0.54604   -2.00706  6.39850   1.000 17.25915 ? 76  PHE A O   1 
ATOM   592 C CB  . PHE A 1 76 ? 1.01749   -4.87898  4.74722   1.000 15.11990 ? 76  PHE A CB  1 
ATOM   593 C CG  . PHE A 1 76 ? 1.91316   -3.94192  3.95522   1.000 20.27719 ? 76  PHE A CG  1 
ATOM   594 C CD1 . PHE A 1 76 ? 1.50375   -3.42927  2.73024   1.000 14.50181 ? 76  PHE A CD1 1 
ATOM   595 C CD2 . PHE A 1 76 ? 3.18617   -3.62787  4.41203   1.000 16.76471 ? 76  PHE A CD2 1 
ATOM   596 C CE1 . PHE A 1 76 ? 2.33225   -2.58442  1.98810   1.000 18.12306 ? 76  PHE A CE1 1 
ATOM   597 C CE2 . PHE A 1 76 ? 4.02992   -2.79572  3.66950   1.000 18.50198 ? 76  PHE A CE2 1 
ATOM   598 C CZ  . PHE A 1 76 ? 3.60198   -2.26679  2.46856   1.000 15.33127 ? 76  PHE A CZ  1 
ATOM   599 N N   . TYR A 1 77 ? 1.05171   -3.80584  7.67025   1.000 14.13963 ? 77  TYR A N   1 
ATOM   600 C CA  . TYR A 1 77 ? 1.76653   -3.06729  8.70585   1.000 19.60296 ? 77  TYR A CA  1 
ATOM   601 C C   . TYR A 1 77 ? 3.25612   -3.25739  8.50838   1.000 21.77271 ? 77  TYR A C   1 
ATOM   602 O O   . TYR A 1 77 ? 3.71364   -4.37059  8.24698   1.000 19.43676 ? 77  TYR A O   1 
ATOM   603 C CB  . TYR A 1 77 ? 1.42250   -3.54768  10.11359  1.000 18.53961 ? 77  TYR A CB  1 
ATOM   604 C CG  . TYR A 1 77 ? -0.01448  -3.42941  10.53748  1.000 26.81746 ? 77  TYR A CG  1 
ATOM   605 C CD1 . TYR A 1 77 ? -0.89026  -2.55241  9.91276   1.000 22.57655 ? 77  TYR A CD1 1 
ATOM   606 C CD2 . TYR A 1 77 ? -0.48825  -4.19604  11.59206  1.000 33.02697 ? 77  TYR A CD2 1 
ATOM   607 C CE1 . TYR A 1 77 ? -2.21199  -2.44756  10.33412  1.000 28.10322 ? 77  TYR A CE1 1 
ATOM   608 C CE2 . TYR A 1 77 ? -1.78535  -4.10055  12.01772  1.000 30.89737 ? 77  TYR A CE2 1 
ATOM   609 C CZ  . TYR A 1 77 ? -2.64456  -3.23089  11.39097  1.000 29.81111 ? 77  TYR A CZ  1 
ATOM   610 O OH  . TYR A 1 77 ? -3.93985  -3.15921  11.83444  1.000 44.54255 ? 77  TYR A OH  1 
ATOM   611 N N   . LEU A 1 78 ? 4.01724   -2.18309  8.68346   1.000 17.17106 ? 78  LEU A N   1 
ATOM   612 C CA  . LEU A 1 78 ? 5.46912   -2.27818  8.59811   1.000 15.84714 ? 78  LEU A CA  1 
ATOM   613 C C   . LEU A 1 78 ? 6.04352   -1.26298  9.56658   1.000 24.22248 ? 78  LEU A C   1 
ATOM   614 O O   . LEU A 1 78 ? 5.76292   -0.06998  9.43159   1.000 19.51115 ? 78  LEU A O   1 
ATOM   615 C CB  . LEU A 1 78 ? 5.96150   -2.01004  7.17560   1.000 16.31111 ? 78  LEU A CB  1 
ATOM   616 C CG  . LEU A 1 78 ? 7.45899   -2.18532  6.93431   1.000 25.55432 ? 78  LEU A CG  1 
ATOM   617 C CD1 . LEU A 1 78 ? 7.90700   -3.58703  7.34089   1.000 27.75401 ? 78  LEU A CD1 1 
ATOM   618 C CD2 . LEU A 1 78 ? 7.78248   -1.91682  5.46923   1.000 19.87111 ? 78  LEU A CD2 1 
ATOM   619 N N   . GLY A 1 79 ? 6.82106   -1.73080  10.53385  1.000 27.40088 ? 79  GLY A N   1 
ATOM   620 C CA  . GLY A 1 79 ? 7.27521   -0.83269  11.58116  1.000 33.49626 ? 79  GLY A CA  1 
ATOM   621 C C   . GLY A 1 79 ? 6.07301   -0.30676  12.34696  1.000 28.10950 ? 79  GLY A C   1 
ATOM   622 O O   . GLY A 1 79 ? 5.23431   -1.06489  12.84980  1.000 32.17994 ? 79  GLY A O   1 
ATOM   623 N N   . GLN A 1 80 ? 5.95336   1.01291   12.42384  1.000 23.30151 ? 80  GLN A N   1 
ATOM   624 C CA  . GLN A 1 80 ? 4.88744   1.63889   13.19410  1.000 23.97119 ? 80  GLN A CA  1 
ATOM   625 C C   . GLN A 1 80 ? 3.74144   2.15128   12.33201  1.000 17.55998 ? 80  GLN A C   1 
ATOM   626 O O   . GLN A 1 80 ? 2.83399   2.80016   12.86417  1.000 20.24685 ? 80  GLN A O   1 
ATOM   627 C CB  . GLN A 1 80 ? 5.45300   2.78989   14.02744  1.000 37.11126 ? 80  GLN A CB  1 
ATOM   628 C CG  . GLN A 1 80 ? 6.61541   2.38927   14.92209  1.000 35.40220 ? 80  GLN A CG  1 
ATOM   629 C CD  . GLN A 1 80 ? 7.36113   3.59450   15.47808  1.000 50.48625 ? 80  GLN A CD  1 
ATOM   630 O OE1 . GLN A 1 80 ? 6.79274   4.42369   16.19798  1.000 46.57597 ? 80  GLN A OE1 1 
ATOM   631 N NE2 . GLN A 1 80 ? 8.64080   3.70205   15.13433  1.000 54.82148 ? 80  GLN A NE2 1 
ATOM   632 N N   . VAL A 1 81 ? 3.74664   1.88785   11.02043  1.000 18.91550 ? 81  VAL A N   1 
ATOM   633 C CA  . VAL A 1 81 ? 2.72273   2.47454   10.16082  1.000 13.65477 ? 81  VAL A CA  1 
ATOM   634 C C   . VAL A 1 81 ? 1.94142   1.38419   9.44706   1.000 18.14883 ? 81  VAL A C   1 
ATOM   635 O O   . VAL A 1 81 ? 2.45557   0.29569   9.16769   1.000 17.57453 ? 81  VAL A O   1 
ATOM   636 C CB  . VAL A 1 81 ? 3.30883   3.46828   9.13077   1.000 19.87854 ? 81  VAL A CB  1 
ATOM   637 C CG1 . VAL A 1 81 ? 3.86069   4.70489   9.85085   1.000 21.05759 ? 81  VAL A CG1 1 
ATOM   638 C CG2 . VAL A 1 81 ? 4.37116   2.78263   8.25744   1.000 14.20634 ? 81  VAL A CG2 1 
ATOM   639 N N   . ALA A 1 82 ? 0.67265   1.68828   9.17780   1.000 14.46605 ? 82  ALA A N   1 
ATOM   640 C CA  . ALA A 1 82 ? -0.14777  0.90166   8.26828   1.000 13.64672 ? 82  ALA A CA  1 
ATOM   641 C C   . ALA A 1 82 ? -0.05367  1.52072   6.88339   1.000 17.44180 ? 82  ALA A C   1 
ATOM   642 O O   . ALA A 1 82 ? -0.04323  2.74859   6.73896   1.000 14.86507 ? 82  ALA A O   1 
ATOM   643 C CB  . ALA A 1 82 ? -1.60531  0.86918   8.73445   1.000 18.41306 ? 82  ALA A CB  1 
ATOM   644 N N   . ILE A 1 83 ? 0.03800   0.66915   5.86632   1.000 14.97927 ? 83  ILE A N   1 
ATOM   645 C CA  . ILE A 1 83 ? 0.21886   1.11715   4.49139   1.000 15.23220 ? 83  ILE A CA  1 
ATOM   646 C C   . ILE A 1 83 ? -0.86667  0.49302   3.63334   1.000 14.99133 ? 83  ILE A C   1 
ATOM   647 O O   . ILE A 1 83 ? -1.03310  -0.73229  3.62327   1.000 13.88347 ? 83  ILE A O   1 
ATOM   648 C CB  . ILE A 1 83 ? 1.61066   0.75940   3.95547   1.000 14.59834 ? 83  ILE A CB  1 
ATOM   649 C CG1 . ILE A 1 83 ? 2.67738   1.36363   4.87463   1.000 16.40527 ? 83  ILE A CG1 1 
ATOM   650 C CG2 . ILE A 1 83 ? 1.75428   1.19887   2.50280   1.000 13.83174 ? 83  ILE A CG2 1 
ATOM   651 C CD1 . ILE A 1 83 ? 4.10628   1.05653   4.45179   1.000 17.44133 ? 83  ILE A CD1 1 
ATOM   652 N N   . LEU A 1 84 ? -1.63050  1.34287   2.95696   1.000 13.40110 ? 84  LEU A N   1 
ATOM   653 C CA  . LEU A 1 84 ? -2.65516  0.94676   2.00765   1.000 12.42830 ? 84  LEU A CA  1 
ATOM   654 C C   . LEU A 1 84 ? -2.16300  1.36288   0.63344   1.000 13.77067 ? 84  LEU A C   1 
ATOM   655 O O   . LEU A 1 84 ? -1.80495  2.52897   0.43061   1.000 15.01030 ? 84  LEU A O   1 
ATOM   656 C CB  . LEU A 1 84 ? -3.98625  1.62968   2.34652   1.000 12.35750 ? 84  LEU A CB  1 
ATOM   657 C CG  . LEU A 1 84 ? -5.00342  1.63569   1.20635   1.000 14.23552 ? 84  LEU A CG  1 
ATOM   658 C CD1 . LEU A 1 84 ? -5.48259  0.21814   0.96683   1.000 16.34012 ? 84  LEU A CD1 1 
ATOM   659 C CD2 . LEU A 1 84 ? -6.15750  2.54049   1.57869   1.000 20.51272 ? 84  LEU A CD2 1 
ATOM   660 N N   . LEU A 1 85 ? -2.10254  0.41354   -0.29782  1.000 13.56267 ? 85  LEU A N   1 
ATOM   661 C CA  . LEU A 1 85 ? -1.58586  0.68343   -1.63671  1.000 12.34073 ? 85  LEU A CA  1 
ATOM   662 C C   . LEU A 1 85 ? -2.50604  0.00298   -2.63527  1.000 14.51148 ? 85  LEU A C   1 
ATOM   663 O O   . LEU A 1 85 ? -2.73702  -1.20545  -2.52609  1.000 15.85237 ? 85  LEU A O   1 
ATOM   664 C CB  . LEU A 1 85 ? -0.14944  0.15597   -1.77224  1.000 11.44176 ? 85  LEU A CB  1 
ATOM   665 C CG  . LEU A 1 85 ? 0.44490   0.20244   -3.17971  1.000 11.73179 ? 85  LEU A CG  1 
ATOM   666 C CD1 . LEU A 1 85 ? 0.64359   1.64472   -3.60912  1.000 15.14494 ? 85  LEU A CD1 1 
ATOM   667 C CD2 . LEU A 1 85 ? 1.75595   -0.56617  -3.21684  1.000 17.58648 ? 85  LEU A CD2 1 
ATOM   668 N N   . PHE A 1 86 ? -3.05371  0.76035   -3.58184  1.000 13.69816 ? 86  PHE A N   1 
ATOM   669 C CA  . PHE A 1 86 ? -4.00833  0.14471   -4.49898  1.000 14.15544 ? 86  PHE A CA  1 
ATOM   670 C C   . PHE A 1 86 ? -4.06129  0.91620   -5.80442  1.000 13.23032 ? 86  PHE A C   1 
ATOM   671 O O   . PHE A 1 86 ? -3.66195  2.07746   -5.88077  1.000 13.39459 ? 86  PHE A O   1 
ATOM   672 C CB  . PHE A 1 86 ? -5.41487  0.06794   -3.88711  1.000 13.32725 ? 86  PHE A CB  1 
ATOM   673 C CG  . PHE A 1 86 ? -6.05892  1.40971   -3.66728  1.000 15.72786 ? 86  PHE A CG  1 
ATOM   674 C CD1 . PHE A 1 86 ? -5.75973  2.15978   -2.53567  1.000 16.35992 ? 86  PHE A CD1 1 
ATOM   675 C CD2 . PHE A 1 86 ? -6.97788  1.91341   -4.57255  1.000 14.56634 ? 86  PHE A CD2 1 
ATOM   676 C CE1 . PHE A 1 86 ? -6.35814  3.39390   -2.32805  1.000 16.05055 ? 86  PHE A CE1 1 
ATOM   677 C CE2 . PHE A 1 86 ? -7.57410  3.14979   -4.36569  1.000 18.09176 ? 86  PHE A CE2 1 
ATOM   678 C CZ  . PHE A 1 86 ? -7.26575  3.88314   -3.23633  1.000 12.66330 ? 86  PHE A CZ  1 
ATOM   679 N N   . LYS A 1 87 ? -4.61067  0.25958   -6.82264  1.000 14.73690 ? 87  LYS A N   1 
ATOM   680 C CA  . LYS A 1 87 ? -4.68880  0.79669   -8.17347  1.000 13.17920 ? 87  LYS A CA  1 
ATOM   681 C C   . LYS A 1 87 ? -6.14434  1.09204   -8.52032  1.000 16.56166 ? 87  LYS A C   1 
ATOM   682 O O   . LYS A 1 87 ? -7.00913  0.22097   -8.37509  1.000 17.12444 ? 87  LYS A O   1 
ATOM   683 C CB  . LYS A 1 87 ? -4.09129  -0.20770  -9.16443  1.000 17.74119 ? 87  LYS A CB  1 
ATOM   684 C CG  . LYS A 1 87 ? -3.96603  0.26426   -10.59815 1.000 25.01133 ? 87  LYS A CG  1 
ATOM   685 C CD  . LYS A 1 87 ? -3.18067  -0.78216  -11.40146 1.000 24.44140 ? 87  LYS A CD  1 
ATOM   686 C CE  . LYS A 1 87 ? -2.78115  -0.26491  -12.77374 1.000 32.06306 ? 87  LYS A CE  1 
ATOM   687 N NZ  . LYS A 1 87 ? -3.97405  0.09874   -13.59543 1.000 34.55921 ? 87  LYS A NZ  1 
ATOM   688 N N   . SER A 1 88 ? -6.41276  2.31591   -8.96779  1.000 15.14301 ? 88  SER A N   1 
ATOM   689 C CA  . SER A 1 88 ? -7.74489  2.69134   -9.44440  1.000 18.11145 ? 88  SER A CA  1 
ATOM   690 C C   . SER A 1 88 ? -7.62429  3.87386   -10.39168 1.000 27.30081 ? 88  SER A C   1 
ATOM   691 O O   . SER A 1 88 ? -7.21237  4.96021   -9.97698  1.000 21.01173 ? 88  SER A O   1 
ATOM   692 C CB  . SER A 1 88 ? -8.67719  3.04735   -8.28684  1.000 25.21272 ? 88  SER A CB  1 
ATOM   693 O OG  . SER A 1 88 ? -9.93522  3.50297   -8.77902  1.000 26.13146 ? 88  SER A OG  1 
ATOM   694 N N   . GLY A 1 89 ? -8.01506  3.68101   -11.64626 1.000 29.81206 ? 89  GLY A N   1 
ATOM   695 C CA  . GLY A 1 89 ? -7.97344  4.76202   -12.61961 1.000 31.47999 ? 89  GLY A CA  1 
ATOM   696 C C   . GLY A 1 89 ? -6.64064  4.93845   -13.32804 1.000 48.94014 ? 89  GLY A C   1 
ATOM   697 O O   . GLY A 1 89 ? -6.55651  5.52930   -14.40921 1.000 64.78967 ? 89  GLY A O   1 
ATOM   698 N N   . THR B 2 2  ? -10.30104 -4.37978  -15.62479 1.000 48.96229 ? 468 THR B N   1 
ATOM   699 C CA  . THR B 2 2  ? -11.27064 -3.31179  -15.40973 1.000 47.94286 ? 468 THR B CA  1 
ATOM   700 C C   . THR B 2 2  ? -12.33622 -3.73216  -14.38759 1.000 35.40056 ? 468 THR B C   1 
ATOM   701 O O   . THR B 2 2  ? -13.17668 -2.92165  -14.00191 1.000 43.51183 ? 468 THR B O   1 
ATOM   702 C CB  . THR B 2 2  ? -11.97009 -2.88890  -16.73170 1.000 60.79394 ? 468 THR B CB  1 
ATOM   703 O OG1 . THR B 2 2  ? -11.21296 -3.35524  -17.85496 1.000 61.33623 ? 468 THR B OG1 1 
ATOM   704 C CG2 . THR B 2 2  ? -12.09618 -1.36838  -16.81777 1.000 49.62107 ? 468 THR B CG2 1 
ATOM   705 N N   . ALA B 2 3  ? -12.31289 -4.99589  -13.96290 1.000 22.04766 ? 469 ALA B N   1 
ATOM   706 C CA  . ALA B 2 3  ? -13.12029 -5.40067  -12.81866 1.000 20.18891 ? 469 ALA B CA  1 
ATOM   707 C C   . ALA B 2 3  ? -12.52604 -4.81516  -11.54000 1.000 25.90397 ? 469 ALA B C   1 
ATOM   708 O O   . ALA B 2 3  ? -11.30863 -4.64003  -11.42346 1.000 21.04211 ? 469 ALA B O   1 
ATOM   709 C CB  . ALA B 2 3  ? -13.19087 -6.92078  -12.71010 1.000 25.18167 ? 469 ALA B CB  1 
ATOM   710 N N   . THR B 2 4  ? -13.39881 -4.49093  -10.58455 1.000 21.11033 ? 470 THR B N   1 
ATOM   711 C CA  . THR B 2 4  ? -12.98832 -3.82468  -9.35223  1.000 19.58375 ? 470 THR B CA  1 
ATOM   712 C C   . THR B 2 4  ? -13.63535 -4.47816  -8.13615  1.000 25.29289 ? 470 THR B C   1 
ATOM   713 O O   . THR B 2 4  ? -14.56205 -5.28722  -8.24207  1.000 23.03142 ? 470 THR B O   1 
ATOM   714 C CB  . THR B 2 4  ? -13.34690 -2.33126  -9.36516  1.000 21.71950 ? 470 THR B CB  1 
ATOM   715 O OG1 . THR B 2 4  ? -14.76834 -2.17145  -9.46437  1.000 25.57650 ? 470 THR B OG1 1 
ATOM   716 C CG2 . THR B 2 4  ? -12.65791 -1.61240  -10.52917 1.000 25.53228 ? 470 THR B CG2 1 
ATOM   717 N N   . ARG B 2 5  ? -13.13295 -4.10848  -6.95947  1.000 16.04389 ? 471 ARG B N   1 
ATOM   718 C CA  . ARG B 2 5  ? -13.77556 -4.45830  -5.70130  1.000 14.35871 ? 471 ARG B CA  1 
ATOM   719 C C   . ARG B 2 5  ? -13.74586 -3.23543  -4.80001  1.000 22.25184 ? 471 ARG B C   1 
ATOM   720 O O   . ARG B 2 5  ? -12.83021 -2.41916  -4.89163  1.000 18.74511 ? 471 ARG B O   1 
ATOM   721 C CB  . ARG B 2 5  ? -13.08058 -5.59694  -4.95607  1.000 19.45143 ? 471 ARG B CB  1 
ATOM   722 C CG  . ARG B 2 5  ? -12.71108 -6.79388  -5.77074  1.000 28.76922 ? 471 ARG B CG  1 
ATOM   723 C CD  . ARG B 2 5  ? -11.96328 -7.78959  -4.89013  1.000 36.58097 ? 471 ARG B CD  1 
ATOM   724 N NE  . ARG B 2 5  ? -11.44388 -8.90624  -5.67124  1.000 34.17012 ? 471 ARG B NE  1 
ATOM   725 C CZ  . ARG B 2 5  ? -12.19906 -9.90269  -6.12704  1.000 45.86875 ? 471 ARG B CZ  1 
ATOM   726 N NH1 . ARG B 2 5  ? -13.50094 -9.91605  -5.87224  1.000 37.96778 ? 471 ARG B NH1 1 
ATOM   727 N NH2 . ARG B 2 5  ? -11.65690 -10.88159 -6.84015  1.000 39.17578 ? 471 ARG B NH2 1 
ATOM   728 N N   . ASP B 2 6  ? -14.73907 -3.12670  -3.91774  1.000 16.70107 ? 472 ASP B N   1 
ATOM   729 C CA  . ASP B 2 6  ? -14.70057 -2.14160  -2.84076  1.000 16.90236 ? 472 ASP B CA  1 
ATOM   730 C C   . ASP B 2 6  ? -14.09994 -2.78136  -1.59318  1.000 23.68131 ? 472 ASP B C   1 
ATOM   731 O O   . ASP B 2 6  ? -14.37521 -3.94392  -1.27884  1.000 24.86126 ? 472 ASP B O   1 
ATOM   732 C CB  . ASP B 2 6  ? -16.10005 -1.60351  -2.53843  1.000 21.64798 ? 472 ASP B CB  1 
ATOM   733 C CG  . ASP B 2 6  ? -16.73298 -0.91896  -3.74398  1.000 24.16232 ? 472 ASP B CG  1 
ATOM   734 O OD1 . ASP B 2 6  ? -15.98687 -0.56230  -4.68252  1.000 25.90646 ? 472 ASP B OD1 1 
ATOM   735 O OD2 . ASP B 2 6  ? -17.97053 -0.73527  -3.75379  1.000 29.19865 ? 472 ASP B OD2 1 
ATOM   736 N N   . ALA B 2 7  ? -13.26865 -2.02187  -0.88250  1.000 17.32978 ? 473 ALA B N   1 
ATOM   737 C CA  . ALA B 2 7  ? -12.54678 -2.57339  0.25408   1.000 17.90415 ? 473 ALA B CA  1 
ATOM   738 C C   . ALA B 2 7  ? -12.38136 -1.49397  1.31199   1.000 17.51612 ? 473 ALA B C   1 
ATOM   739 O O   . ALA B 2 7  ? -12.15054 -0.33075  0.97970   1.000 14.92182 ? 473 ALA B O   1 
ATOM   740 C CB  . ALA B 2 7  ? -11.17162 -3.10103  -0.16069  1.000 19.68673 ? 473 ALA B CB  1 
ATOM   741 N N   . GLY B 2 8  ? -12.50391 -1.88642  2.57679   1.000 17.74773 ? 474 GLY B N   1 
ATOM   742 C CA  . GLY B 2 8  ? -12.28335 -0.98370  3.69232   1.000 18.98469 ? 474 GLY B CA  1 
ATOM   743 C C   . GLY B 2 8  ? -11.12826 -1.47449  4.54624   1.000 19.84041 ? 474 GLY B C   1 
ATOM   744 O O   . GLY B 2 8  ? -10.82938 -2.66648  4.58152   1.000 18.51166 ? 474 GLY B O   1 
ATOM   745 N N   . THR B 2 9  ? -10.45321 -0.53348  5.20813   1.000 17.73799 ? 475 THR B N   1 
ATOM   746 C CA  . THR B 2 9  ? -9.40086  -0.85187  6.16405   1.000 14.34720 ? 475 THR B CA  1 
ATOM   747 C C   . THR B 2 9  ? -9.66484  -0.06689  7.43727   1.000 15.50359 ? 475 THR B C   1 
ATOM   748 O O   . THR B 2 9  ? -10.30365 0.98438   7.40716   1.000 14.43172 ? 475 THR B O   1 
ATOM   749 C CB  . THR B 2 9  ? -7.97792  -0.50926  5.64607   1.000 15.55328 ? 475 THR B CB  1 
ATOM   750 O OG1 . THR B 2 9  ? -7.80694  0.91607   5.62047   1.000 17.89494 ? 475 THR B OG1 1 
ATOM   751 C CG2 . THR B 2 9  ? -7.73738  -1.07665  4.24699   1.000 16.09976 ? 475 THR B CG2 1 
ATOM   752 N N   . GLN B 2 10 ? -9.16830  -0.57952  8.55827   1.000 14.34097 ? 476 GLN B N   1 
ATOM   753 C CA  . GLN B 2 10 ? -9.28621  0.14739   9.81674   1.000 15.89627 ? 476 GLN B CA  1 
ATOM   754 C C   . GLN B 2 10 ? -8.13338  -0.24094  10.72689  1.000 16.64845 ? 476 GLN B C   1 
ATOM   755 O O   . GLN B 2 10 ? -7.89435  -1.43140  10.93409  1.000 15.29775 ? 476 GLN B O   1 
ATOM   756 C CB  . GLN B 2 10 ? -10.62199 -0.14551  10.51572  1.000 15.21232 ? 476 GLN B CB  1 
ATOM   757 C CG  . GLN B 2 10 ? -10.73336 0.53913   11.89246  1.000 17.52889 ? 476 GLN B CG  1 
ATOM   758 C CD  . GLN B 2 10 ? -10.76635 2.04514   11.75296  1.000 18.90743 ? 476 GLN B CD  1 
ATOM   759 O OE1 . GLN B 2 10 ? -11.50563 2.57344   10.91879  1.000 18.56848 ? 476 GLN B OE1 1 
ATOM   760 N NE2 . GLN B 2 10 ? -9.94934  2.74664   12.54011  1.000 26.12701 ? 476 GLN B NE2 1 
ATOM   761 N N   . VAL B 2 11 ? -7.42125  0.75687   11.25263  1.000 15.36307 ? 477 VAL B N   1 
ATOM   762 C CA  . VAL B 2 11 ? -6.46530  0.54097   12.33941  1.000 18.64217 ? 477 VAL B CA  1 
ATOM   763 C C   . VAL B 2 11 ? -7.24970  0.36992   13.63631  1.000 18.67528 ? 477 VAL B C   1 
ATOM   764 O O   . VAL B 2 11 ? -8.01781  1.25414   14.03651  1.000 18.29317 ? 477 VAL B O   1 
ATOM   765 C CB  . VAL B 2 11 ? -5.46642  1.70417   12.44668  1.000 21.29929 ? 477 VAL B CB  1 
ATOM   766 C CG1 . VAL B 2 11 ? -4.64084  1.59474   13.75009  1.000 18.02907 ? 477 VAL B CG1 1 
ATOM   767 C CG2 . VAL B 2 11 ? -4.55588  1.73522   11.21594  1.000 15.82929 ? 477 VAL B CG2 1 
ATOM   768 N N   . ARG B 2 12 ? -7.06122  -0.76510  14.29904  1.000 17.94488 ? 478 ARG B N   1 
ATOM   769 C CA  . ARG B 2 12 ? -7.81404  -1.06131  15.50715  1.000 25.37309 ? 478 ARG B CA  1 
ATOM   770 C C   . ARG B 2 12 ? -6.85263  -1.29477  16.66324  1.000 32.62971 ? 478 ARG B C   1 
ATOM   771 O O   . ARG B 2 12 ? -5.71378  -1.73431  16.47411  1.000 36.35138 ? 478 ARG B O   1 
ATOM   772 C CB  . ARG B 2 12 ? -8.73188  -2.28259  15.31743  1.000 29.67380 ? 478 ARG B CB  1 
ATOM   773 N N   . LEU B 2 13 ? -7.32176  -0.97735  17.85997  1.000 25.33961 ? 479 LEU B N   1 
ATOM   774 C CA  . LEU B 2 13 ? -6.51900  -1.12269  19.05714  1.000 31.11887 ? 479 LEU B CA  1 
ATOM   775 C C   . LEU B 2 13 ? -6.76328  -2.48520  19.69892  1.000 31.96120 ? 479 LEU B C   1 
ATOM   776 O O   . LEU B 2 13 ? -5.88334  -3.35093  19.68533  1.000 44.72276 ? 479 LEU B O   1 
ATOM   777 C CB  . LEU B 2 13 ? -6.84298  0.00765   20.02922  1.000 32.99228 ? 479 LEU B CB  1 
ATOM   778 C CG  . LEU B 2 13 ? -5.81544  0.32220   21.10692  1.000 37.08254 ? 479 LEU B CG  1 
ATOM   779 C CD1 . LEU B 2 13 ? -4.47936  0.70421   20.50339  1.000 33.34406 ? 479 LEU B CD1 1 
ATOM   780 C CD2 . LEU B 2 13 ? -6.35434  1.44475   21.93453  1.000 33.83739 ? 479 LEU B CD2 1 
HETATM 781 C C1  . EDO C 3 .  ? 14.76013  8.45723   7.85546   1.000 45.93554 ? 101 EDO A C1  1 
HETATM 782 O O1  . EDO C 3 .  ? 13.82372  7.39028   8.07492   1.000 38.59636 ? 101 EDO A O1  1 
HETATM 783 C C2  . EDO C 3 .  ? 14.22695  9.73289   8.50070   1.000 55.28745 ? 101 EDO A C2  1 
HETATM 784 O O2  . EDO C 3 .  ? 14.79106  10.88110  7.85265   1.000 57.94770 ? 101 EDO A O2  1 
HETATM 785 C C1  . EDO D 3 .  ? -19.62629 -3.89012  -1.21179  1.000 49.55091 ? 102 EDO A C1  1 
HETATM 786 O O1  . EDO D 3 .  ? -20.37241 -3.30994  -0.13013  1.000 42.84206 ? 102 EDO A O1  1 
HETATM 787 C C2  . EDO D 3 .  ? -20.18685 -3.42648  -2.55529  1.000 52.68784 ? 102 EDO A C2  1 
HETATM 788 O O2  . EDO D 3 .  ? -20.11051 -1.99788  -2.65962  1.000 44.99477 ? 102 EDO A O2  1 
HETATM 789 C C1  . EDO E 3 .  ? -14.19999 -4.86567  2.62903   1.000 51.34647 ? 501 EDO B C1  1 
HETATM 790 O O1  . EDO E 3 .  ? -12.82797 -4.93222  3.04896   1.000 42.93071 ? 501 EDO B O1  1 
HETATM 791 C C2  . EDO E 3 .  ? -14.99856 -3.92450  3.52895   1.000 44.72523 ? 501 EDO B C2  1 
HETATM 792 O O2  . EDO E 3 .  ? -16.40130 -4.18657  3.38635   1.000 61.47347 ? 501 EDO B O2  1 
HETATM 793 O O   . HOH F 4 .  ? -5.52835  -2.35095  10.52194  1.000 30.55710 ? 201 HOH A O   1 
HETATM 794 O O   . HOH F 4 .  ? -5.32557  -2.54492  13.64744  1.000 39.87334 ? 202 HOH A O   1 
HETATM 795 O O   . HOH F 4 .  ? 11.80960  -4.26238  7.02126   1.000 45.10680 ? 203 HOH A O   1 
HETATM 796 O O   . HOH F 4 .  ? -17.46696 -3.48233  1.16147   1.000 38.98371 ? 204 HOH A O   1 
HETATM 797 O O   . HOH F 4 .  ? 2.26398   -10.64187 -10.34280 1.000 42.12602 ? 205 HOH A O   1 
HETATM 798 O O   . HOH F 4 .  ? -11.31207 1.56707   -9.69218  1.000 40.44618 ? 206 HOH A O   1 
HETATM 799 O O   . HOH F 4 .  ? -2.19280  2.35369   -16.76709 1.000 36.22731 ? 207 HOH A O   1 
HETATM 800 O O   . HOH F 4 .  ? 12.62597  1.16004   -3.94979  1.000 31.95488 ? 208 HOH A O   1 
HETATM 801 O O   . HOH F 4 .  ? 0.86827   8.61483   10.91845  1.000 27.39917 ? 209 HOH A O   1 
HETATM 802 O O   . HOH F 4 .  ? -0.31210  -12.52519 1.70623   1.000 40.62937 ? 210 HOH A O   1 
HETATM 803 O O   . HOH F 4 .  ? 16.25640  2.58924   -4.05102  1.000 41.27091 ? 211 HOH A O   1 
HETATM 804 O O   . HOH F 4 .  ? 11.59793  3.92401   -6.35925  1.000 21.64594 ? 212 HOH A O   1 
HETATM 805 O O   . HOH F 4 .  ? 3.61975   8.59697   -10.81952 1.000 20.95460 ? 213 HOH A O   1 
HETATM 806 O O   . HOH F 4 .  ? 5.99053   7.24737   -11.23218 1.000 21.46952 ? 214 HOH A O   1 
HETATM 807 O O   . HOH F 4 .  ? -5.55692  2.35819   -13.03747 1.000 30.13652 ? 215 HOH A O   1 
HETATM 808 O O   . HOH F 4 .  ? 16.74477  5.56549   8.13751   1.000 45.84867 ? 216 HOH A O   1 
HETATM 809 O O   . HOH F 4 .  ? 10.88434  -2.44364  -4.64694  1.000 38.17076 ? 217 HOH A O   1 
HETATM 810 O O   . HOH F 4 .  ? -9.51988  0.28530   1.80871   1.000 36.03303 ? 218 HOH A O   1 
HETATM 811 O O   . HOH F 4 .  ? -1.24102  2.68645   15.56365  1.000 23.33738 ? 219 HOH A O   1 
HETATM 812 O O   . HOH F 4 .  ? 1.77252   2.64136   15.37635  1.000 23.10088 ? 220 HOH A O   1 
HETATM 813 O O   . HOH F 4 .  ? 15.56622  -1.10177  6.50650   1.000 44.32006 ? 221 HOH A O   1 
HETATM 814 O O   . HOH F 4 .  ? -1.26555  -8.73006  -8.48576  1.000 24.68237 ? 222 HOH A O   1 
HETATM 815 O O   . HOH F 4 .  ? 15.58867  10.76917  -0.70003  1.000 17.04034 ? 223 HOH A O   1 
HETATM 816 O O   . HOH F 4 .  ? 13.16065  0.20477   6.47670   1.000 25.79886 ? 224 HOH A O   1 
HETATM 817 O O   . HOH F 4 .  ? 7.63112   2.75297   11.05137  1.000 37.45232 ? 225 HOH A O   1 
HETATM 818 O O   . HOH F 4 .  ? 10.56898  5.85357   8.72667   1.000 26.61932 ? 226 HOH A O   1 
HETATM 819 O O   . HOH F 4 .  ? -7.04092  -5.98733  -12.78127 1.000 36.43177 ? 227 HOH A O   1 
HETATM 820 O O   . HOH F 4 .  ? 13.78263  -3.42135  0.38261   1.000 33.47045 ? 228 HOH A O   1 
HETATM 821 O O   . HOH F 4 .  ? 10.62866  12.38252  5.28347   1.000 22.58701 ? 229 HOH A O   1 
HETATM 822 O O   . HOH F 4 .  ? -10.74422 -6.42716  -1.83490  1.000 28.56340 ? 230 HOH A O   1 
HETATM 823 O O   . HOH F 4 .  ? 8.81999   -9.68129  -5.89421  1.000 38.23871 ? 231 HOH A O   1 
HETATM 824 O O   . HOH F 4 .  ? 13.71591  12.10665  4.90108   1.000 32.38893 ? 232 HOH A O   1 
HETATM 825 O O   . HOH F 4 .  ? 1.78364   -11.33543 7.03663   1.000 31.48574 ? 233 HOH A O   1 
HETATM 826 O O   . HOH F 4 .  ? 3.13599   11.33445  12.44964  1.000 35.05472 ? 234 HOH A O   1 
HETATM 827 O O   . HOH F 4 .  ? 18.41574  4.80047   1.15479   1.000 30.42766 ? 235 HOH A O   1 
HETATM 828 O O   . HOH F 4 .  ? 9.61152   1.61787   -10.26282 1.000 31.35351 ? 236 HOH A O   1 
HETATM 829 O O   . HOH F 4 .  ? 0.06947   8.77778   -12.34015 1.000 42.62348 ? 237 HOH A O   1 
HETATM 830 O O   . HOH F 4 .  ? 16.17850  10.67562  2.19600   1.000 20.31453 ? 238 HOH A O   1 
HETATM 831 O O   . HOH F 4 .  ? 6.33472   -8.78658  12.08645  1.000 27.34372 ? 239 HOH A O   1 
HETATM 832 O O   . HOH F 4 .  ? 3.12480   -13.11057 -10.56771 1.000 48.13602 ? 240 HOH A O   1 
HETATM 833 O O   . HOH F 4 .  ? -2.32335  -14.10103 -4.06487  1.000 44.65615 ? 241 HOH A O   1 
HETATM 834 O O   . HOH F 4 .  ? -0.35545  -6.37917  -13.01169 1.000 45.16754 ? 242 HOH A O   1 
HETATM 835 O O   . HOH F 4 .  ? -4.36770  -11.89875 -2.67389  1.000 28.47264 ? 243 HOH A O   1 
HETATM 836 O O   . HOH F 4 .  ? -10.03395 1.37351   -12.10780 1.000 44.51966 ? 244 HOH A O   1 
HETATM 837 O O   . HOH F 4 .  ? -9.13343  -8.26945  -0.38815  1.000 44.86567 ? 245 HOH A O   1 
HETATM 838 O O   . HOH F 4 .  ? 11.93088  3.73185   9.85568   1.000 40.32068 ? 246 HOH A O   1 
HETATM 839 O O   . HOH F 4 .  ? 13.72305  2.06535   8.41473   1.000 32.23294 ? 247 HOH A O   1 
HETATM 840 O O   . HOH F 4 .  ? 18.40157  6.53751   3.26599   1.000 27.64113 ? 248 HOH A O   1 
HETATM 841 O O   . HOH F 4 .  ? 5.26097   -9.03637  -9.90507  1.000 51.82544 ? 249 HOH A O   1 
HETATM 842 O O   . HOH F 4 .  ? 4.63462   -11.37014 1.15346   1.000 50.64605 ? 250 HOH A O   1 
HETATM 843 O O   . HOH F 4 .  ? 16.25884  14.39574  7.71276   1.000 26.93215 ? 251 HOH A O   1 
HETATM 844 O O   . HOH F 4 .  ? -7.85538  -5.70071  7.28343   1.000 29.71558 ? 252 HOH A O   1 
HETATM 845 O O   . HOH F 4 .  ? 11.05863  3.69859   -9.13614  1.000 22.70517 ? 253 HOH A O   1 
HETATM 846 O O   . HOH F 4 .  ? 8.99454   -12.38093 -4.60959  1.000 50.66655 ? 254 HOH A O   1 
HETATM 847 O O   . HOH F 4 .  ? 4.70722   -8.26367  14.18845  1.000 35.43006 ? 255 HOH A O   1 
HETATM 848 O O   . HOH G 4 .  ? -13.40325 -6.29889  -1.09491  1.000 40.39213 ? 601 HOH B O   1 
HETATM 849 O O   . HOH G 4 .  ? -19.25486 1.14530   -2.50786  1.000 17.89075 ? 602 HOH B O   1 
HETATM 850 O O   . HOH G 4 .  ? -19.13344 0.04192   -5.97559  1.000 39.84967 ? 603 HOH B O   1 
HETATM 851 O O   . HOH G 4 .  ? -6.65807  1.40031   7.98625   1.000 16.37748 ? 604 HOH B O   1 
HETATM 852 O O   . HOH G 4 .  ? -8.95392  -11.24827 -7.20072  1.000 36.72476 ? 605 HOH B O   1 
HETATM 853 O O   . HOH G 4 .  ? -16.79335 -5.32055  -1.00828  1.000 39.47932 ? 606 HOH B O   1 
HETATM 854 O O   . HOH G 4 .  ? -15.12881 -7.75213  -9.44140  1.000 35.71399 ? 607 HOH B O   1 
HETATM 855 O O   . HOH G 4 .  ? -8.86205  2.52617   16.41580  1.000 45.52084 ? 608 HOH B O   1 
HETATM 856 O O   . HOH G 4 .  ? -16.23063 -2.18812  -6.99915  1.000 28.73668 ? 609 HOH B O   1 
HETATM 857 O O   . HOH G 4 .  ? -16.73068 -5.19753  -3.95795  1.000 28.69437 ? 610 HOH B O   1 
HETATM 858 O O   . HOH G 4 .  ? -17.47594 -6.85558  4.10369   1.000 45.11004 ? 611 HOH B O   1 
HETATM 859 O O   . HOH G 4 .  ? -16.45263 -4.59560  -11.13976 1.000 29.61109 ? 612 HOH B O   1 
HETATM 860 O O   . HOH G 4 .  ? -8.75426  -3.74844  8.30660   1.000 24.68614 ? 613 HOH B O   1 
HETATM 861 O O   . HOH G 4 .  ? -13.33748 -8.02660  5.00155   0.500 63.62004 ? 614 HOH B O   1 
HETATM 862 O O   . HOH G 4 .  ? -17.70103 -4.26932  -6.08172  1.000 39.34003 ? 615 HOH B O   1 
HETATM 863 O O   . HOH G 4 .  ? -2.90467  1.07045   16.97727  0.500 23.43789 ? 616 HOH B O   1 
HETATM 864 O O   . HOH G 4 .  ? -18.69666 -1.56620  -8.98013  1.000 47.45926 ? 617 HOH B O   1 
# 
loop_
_pdbx_poly_seq_scheme.asym_id 
_pdbx_poly_seq_scheme.entity_id 
_pdbx_poly_seq_scheme.seq_id 
_pdbx_poly_seq_scheme.mon_id 
_pdbx_poly_seq_scheme.ndb_seq_num 
_pdbx_poly_seq_scheme.pdb_seq_num 
_pdbx_poly_seq_scheme.auth_seq_num 
_pdbx_poly_seq_scheme.pdb_mon_id 
_pdbx_poly_seq_scheme.auth_mon_id 
_pdbx_poly_seq_scheme.pdb_strand_id 
_pdbx_poly_seq_scheme.pdb_ins_code 
_pdbx_poly_seq_scheme.hetero 
A 1 1  MET 1  1   ?   ?   ?   A . n 
A 1 2  SER 2  2   ?   ?   ?   A . n 
A 1 3  ASP 3  3   ?   ?   ?   A . n 
A 1 4  ARG 4  4   4   ARG ARG A . n 
A 1 5  LYS 5  5   5   LYS LYS A . n 
A 1 6  ALA 6  6   6   ALA ALA A . n 
A 1 7  VAL 7  7   7   VAL VAL A . n 
A 1 8  ILE 8  8   8   ILE ILE A . n 
A 1 9  LYS 9  9   9   LYS LYS A . n 
A 1 10 ASN 10 10  10  ASN ASN A . n 
A 1 11 ALA 11 11  11  ALA ALA A . n 
A 1 12 ASP 12 12  12  ASP ASP A . n 
A 1 13 MET 13 13  13  MET MET A . n 
A 1 14 SER 14 14  14  SER SER A . n 
A 1 15 GLU 15 15  15  GLU GLU A . n 
A 1 16 GLU 16 16  16  GLU GLU A . n 
A 1 17 MET 17 17  17  MET MET A . n 
A 1 18 GLN 18 18  18  GLN GLN A . n 
A 1 19 GLN 19 19  19  GLN GLN A . n 
A 1 20 ASP 20 20  20  ASP ASP A . n 
A 1 21 ALA 21 21  21  ALA ALA A . n 
A 1 22 VAL 22 22  22  VAL VAL A . n 
A 1 23 ASP 23 23  23  ASP ASP A . n 
A 1 24 CYS 24 24  24  CYS CYS A . n 
A 1 25 ALA 25 25  25  ALA ALA A . n 
A 1 26 THR 26 26  26  THR THR A . n 
A 1 27 GLN 27 27  27  GLN GLN A . n 
A 1 28 ALA 28 28  28  ALA ALA A . n 
A 1 29 LEU 29 29  29  LEU LEU A . n 
A 1 30 GLU 30 30  30  GLU GLU A . n 
A 1 31 LYS 31 31  31  LYS LYS A . n 
A 1 32 TYR 32 32  32  TYR TYR A . n 
A 1 33 ASN 33 33  33  ASN ASN A . n 
A 1 34 ILE 34 34  34  ILE ILE A . n 
A 1 35 GLU 35 35  35  GLU GLU A . n 
A 1 36 LYS 36 36  36  LYS LYS A . n 
A 1 37 ASP 37 37  37  ASP ASP A . n 
A 1 38 ILE 38 38  38  ILE ILE A . n 
A 1 39 ALA 39 39  39  ALA ALA A . n 
A 1 40 ALA 40 40  40  ALA ALA A . n 
A 1 41 TYR 41 41  41  TYR TYR A . n 
A 1 42 ILE 42 42  42  ILE ILE A . n 
A 1 43 LYS 43 43  43  LYS LYS A . n 
A 1 44 LYS 44 44  44  LYS LYS A . n 
A 1 45 GLU 45 45  45  GLU GLU A . n 
A 1 46 PHE 46 46  46  PHE PHE A . n 
A 1 47 ASP 47 47  47  ASP ASP A . n 
A 1 48 LYS 48 48  48  LYS LYS A . n 
A 1 49 LYS 49 49  49  LYS LYS A . n 
A 1 50 TYR 50 50  50  TYR TYR A . n 
A 1 51 ASN 51 51  51  ASN ASN A . n 
A 1 52 PRO 52 52  52  PRO PRO A . n 
A 1 53 THR 53 53  53  THR THR A . n 
A 1 54 TRP 54 54  54  TRP TRP A . n 
A 1 55 HIS 55 55  55  HIS HIS A . n 
A 1 56 CYS 56 56  56  CYS CYS A . n 
A 1 57 ILE 57 57  57  ILE ILE A . n 
A 1 58 VAL 58 58  58  VAL VAL A . n 
A 1 59 GLY 59 59  59  GLY GLY A . n 
A 1 60 ARG 60 60  60  ARG ARG A . n 
A 1 61 ASN 61 61  61  ASN ASN A . n 
A 1 62 PHE 62 62  62  PHE PHE A . n 
A 1 63 GLY 63 63  63  GLY GLY A . n 
A 1 64 SER 64 64  64  SER SER A . n 
A 1 65 TYR 65 65  65  TYR TYR A . n 
A 1 66 VAL 66 66  66  VAL VAL A . n 
A 1 67 THR 67 67  67  THR THR A . n 
A 1 68 HIS 68 68  68  HIS HIS A . n 
A 1 69 GLU 69 69  69  GLU GLU A . n 
A 1 70 THR 70 70  70  THR THR A . n 
A 1 71 ARG 71 71  71  ARG ARG A . n 
A 1 72 HIS 72 72  72  HIS HIS A . n 
A 1 73 PHE 73 73  73  PHE PHE A . n 
A 1 74 ILE 74 74  74  ILE ILE A . n 
A 1 75 TYR 75 75  75  TYR TYR A . n 
A 1 76 PHE 76 76  76  PHE PHE A . n 
A 1 77 TYR 77 77  77  TYR TYR A . n 
A 1 78 LEU 78 78  78  LEU LEU A . n 
A 1 79 GLY 79 79  79  GLY GLY A . n 
A 1 80 GLN 80 80  80  GLN GLN A . n 
A 1 81 VAL 81 81  81  VAL VAL A . n 
A 1 82 ALA 82 82  82  ALA ALA A . n 
A 1 83 ILE 83 83  83  ILE ILE A . n 
A 1 84 LEU 84 84  84  LEU LEU A . n 
A 1 85 LEU 85 85  85  LEU LEU A . n 
A 1 86 PHE 86 86  86  PHE PHE A . n 
A 1 87 LYS 87 87  87  LYS LYS A . n 
A 1 88 SER 88 88  88  SER SER A . n 
A 1 89 GLY 89 89  89  GLY GLY A . n 
B 2 1  SER 1  467 ?   ?   ?   B . n 
B 2 2  THR 2  468 468 THR THR B . n 
B 2 3  ALA 3  469 469 ALA ALA B . n 
B 2 4  THR 4  470 470 THR THR B . n 
B 2 5  ARG 5  471 471 ARG ARG B . n 
B 2 6  ASP 6  472 472 ASP ASP B . n 
B 2 7  ALA 7  473 473 ALA ALA B . n 
B 2 8  GLY 8  474 474 GLY GLY B . n 
B 2 9  THR 9  475 475 THR THR B . n 
B 2 10 GLN 10 476 476 GLN GLN B . n 
B 2 11 VAL 11 477 477 VAL VAL B . n 
B 2 12 ARG 12 478 478 ARG ARG B . n 
B 2 13 LEU 13 479 479 LEU LEU B . n 
B 2 14 GLU 14 480 ?   ?   ?   B . n 
# 
loop_
_pdbx_nonpoly_scheme.asym_id 
_pdbx_nonpoly_scheme.entity_id 
_pdbx_nonpoly_scheme.mon_id 
_pdbx_nonpoly_scheme.ndb_seq_num 
_pdbx_nonpoly_scheme.pdb_seq_num 
_pdbx_nonpoly_scheme.auth_seq_num 
_pdbx_nonpoly_scheme.pdb_mon_id 
_pdbx_nonpoly_scheme.auth_mon_id 
_pdbx_nonpoly_scheme.pdb_strand_id 
_pdbx_nonpoly_scheme.pdb_ins_code 
C 3 EDO 1  101 1   EDO EDO A . 
D 3 EDO 1  102 4   EDO EDO A . 
E 3 EDO 1  501 3   EDO EDO B . 
F 4 HOH 1  201 31  HOH HOH A . 
F 4 HOH 2  202 63  HOH HOH A . 
F 4 HOH 3  203 56  HOH HOH A . 
F 4 HOH 4  204 27  HOH HOH A . 
F 4 HOH 5  205 48  HOH HOH A . 
F 4 HOH 6  206 44  HOH HOH A . 
F 4 HOH 7  207 54  HOH HOH A . 
F 4 HOH 8  208 18  HOH HOH A . 
F 4 HOH 9  209 7   HOH HOH A . 
F 4 HOH 10 210 21  HOH HOH A . 
F 4 HOH 11 211 80  HOH HOH A . 
F 4 HOH 12 212 4   HOH HOH A . 
F 4 HOH 13 213 53  HOH HOH A . 
F 4 HOH 14 214 12  HOH HOH A . 
F 4 HOH 15 215 24  HOH HOH A . 
F 4 HOH 16 216 9   HOH HOH A . 
F 4 HOH 17 217 43  HOH HOH A . 
F 4 HOH 18 218 96  HOH HOH A . 
F 4 HOH 19 219 19  HOH HOH A . 
F 4 HOH 20 220 13  HOH HOH A . 
F 4 HOH 21 221 97  HOH HOH A . 
F 4 HOH 22 222 35  HOH HOH A . 
F 4 HOH 23 223 14  HOH HOH A . 
F 4 HOH 24 224 20  HOH HOH A . 
F 4 HOH 25 225 94  HOH HOH A . 
F 4 HOH 26 226 34  HOH HOH A . 
F 4 HOH 27 227 11  HOH HOH A . 
F 4 HOH 28 228 103 HOH HOH A . 
F 4 HOH 29 229 5   HOH HOH A . 
F 4 HOH 30 230 95  HOH HOH A . 
F 4 HOH 31 231 92  HOH HOH A . 
F 4 HOH 32 232 105 HOH HOH A . 
F 4 HOH 33 233 75  HOH HOH A . 
F 4 HOH 34 234 62  HOH HOH A . 
F 4 HOH 35 235 29  HOH HOH A . 
F 4 HOH 36 236 64  HOH HOH A . 
F 4 HOH 37 237 37  HOH HOH A . 
F 4 HOH 38 238 91  HOH HOH A . 
F 4 HOH 39 239 25  HOH HOH A . 
F 4 HOH 40 240 57  HOH HOH A . 
F 4 HOH 41 241 40  HOH HOH A . 
F 4 HOH 42 242 79  HOH HOH A . 
F 4 HOH 43 243 6   HOH HOH A . 
F 4 HOH 44 244 47  HOH HOH A . 
F 4 HOH 45 245 33  HOH HOH A . 
F 4 HOH 46 246 99  HOH HOH A . 
F 4 HOH 47 247 98  HOH HOH A . 
F 4 HOH 48 248 83  HOH HOH A . 
F 4 HOH 49 249 101 HOH HOH A . 
F 4 HOH 50 250 88  HOH HOH A . 
F 4 HOH 51 251 46  HOH HOH A . 
F 4 HOH 52 252 100 HOH HOH A . 
F 4 HOH 53 253 81  HOH HOH A . 
F 4 HOH 54 254 93  HOH HOH A . 
F 4 HOH 55 255 104 HOH HOH A . 
G 4 HOH 1  601 67  HOH HOH B . 
G 4 HOH 2  602 17  HOH HOH B . 
G 4 HOH 3  603 15  HOH HOH B . 
G 4 HOH 4  604 16  HOH HOH B . 
G 4 HOH 5  605 51  HOH HOH B . 
G 4 HOH 6  606 55  HOH HOH B . 
G 4 HOH 7  607 65  HOH HOH B . 
G 4 HOH 8  608 42  HOH HOH B . 
G 4 HOH 9  609 41  HOH HOH B . 
G 4 HOH 10 610 22  HOH HOH B . 
G 4 HOH 11 611 89  HOH HOH B . 
G 4 HOH 12 612 1   HOH HOH B . 
G 4 HOH 13 613 28  HOH HOH B . 
G 4 HOH 14 614 84  HOH HOH B . 
G 4 HOH 15 615 102 HOH HOH B . 
G 4 HOH 16 616 30  HOH HOH B . 
G 4 HOH 17 617 82  HOH HOH B . 
# 
_pdbx_struct_assembly.id                   1 
_pdbx_struct_assembly.details              author_and_software_defined_assembly 
_pdbx_struct_assembly.method_details       PISA 
_pdbx_struct_assembly.oligomeric_details   tetrameric 
_pdbx_struct_assembly.oligomeric_count     4 
# 
_pdbx_struct_assembly_gen.assembly_id       1 
_pdbx_struct_assembly_gen.oper_expression   1,2 
_pdbx_struct_assembly_gen.asym_id_list      A,B,C,D,E,F,G 
# 
loop_
_pdbx_struct_assembly_prop.biol_id 
_pdbx_struct_assembly_prop.type 
_pdbx_struct_assembly_prop.value 
_pdbx_struct_assembly_prop.details 
1 'ABSA (A^2)' 5140 ? 
1 MORE         -11  ? 
1 'SSA (A^2)'  9640 ? 
# 
loop_
_pdbx_struct_oper_list.id 
_pdbx_struct_oper_list.type 
_pdbx_struct_oper_list.name 
_pdbx_struct_oper_list.symmetry_operation 
_pdbx_struct_oper_list.matrix[1][1] 
_pdbx_struct_oper_list.matrix[1][2] 
_pdbx_struct_oper_list.matrix[1][3] 
_pdbx_struct_oper_list.vector[1] 
_pdbx_struct_oper_list.matrix[2][1] 
_pdbx_struct_oper_list.matrix[2][2] 
_pdbx_struct_oper_list.matrix[2][3] 
_pdbx_struct_oper_list.vector[2] 
_pdbx_struct_oper_list.matrix[3][1] 
_pdbx_struct_oper_list.matrix[3][2] 
_pdbx_struct_oper_list.matrix[3][3] 
_pdbx_struct_oper_list.vector[3] 
1 'identity operation'         1_555  x,y,z   1.0000000000  0.0000000000 0.0000000000 0.0000000000   0.0000000000 1.0000000000  0.0000000000 0.0000000000  0.0000000000 0.0000000000 1.0000000000 0.0000000000 
2 'crystal symmetry operation' 10_555 -x,-y,z -0.8892874352 0.0535919368 0.4541979324 -12.7568227569 0.0535919368 -0.9740580873 0.2198607442 13.4962867980 0.4541979324 0.2198607442 0.8633455226 1.5170663879 
# 
loop_
_pdbx_struct_special_symmetry.id 
_pdbx_struct_special_symmetry.PDB_model_num 
_pdbx_struct_special_symmetry.auth_asym_id 
_pdbx_struct_special_symmetry.auth_comp_id 
_pdbx_struct_special_symmetry.auth_seq_id 
_pdbx_struct_special_symmetry.PDB_ins_code 
_pdbx_struct_special_symmetry.label_asym_id 
_pdbx_struct_special_symmetry.label_comp_id 
_pdbx_struct_special_symmetry.label_seq_id 
1 1 B HOH 614 ? G HOH . 
2 1 B HOH 616 ? G HOH . 
# 
loop_
_pdbx_audit_revision_history.ordinal 
_pdbx_audit_revision_history.data_content_type 
_pdbx_audit_revision_history.major_revision 
_pdbx_audit_revision_history.minor_revision 
_pdbx_audit_revision_history.revision_date 
1 'Structure model' 1 0 2021-03-03 
2 'Structure model' 1 1 2021-03-10 
3 'Structure model' 1 2 2023-10-18 
# 
_pdbx_audit_revision_details.ordinal             1 
_pdbx_audit_revision_details.revision_ordinal    1 
_pdbx_audit_revision_details.data_content_type   'Structure model' 
_pdbx_audit_revision_details.provider            repository 
_pdbx_audit_revision_details.type                'Initial release' 
_pdbx_audit_revision_details.description         ? 
_pdbx_audit_revision_details.details             ? 
# 
loop_
_pdbx_audit_revision_group.ordinal 
_pdbx_audit_revision_group.revision_ordinal 
_pdbx_audit_revision_group.data_content_type 
_pdbx_audit_revision_group.group 
1 2 'Structure model' 'Database references'    
2 3 'Structure model' 'Data collection'        
3 3 'Structure model' 'Database references'    
4 3 'Structure model' 'Refinement description' 
# 
loop_
_pdbx_audit_revision_category.ordinal 
_pdbx_audit_revision_category.revision_ordinal 
_pdbx_audit_revision_category.data_content_type 
_pdbx_audit_revision_category.category 
1 2 'Structure model' citation                      
2 3 'Structure model' chem_comp_atom                
3 3 'Structure model' chem_comp_bond                
4 3 'Structure model' database_2                    
5 3 'Structure model' pdbx_initial_refinement_model 
# 
loop_
_pdbx_audit_revision_item.ordinal 
_pdbx_audit_revision_item.revision_ordinal 
_pdbx_audit_revision_item.data_content_type 
_pdbx_audit_revision_item.item 
1 2 'Structure model' '_citation.journal_volume'            
2 2 'Structure model' '_citation.page_first'                
3 2 'Structure model' '_citation.page_last'                 
4 3 'Structure model' '_database_2.pdbx_DOI'                
5 3 'Structure model' '_database_2.pdbx_database_accession' 
# 
loop_
_space_group_symop.id 
_space_group_symop.operation_xyz 
1  x,y,z                
2  -y+1/2,x,z+3/4       
3  y+1/2,-x,z+3/4       
4  x+1/2,-y,-z+3/4      
5  -x+1/2,y,-z+3/4      
6  -x,-y,z              
7  y,x,-z               
8  -y,-x,-z             
9  x+1/2,y+1/2,z+1/2    
10 -y+1,x+1/2,z+5/4     
11 y+1,-x+1/2,z+5/4     
12 x+1,-y+1/2,-z+5/4    
13 -x+1,y+1/2,-z+5/4    
14 -x+1/2,-y+1/2,z+1/2  
15 y+1/2,x+1/2,-z+1/2   
16 -y+1/2,-x+1/2,-z+1/2 
# 
loop_
_software.citation_id 
_software.classification 
_software.compiler_name 
_software.compiler_version 
_software.contact_author 
_software.contact_author_email 
_software.date 
_software.description 
_software.dependencies 
_software.hardware 
_software.language 
_software.location 
_software.mods 
_software.name 
_software.os 
_software.os_version 
_software.type 
_software.version 
_software.pdbx_ordinal 
? refinement       ? ? ? ? ? ? ? ? ? ? ? PHENIX  ? ? ? 1.16_3549 1 
? refinement       ? ? ? ? ? ? ? ? ? ? ? PHENIX  ? ? ? 1.16_3549 2 
? 'data reduction' ? ? ? ? ? ? ? ? ? ? ? iMOSFLM ? ? ? .         3 
? 'data scaling'   ? ? ? ? ? ? ? ? ? ? ? SCALA   ? ? ? .         4 
? phasing          ? ? ? ? ? ? ? ? ? ? ? PHENIX  ? ? ? .         5 
# 
_pdbx_entry_details.entry_id                 7K3L 
_pdbx_entry_details.has_ligand_of_interest   Y 
_pdbx_entry_details.compound_details         ? 
_pdbx_entry_details.source_details           ? 
_pdbx_entry_details.nonpolymer_details       ? 
_pdbx_entry_details.sequence_details         ? 
# 
loop_
_pdbx_validate_torsion.id 
_pdbx_validate_torsion.PDB_model_num 
_pdbx_validate_torsion.auth_comp_id 
_pdbx_validate_torsion.auth_asym_id 
_pdbx_validate_torsion.auth_seq_id 
_pdbx_validate_torsion.PDB_ins_code 
_pdbx_validate_torsion.label_alt_id 
_pdbx_validate_torsion.phi 
_pdbx_validate_torsion.psi 
1 1 MET A 13 ? ? -171.33 145.58 
2 1 ASN A 51 ? ? 72.75   149.67 
# 
loop_
_pdbx_unobs_or_zero_occ_atoms.id 
_pdbx_unobs_or_zero_occ_atoms.PDB_model_num 
_pdbx_unobs_or_zero_occ_atoms.polymer_flag 
_pdbx_unobs_or_zero_occ_atoms.occupancy_flag 
_pdbx_unobs_or_zero_occ_atoms.auth_asym_id 
_pdbx_unobs_or_zero_occ_atoms.auth_comp_id 
_pdbx_unobs_or_zero_occ_atoms.auth_seq_id 
_pdbx_unobs_or_zero_occ_atoms.PDB_ins_code 
_pdbx_unobs_or_zero_occ_atoms.auth_atom_id 
_pdbx_unobs_or_zero_occ_atoms.label_alt_id 
_pdbx_unobs_or_zero_occ_atoms.label_asym_id 
_pdbx_unobs_or_zero_occ_atoms.label_comp_id 
_pdbx_unobs_or_zero_occ_atoms.label_seq_id 
_pdbx_unobs_or_zero_occ_atoms.label_atom_id 
1  1 Y 1 A ARG 4   ? CG  ? A ARG 4  CG  
2  1 Y 1 A ARG 4   ? CD  ? A ARG 4  CD  
3  1 Y 1 A ARG 4   ? NE  ? A ARG 4  NE  
4  1 Y 1 A ARG 4   ? CZ  ? A ARG 4  CZ  
5  1 Y 1 A ARG 4   ? NH1 ? A ARG 4  NH1 
6  1 Y 1 A ARG 4   ? NH2 ? A ARG 4  NH2 
7  1 Y 1 A LYS 5   ? CG  ? A LYS 5  CG  
8  1 Y 1 A LYS 5   ? CD  ? A LYS 5  CD  
9  1 Y 1 A LYS 5   ? CE  ? A LYS 5  CE  
10 1 Y 1 A LYS 5   ? NZ  ? A LYS 5  NZ  
11 1 Y 1 B ARG 478 ? CG  ? B ARG 12 CG  
12 1 Y 1 B ARG 478 ? CD  ? B ARG 12 CD  
13 1 Y 1 B ARG 478 ? NE  ? B ARG 12 NE  
14 1 Y 1 B ARG 478 ? CZ  ? B ARG 12 CZ  
15 1 Y 1 B ARG 478 ? NH1 ? B ARG 12 NH1 
16 1 Y 1 B ARG 478 ? NH2 ? B ARG 12 NH2 
# 
loop_
_pdbx_unobs_or_zero_occ_residues.id 
_pdbx_unobs_or_zero_occ_residues.PDB_model_num 
_pdbx_unobs_or_zero_occ_residues.polymer_flag 
_pdbx_unobs_or_zero_occ_residues.occupancy_flag 
_pdbx_unobs_or_zero_occ_residues.auth_asym_id 
_pdbx_unobs_or_zero_occ_residues.auth_comp_id 
_pdbx_unobs_or_zero_occ_residues.auth_seq_id 
_pdbx_unobs_or_zero_occ_residues.PDB_ins_code 
_pdbx_unobs_or_zero_occ_residues.label_asym_id 
_pdbx_unobs_or_zero_occ_residues.label_comp_id 
_pdbx_unobs_or_zero_occ_residues.label_seq_id 
1 1 Y 1 A MET 1   ? A MET 1  
2 1 Y 1 A SER 2   ? A SER 2  
3 1 Y 1 A ASP 3   ? A ASP 3  
4 1 Y 1 B SER 467 ? B SER 1  
5 1 Y 1 B GLU 480 ? B GLU 14 
# 
loop_
_chem_comp_atom.comp_id 
_chem_comp_atom.atom_id 
_chem_comp_atom.type_symbol 
_chem_comp_atom.pdbx_aromatic_flag 
_chem_comp_atom.pdbx_stereo_config 
_chem_comp_atom.pdbx_ordinal 
ALA N    N N N 1   
ALA CA   C N S 2   
ALA C    C N N 3   
ALA O    O N N 4   
ALA CB   C N N 5   
ALA OXT  O N N 6   
ALA H    H N N 7   
ALA H2   H N N 8   
ALA HA   H N N 9   
ALA HB1  H N N 10  
ALA HB2  H N N 11  
ALA HB3  H N N 12  
ALA HXT  H N N 13  
ARG N    N N N 14  
ARG CA   C N S 15  
ARG C    C N N 16  
ARG O    O N N 17  
ARG CB   C N N 18  
ARG CG   C N N 19  
ARG CD   C N N 20  
ARG NE   N N N 21  
ARG CZ   C N N 22  
ARG NH1  N N N 23  
ARG NH2  N N N 24  
ARG OXT  O N N 25  
ARG H    H N N 26  
ARG H2   H N N 27  
ARG HA   H N N 28  
ARG HB2  H N N 29  
ARG HB3  H N N 30  
ARG HG2  H N N 31  
ARG HG3  H N N 32  
ARG HD2  H N N 33  
ARG HD3  H N N 34  
ARG HE   H N N 35  
ARG HH11 H N N 36  
ARG HH12 H N N 37  
ARG HH21 H N N 38  
ARG HH22 H N N 39  
ARG HXT  H N N 40  
ASN N    N N N 41  
ASN CA   C N S 42  
ASN C    C N N 43  
ASN O    O N N 44  
ASN CB   C N N 45  
ASN CG   C N N 46  
ASN OD1  O N N 47  
ASN ND2  N N N 48  
ASN OXT  O N N 49  
ASN H    H N N 50  
ASN H2   H N N 51  
ASN HA   H N N 52  
ASN HB2  H N N 53  
ASN HB3  H N N 54  
ASN HD21 H N N 55  
ASN HD22 H N N 56  
ASN HXT  H N N 57  
ASP N    N N N 58  
ASP CA   C N S 59  
ASP C    C N N 60  
ASP O    O N N 61  
ASP CB   C N N 62  
ASP CG   C N N 63  
ASP OD1  O N N 64  
ASP OD2  O N N 65  
ASP OXT  O N N 66  
ASP H    H N N 67  
ASP H2   H N N 68  
ASP HA   H N N 69  
ASP HB2  H N N 70  
ASP HB3  H N N 71  
ASP HD2  H N N 72  
ASP HXT  H N N 73  
CYS N    N N N 74  
CYS CA   C N R 75  
CYS C    C N N 76  
CYS O    O N N 77  
CYS CB   C N N 78  
CYS SG   S N N 79  
CYS OXT  O N N 80  
CYS H    H N N 81  
CYS H2   H N N 82  
CYS HA   H N N 83  
CYS HB2  H N N 84  
CYS HB3  H N N 85  
CYS HG   H N N 86  
CYS HXT  H N N 87  
EDO C1   C N N 88  
EDO O1   O N N 89  
EDO C2   C N N 90  
EDO O2   O N N 91  
EDO H11  H N N 92  
EDO H12  H N N 93  
EDO HO1  H N N 94  
EDO H21  H N N 95  
EDO H22  H N N 96  
EDO HO2  H N N 97  
GLN N    N N N 98  
GLN CA   C N S 99  
GLN C    C N N 100 
GLN O    O N N 101 
GLN CB   C N N 102 
GLN CG   C N N 103 
GLN CD   C N N 104 
GLN OE1  O N N 105 
GLN NE2  N N N 106 
GLN OXT  O N N 107 
GLN H    H N N 108 
GLN H2   H N N 109 
GLN HA   H N N 110 
GLN HB2  H N N 111 
GLN HB3  H N N 112 
GLN HG2  H N N 113 
GLN HG3  H N N 114 
GLN HE21 H N N 115 
GLN HE22 H N N 116 
GLN HXT  H N N 117 
GLU N    N N N 118 
GLU CA   C N S 119 
GLU C    C N N 120 
GLU O    O N N 121 
GLU CB   C N N 122 
GLU CG   C N N 123 
GLU CD   C N N 124 
GLU OE1  O N N 125 
GLU OE2  O N N 126 
GLU OXT  O N N 127 
GLU H    H N N 128 
GLU H2   H N N 129 
GLU HA   H N N 130 
GLU HB2  H N N 131 
GLU HB3  H N N 132 
GLU HG2  H N N 133 
GLU HG3  H N N 134 
GLU HE2  H N N 135 
GLU HXT  H N N 136 
GLY N    N N N 137 
GLY CA   C N N 138 
GLY C    C N N 139 
GLY O    O N N 140 
GLY OXT  O N N 141 
GLY H    H N N 142 
GLY H2   H N N 143 
GLY HA2  H N N 144 
GLY HA3  H N N 145 
GLY HXT  H N N 146 
HIS N    N N N 147 
HIS CA   C N S 148 
HIS C    C N N 149 
HIS O    O N N 150 
HIS CB   C N N 151 
HIS CG   C Y N 152 
HIS ND1  N Y N 153 
HIS CD2  C Y N 154 
HIS CE1  C Y N 155 
HIS NE2  N Y N 156 
HIS OXT  O N N 157 
HIS H    H N N 158 
HIS H2   H N N 159 
HIS HA   H N N 160 
HIS HB2  H N N 161 
HIS HB3  H N N 162 
HIS HD1  H N N 163 
HIS HD2  H N N 164 
HIS HE1  H N N 165 
HIS HE2  H N N 166 
HIS HXT  H N N 167 
HOH O    O N N 168 
HOH H1   H N N 169 
HOH H2   H N N 170 
ILE N    N N N 171 
ILE CA   C N S 172 
ILE C    C N N 173 
ILE O    O N N 174 
ILE CB   C N S 175 
ILE CG1  C N N 176 
ILE CG2  C N N 177 
ILE CD1  C N N 178 
ILE OXT  O N N 179 
ILE H    H N N 180 
ILE H2   H N N 181 
ILE HA   H N N 182 
ILE HB   H N N 183 
ILE HG12 H N N 184 
ILE HG13 H N N 185 
ILE HG21 H N N 186 
ILE HG22 H N N 187 
ILE HG23 H N N 188 
ILE HD11 H N N 189 
ILE HD12 H N N 190 
ILE HD13 H N N 191 
ILE HXT  H N N 192 
LEU N    N N N 193 
LEU CA   C N S 194 
LEU C    C N N 195 
LEU O    O N N 196 
LEU CB   C N N 197 
LEU CG   C N N 198 
LEU CD1  C N N 199 
LEU CD2  C N N 200 
LEU OXT  O N N 201 
LEU H    H N N 202 
LEU H2   H N N 203 
LEU HA   H N N 204 
LEU HB2  H N N 205 
LEU HB3  H N N 206 
LEU HG   H N N 207 
LEU HD11 H N N 208 
LEU HD12 H N N 209 
LEU HD13 H N N 210 
LEU HD21 H N N 211 
LEU HD22 H N N 212 
LEU HD23 H N N 213 
LEU HXT  H N N 214 
LYS N    N N N 215 
LYS CA   C N S 216 
LYS C    C N N 217 
LYS O    O N N 218 
LYS CB   C N N 219 
LYS CG   C N N 220 
LYS CD   C N N 221 
LYS CE   C N N 222 
LYS NZ   N N N 223 
LYS OXT  O N N 224 
LYS H    H N N 225 
LYS H2   H N N 226 
LYS HA   H N N 227 
LYS HB2  H N N 228 
LYS HB3  H N N 229 
LYS HG2  H N N 230 
LYS HG3  H N N 231 
LYS HD2  H N N 232 
LYS HD3  H N N 233 
LYS HE2  H N N 234 
LYS HE3  H N N 235 
LYS HZ1  H N N 236 
LYS HZ2  H N N 237 
LYS HZ3  H N N 238 
LYS HXT  H N N 239 
MET N    N N N 240 
MET CA   C N S 241 
MET C    C N N 242 
MET O    O N N 243 
MET CB   C N N 244 
MET CG   C N N 245 
MET SD   S N N 246 
MET CE   C N N 247 
MET OXT  O N N 248 
MET H    H N N 249 
MET H2   H N N 250 
MET HA   H N N 251 
MET HB2  H N N 252 
MET HB3  H N N 253 
MET HG2  H N N 254 
MET HG3  H N N 255 
MET HE1  H N N 256 
MET HE2  H N N 257 
MET HE3  H N N 258 
MET HXT  H N N 259 
PHE N    N N N 260 
PHE CA   C N S 261 
PHE C    C N N 262 
PHE O    O N N 263 
PHE CB   C N N 264 
PHE CG   C Y N 265 
PHE CD1  C Y N 266 
PHE CD2  C Y N 267 
PHE CE1  C Y N 268 
PHE CE2  C Y N 269 
PHE CZ   C Y N 270 
PHE OXT  O N N 271 
PHE H    H N N 272 
PHE H2   H N N 273 
PHE HA   H N N 274 
PHE HB2  H N N 275 
PHE HB3  H N N 276 
PHE HD1  H N N 277 
PHE HD2  H N N 278 
PHE HE1  H N N 279 
PHE HE2  H N N 280 
PHE HZ   H N N 281 
PHE HXT  H N N 282 
PRO N    N N N 283 
PRO CA   C N S 284 
PRO C    C N N 285 
PRO O    O N N 286 
PRO CB   C N N 287 
PRO CG   C N N 288 
PRO CD   C N N 289 
PRO OXT  O N N 290 
PRO H    H N N 291 
PRO HA   H N N 292 
PRO HB2  H N N 293 
PRO HB3  H N N 294 
PRO HG2  H N N 295 
PRO HG3  H N N 296 
PRO HD2  H N N 297 
PRO HD3  H N N 298 
PRO HXT  H N N 299 
SER N    N N N 300 
SER CA   C N S 301 
SER C    C N N 302 
SER O    O N N 303 
SER CB   C N N 304 
SER OG   O N N 305 
SER OXT  O N N 306 
SER H    H N N 307 
SER H2   H N N 308 
SER HA   H N N 309 
SER HB2  H N N 310 
SER HB3  H N N 311 
SER HG   H N N 312 
SER HXT  H N N 313 
THR N    N N N 314 
THR CA   C N S 315 
THR C    C N N 316 
THR O    O N N 317 
THR CB   C N R 318 
THR OG1  O N N 319 
THR CG2  C N N 320 
THR OXT  O N N 321 
THR H    H N N 322 
THR H2   H N N 323 
THR HA   H N N 324 
THR HB   H N N 325 
THR HG1  H N N 326 
THR HG21 H N N 327 
THR HG22 H N N 328 
THR HG23 H N N 329 
THR HXT  H N N 330 
TRP N    N N N 331 
TRP CA   C N S 332 
TRP C    C N N 333 
TRP O    O N N 334 
TRP CB   C N N 335 
TRP CG   C Y N 336 
TRP CD1  C Y N 337 
TRP CD2  C Y N 338 
TRP NE1  N Y N 339 
TRP CE2  C Y N 340 
TRP CE3  C Y N 341 
TRP CZ2  C Y N 342 
TRP CZ3  C Y N 343 
TRP CH2  C Y N 344 
TRP OXT  O N N 345 
TRP H    H N N 346 
TRP H2   H N N 347 
TRP HA   H N N 348 
TRP HB2  H N N 349 
TRP HB3  H N N 350 
TRP HD1  H N N 351 
TRP HE1  H N N 352 
TRP HE3  H N N 353 
TRP HZ2  H N N 354 
TRP HZ3  H N N 355 
TRP HH2  H N N 356 
TRP HXT  H N N 357 
TYR N    N N N 358 
TYR CA   C N S 359 
TYR C    C N N 360 
TYR O    O N N 361 
TYR CB   C N N 362 
TYR CG   C Y N 363 
TYR CD1  C Y N 364 
TYR CD2  C Y N 365 
TYR CE1  C Y N 366 
TYR CE2  C Y N 367 
TYR CZ   C Y N 368 
TYR OH   O N N 369 
TYR OXT  O N N 370 
TYR H    H N N 371 
TYR H2   H N N 372 
TYR HA   H N N 373 
TYR HB2  H N N 374 
TYR HB3  H N N 375 
TYR HD1  H N N 376 
TYR HD2  H N N 377 
TYR HE1  H N N 378 
TYR HE2  H N N 379 
TYR HH   H N N 380 
TYR HXT  H N N 381 
VAL N    N N N 382 
VAL CA   C N S 383 
VAL C    C N N 384 
VAL O    O N N 385 
VAL CB   C N N 386 
VAL CG1  C N N 387 
VAL CG2  C N N 388 
VAL OXT  O N N 389 
VAL H    H N N 390 
VAL H2   H N N 391 
VAL HA   H N N 392 
VAL HB   H N N 393 
VAL HG11 H N N 394 
VAL HG12 H N N 395 
VAL HG13 H N N 396 
VAL HG21 H N N 397 
VAL HG22 H N N 398 
VAL HG23 H N N 399 
VAL HXT  H N N 400 
# 
loop_
_chem_comp_bond.comp_id 
_chem_comp_bond.atom_id_1 
_chem_comp_bond.atom_id_2 
_chem_comp_bond.value_order 
_chem_comp_bond.pdbx_aromatic_flag 
_chem_comp_bond.pdbx_stereo_config 
_chem_comp_bond.pdbx_ordinal 
ALA N   CA   sing N N 1   
ALA N   H    sing N N 2   
ALA N   H2   sing N N 3   
ALA CA  C    sing N N 4   
ALA CA  CB   sing N N 5   
ALA CA  HA   sing N N 6   
ALA C   O    doub N N 7   
ALA C   OXT  sing N N 8   
ALA CB  HB1  sing N N 9   
ALA CB  HB2  sing N N 10  
ALA CB  HB3  sing N N 11  
ALA OXT HXT  sing N N 12  
ARG N   CA   sing N N 13  
ARG N   H    sing N N 14  
ARG N   H2   sing N N 15  
ARG CA  C    sing N N 16  
ARG CA  CB   sing N N 17  
ARG CA  HA   sing N N 18  
ARG C   O    doub N N 19  
ARG C   OXT  sing N N 20  
ARG CB  CG   sing N N 21  
ARG CB  HB2  sing N N 22  
ARG CB  HB3  sing N N 23  
ARG CG  CD   sing N N 24  
ARG CG  HG2  sing N N 25  
ARG CG  HG3  sing N N 26  
ARG CD  NE   sing N N 27  
ARG CD  HD2  sing N N 28  
ARG CD  HD3  sing N N 29  
ARG NE  CZ   sing N N 30  
ARG NE  HE   sing N N 31  
ARG CZ  NH1  sing N N 32  
ARG CZ  NH2  doub N N 33  
ARG NH1 HH11 sing N N 34  
ARG NH1 HH12 sing N N 35  
ARG NH2 HH21 sing N N 36  
ARG NH2 HH22 sing N N 37  
ARG OXT HXT  sing N N 38  
ASN N   CA   sing N N 39  
ASN N   H    sing N N 40  
ASN N   H2   sing N N 41  
ASN CA  C    sing N N 42  
ASN CA  CB   sing N N 43  
ASN CA  HA   sing N N 44  
ASN C   O    doub N N 45  
ASN C   OXT  sing N N 46  
ASN CB  CG   sing N N 47  
ASN CB  HB2  sing N N 48  
ASN CB  HB3  sing N N 49  
ASN CG  OD1  doub N N 50  
ASN CG  ND2  sing N N 51  
ASN ND2 HD21 sing N N 52  
ASN ND2 HD22 sing N N 53  
ASN OXT HXT  sing N N 54  
ASP N   CA   sing N N 55  
ASP N   H    sing N N 56  
ASP N   H2   sing N N 57  
ASP CA  C    sing N N 58  
ASP CA  CB   sing N N 59  
ASP CA  HA   sing N N 60  
ASP C   O    doub N N 61  
ASP C   OXT  sing N N 62  
ASP CB  CG   sing N N 63  
ASP CB  HB2  sing N N 64  
ASP CB  HB3  sing N N 65  
ASP CG  OD1  doub N N 66  
ASP CG  OD2  sing N N 67  
ASP OD2 HD2  sing N N 68  
ASP OXT HXT  sing N N 69  
CYS N   CA   sing N N 70  
CYS N   H    sing N N 71  
CYS N   H2   sing N N 72  
CYS CA  C    sing N N 73  
CYS CA  CB   sing N N 74  
CYS CA  HA   sing N N 75  
CYS C   O    doub N N 76  
CYS C   OXT  sing N N 77  
CYS CB  SG   sing N N 78  
CYS CB  HB2  sing N N 79  
CYS CB  HB3  sing N N 80  
CYS SG  HG   sing N N 81  
CYS OXT HXT  sing N N 82  
EDO C1  O1   sing N N 83  
EDO C1  C2   sing N N 84  
EDO C1  H11  sing N N 85  
EDO C1  H12  sing N N 86  
EDO O1  HO1  sing N N 87  
EDO C2  O2   sing N N 88  
EDO C2  H21  sing N N 89  
EDO C2  H22  sing N N 90  
EDO O2  HO2  sing N N 91  
GLN N   CA   sing N N 92  
GLN N   H    sing N N 93  
GLN N   H2   sing N N 94  
GLN CA  C    sing N N 95  
GLN CA  CB   sing N N 96  
GLN CA  HA   sing N N 97  
GLN C   O    doub N N 98  
GLN C   OXT  sing N N 99  
GLN CB  CG   sing N N 100 
GLN CB  HB2  sing N N 101 
GLN CB  HB3  sing N N 102 
GLN CG  CD   sing N N 103 
GLN CG  HG2  sing N N 104 
GLN CG  HG3  sing N N 105 
GLN CD  OE1  doub N N 106 
GLN CD  NE2  sing N N 107 
GLN NE2 HE21 sing N N 108 
GLN NE2 HE22 sing N N 109 
GLN OXT HXT  sing N N 110 
GLU N   CA   sing N N 111 
GLU N   H    sing N N 112 
GLU N   H2   sing N N 113 
GLU CA  C    sing N N 114 
GLU CA  CB   sing N N 115 
GLU CA  HA   sing N N 116 
GLU C   O    doub N N 117 
GLU C   OXT  sing N N 118 
GLU CB  CG   sing N N 119 
GLU CB  HB2  sing N N 120 
GLU CB  HB3  sing N N 121 
GLU CG  CD   sing N N 122 
GLU CG  HG2  sing N N 123 
GLU CG  HG3  sing N N 124 
GLU CD  OE1  doub N N 125 
GLU CD  OE2  sing N N 126 
GLU OE2 HE2  sing N N 127 
GLU OXT HXT  sing N N 128 
GLY N   CA   sing N N 129 
GLY N   H    sing N N 130 
GLY N   H2   sing N N 131 
GLY CA  C    sing N N 132 
GLY CA  HA2  sing N N 133 
GLY CA  HA3  sing N N 134 
GLY C   O    doub N N 135 
GLY C   OXT  sing N N 136 
GLY OXT HXT  sing N N 137 
HIS N   CA   sing N N 138 
HIS N   H    sing N N 139 
HIS N   H2   sing N N 140 
HIS CA  C    sing N N 141 
HIS CA  CB   sing N N 142 
HIS CA  HA   sing N N 143 
HIS C   O    doub N N 144 
HIS C   OXT  sing N N 145 
HIS CB  CG   sing N N 146 
HIS CB  HB2  sing N N 147 
HIS CB  HB3  sing N N 148 
HIS CG  ND1  sing Y N 149 
HIS CG  CD2  doub Y N 150 
HIS ND1 CE1  doub Y N 151 
HIS ND1 HD1  sing N N 152 
HIS CD2 NE2  sing Y N 153 
HIS CD2 HD2  sing N N 154 
HIS CE1 NE2  sing Y N 155 
HIS CE1 HE1  sing N N 156 
HIS NE2 HE2  sing N N 157 
HIS OXT HXT  sing N N 158 
HOH O   H1   sing N N 159 
HOH O   H2   sing N N 160 
ILE N   CA   sing N N 161 
ILE N   H    sing N N 162 
ILE N   H2   sing N N 163 
ILE CA  C    sing N N 164 
ILE CA  CB   sing N N 165 
ILE CA  HA   sing N N 166 
ILE C   O    doub N N 167 
ILE C   OXT  sing N N 168 
ILE CB  CG1  sing N N 169 
ILE CB  CG2  sing N N 170 
ILE CB  HB   sing N N 171 
ILE CG1 CD1  sing N N 172 
ILE CG1 HG12 sing N N 173 
ILE CG1 HG13 sing N N 174 
ILE CG2 HG21 sing N N 175 
ILE CG2 HG22 sing N N 176 
ILE CG2 HG23 sing N N 177 
ILE CD1 HD11 sing N N 178 
ILE CD1 HD12 sing N N 179 
ILE CD1 HD13 sing N N 180 
ILE OXT HXT  sing N N 181 
LEU N   CA   sing N N 182 
LEU N   H    sing N N 183 
LEU N   H2   sing N N 184 
LEU CA  C    sing N N 185 
LEU CA  CB   sing N N 186 
LEU CA  HA   sing N N 187 
LEU C   O    doub N N 188 
LEU C   OXT  sing N N 189 
LEU CB  CG   sing N N 190 
LEU CB  HB2  sing N N 191 
LEU CB  HB3  sing N N 192 
LEU CG  CD1  sing N N 193 
LEU CG  CD2  sing N N 194 
LEU CG  HG   sing N N 195 
LEU CD1 HD11 sing N N 196 
LEU CD1 HD12 sing N N 197 
LEU CD1 HD13 sing N N 198 
LEU CD2 HD21 sing N N 199 
LEU CD2 HD22 sing N N 200 
LEU CD2 HD23 sing N N 201 
LEU OXT HXT  sing N N 202 
LYS N   CA   sing N N 203 
LYS N   H    sing N N 204 
LYS N   H2   sing N N 205 
LYS CA  C    sing N N 206 
LYS CA  CB   sing N N 207 
LYS CA  HA   sing N N 208 
LYS C   O    doub N N 209 
LYS C   OXT  sing N N 210 
LYS CB  CG   sing N N 211 
LYS CB  HB2  sing N N 212 
LYS CB  HB3  sing N N 213 
LYS CG  CD   sing N N 214 
LYS CG  HG2  sing N N 215 
LYS CG  HG3  sing N N 216 
LYS CD  CE   sing N N 217 
LYS CD  HD2  sing N N 218 
LYS CD  HD3  sing N N 219 
LYS CE  NZ   sing N N 220 
LYS CE  HE2  sing N N 221 
LYS CE  HE3  sing N N 222 
LYS NZ  HZ1  sing N N 223 
LYS NZ  HZ2  sing N N 224 
LYS NZ  HZ3  sing N N 225 
LYS OXT HXT  sing N N 226 
MET N   CA   sing N N 227 
MET N   H    sing N N 228 
MET N   H2   sing N N 229 
MET CA  C    sing N N 230 
MET CA  CB   sing N N 231 
MET CA  HA   sing N N 232 
MET C   O    doub N N 233 
MET C   OXT  sing N N 234 
MET CB  CG   sing N N 235 
MET CB  HB2  sing N N 236 
MET CB  HB3  sing N N 237 
MET CG  SD   sing N N 238 
MET CG  HG2  sing N N 239 
MET CG  HG3  sing N N 240 
MET SD  CE   sing N N 241 
MET CE  HE1  sing N N 242 
MET CE  HE2  sing N N 243 
MET CE  HE3  sing N N 244 
MET OXT HXT  sing N N 245 
PHE N   CA   sing N N 246 
PHE N   H    sing N N 247 
PHE N   H2   sing N N 248 
PHE CA  C    sing N N 249 
PHE CA  CB   sing N N 250 
PHE CA  HA   sing N N 251 
PHE C   O    doub N N 252 
PHE C   OXT  sing N N 253 
PHE CB  CG   sing N N 254 
PHE CB  HB2  sing N N 255 
PHE CB  HB3  sing N N 256 
PHE CG  CD1  doub Y N 257 
PHE CG  CD2  sing Y N 258 
PHE CD1 CE1  sing Y N 259 
PHE CD1 HD1  sing N N 260 
PHE CD2 CE2  doub Y N 261 
PHE CD2 HD2  sing N N 262 
PHE CE1 CZ   doub Y N 263 
PHE CE1 HE1  sing N N 264 
PHE CE2 CZ   sing Y N 265 
PHE CE2 HE2  sing N N 266 
PHE CZ  HZ   sing N N 267 
PHE OXT HXT  sing N N 268 
PRO N   CA   sing N N 269 
PRO N   CD   sing N N 270 
PRO N   H    sing N N 271 
PRO CA  C    sing N N 272 
PRO CA  CB   sing N N 273 
PRO CA  HA   sing N N 274 
PRO C   O    doub N N 275 
PRO C   OXT  sing N N 276 
PRO CB  CG   sing N N 277 
PRO CB  HB2  sing N N 278 
PRO CB  HB3  sing N N 279 
PRO CG  CD   sing N N 280 
PRO CG  HG2  sing N N 281 
PRO CG  HG3  sing N N 282 
PRO CD  HD2  sing N N 283 
PRO CD  HD3  sing N N 284 
PRO OXT HXT  sing N N 285 
SER N   CA   sing N N 286 
SER N   H    sing N N 287 
SER N   H2   sing N N 288 
SER CA  C    sing N N 289 
SER CA  CB   sing N N 290 
SER CA  HA   sing N N 291 
SER C   O    doub N N 292 
SER C   OXT  sing N N 293 
SER CB  OG   sing N N 294 
SER CB  HB2  sing N N 295 
SER CB  HB3  sing N N 296 
SER OG  HG   sing N N 297 
SER OXT HXT  sing N N 298 
THR N   CA   sing N N 299 
THR N   H    sing N N 300 
THR N   H2   sing N N 301 
THR CA  C    sing N N 302 
THR CA  CB   sing N N 303 
THR CA  HA   sing N N 304 
THR C   O    doub N N 305 
THR C   OXT  sing N N 306 
THR CB  OG1  sing N N 307 
THR CB  CG2  sing N N 308 
THR CB  HB   sing N N 309 
THR OG1 HG1  sing N N 310 
THR CG2 HG21 sing N N 311 
THR CG2 HG22 sing N N 312 
THR CG2 HG23 sing N N 313 
THR OXT HXT  sing N N 314 
TRP N   CA   sing N N 315 
TRP N   H    sing N N 316 
TRP N   H2   sing N N 317 
TRP CA  C    sing N N 318 
TRP CA  CB   sing N N 319 
TRP CA  HA   sing N N 320 
TRP C   O    doub N N 321 
TRP C   OXT  sing N N 322 
TRP CB  CG   sing N N 323 
TRP CB  HB2  sing N N 324 
TRP CB  HB3  sing N N 325 
TRP CG  CD1  doub Y N 326 
TRP CG  CD2  sing Y N 327 
TRP CD1 NE1  sing Y N 328 
TRP CD1 HD1  sing N N 329 
TRP CD2 CE2  doub Y N 330 
TRP CD2 CE3  sing Y N 331 
TRP NE1 CE2  sing Y N 332 
TRP NE1 HE1  sing N N 333 
TRP CE2 CZ2  sing Y N 334 
TRP CE3 CZ3  doub Y N 335 
TRP CE3 HE3  sing N N 336 
TRP CZ2 CH2  doub Y N 337 
TRP CZ2 HZ2  sing N N 338 
TRP CZ3 CH2  sing Y N 339 
TRP CZ3 HZ3  sing N N 340 
TRP CH2 HH2  sing N N 341 
TRP OXT HXT  sing N N 342 
TYR N   CA   sing N N 343 
TYR N   H    sing N N 344 
TYR N   H2   sing N N 345 
TYR CA  C    sing N N 346 
TYR CA  CB   sing N N 347 
TYR CA  HA   sing N N 348 
TYR C   O    doub N N 349 
TYR C   OXT  sing N N 350 
TYR CB  CG   sing N N 351 
TYR CB  HB2  sing N N 352 
TYR CB  HB3  sing N N 353 
TYR CG  CD1  doub Y N 354 
TYR CG  CD2  sing Y N 355 
TYR CD1 CE1  sing Y N 356 
TYR CD1 HD1  sing N N 357 
TYR CD2 CE2  doub Y N 358 
TYR CD2 HD2  sing N N 359 
TYR CE1 CZ   doub Y N 360 
TYR CE1 HE1  sing N N 361 
TYR CE2 CZ   sing Y N 362 
TYR CE2 HE2  sing N N 363 
TYR CZ  OH   sing N N 364 
TYR OH  HH   sing N N 365 
TYR OXT HXT  sing N N 366 
VAL N   CA   sing N N 367 
VAL N   H    sing N N 368 
VAL N   H2   sing N N 369 
VAL CA  C    sing N N 370 
VAL CA  CB   sing N N 371 
VAL CA  HA   sing N N 372 
VAL C   O    doub N N 373 
VAL C   OXT  sing N N 374 
VAL CB  CG1  sing N N 375 
VAL CB  CG2  sing N N 376 
VAL CB  HB   sing N N 377 
VAL CG1 HG11 sing N N 378 
VAL CG1 HG12 sing N N 379 
VAL CG1 HG13 sing N N 380 
VAL CG2 HG21 sing N N 381 
VAL CG2 HG22 sing N N 382 
VAL CG2 HG23 sing N N 383 
VAL OXT HXT  sing N N 384 
# 
loop_
_pdbx_audit_support.funding_organization 
_pdbx_audit_support.country 
_pdbx_audit_support.grant_number 
_pdbx_audit_support.ordinal 
'National Institutes of Health/National Center for Advancing Translational Sciences (NIH/NCATS)' 'United States' 'P30 GM124165'    
1 
'Department of Energy (DOE, United States)'                                                      'United States' DE-AC02-06CH11357 
2 
# 
_pdbx_entity_instance_feature.ordinal        1 
_pdbx_entity_instance_feature.comp_id        EDO 
_pdbx_entity_instance_feature.asym_id        ? 
_pdbx_entity_instance_feature.seq_num        ? 
_pdbx_entity_instance_feature.auth_comp_id   EDO 
_pdbx_entity_instance_feature.auth_asym_id   ? 
_pdbx_entity_instance_feature.auth_seq_num   ? 
_pdbx_entity_instance_feature.feature_type   'SUBJECT OF INVESTIGATION' 
_pdbx_entity_instance_feature.details        ? 
# 
loop_
_pdbx_entity_nonpoly.entity_id 
_pdbx_entity_nonpoly.name 
_pdbx_entity_nonpoly.comp_id 
3 1,2-ETHANEDIOL EDO 
4 water          HOH 
# 
_pdbx_initial_refinement_model.id               1 
_pdbx_initial_refinement_model.entity_id_list   ? 
_pdbx_initial_refinement_model.type             'experimental model' 
_pdbx_initial_refinement_model.source_name      PDB 
_pdbx_initial_refinement_model.accession_code   3ZKE 
_pdbx_initial_refinement_model.details          ? 
# 
_pdbx_struct_assembly_auth_evidence.id                     1 
_pdbx_struct_assembly_auth_evidence.assembly_id            1 
_pdbx_struct_assembly_auth_evidence.experimental_support   'isothermal titration calorimetry' 
_pdbx_struct_assembly_auth_evidence.details                ? 
# 
_space_group.name_H-M_alt     'I 41 2 2' 
_space_group.name_Hall        'I 4bw 2bw' 
_space_group.IT_number        98 
_space_group.crystal_system   tetragonal 
_space_group.id               1 
# 
